data_3NV3
# 
_entry.id   3NV3 
# 
_audit_conform.dict_name       mmcif_pdbx.dic 
_audit_conform.dict_version    5.380 
_audit_conform.dict_location   http://mmcif.pdb.org/dictionaries/ascii/mmcif_pdbx.dic 
# 
loop_
_database_2.database_id 
_database_2.database_code 
_database_2.pdbx_database_accession 
_database_2.pdbx_DOI 
PDB   3NV3         pdb_00003nv3 10.2210/pdb3nv3/pdb 
RCSB  RCSB060315   ?            ?                   
WWPDB D_1000060315 ?            ?                   
# 
loop_
_pdbx_database_related.db_name 
_pdbx_database_related.db_id 
_pdbx_database_related.details 
_pdbx_database_related.content_type 
PDB 3NV1 'The same protein without ligand'           unspecified 
PDB 3NV2 'The same protein with N-acetyllactosamine' unspecified 
PDB 3NV4 'The same protein with Sialyllactose'       unspecified 
# 
_pdbx_database_status.status_code                     REL 
_pdbx_database_status.entry_id                        3NV3 
_pdbx_database_status.recvd_initial_deposition_date   2010-07-07 
_pdbx_database_status.deposit_site                    RCSB 
_pdbx_database_status.process_site                    PDBJ 
_pdbx_database_status.status_code_sf                  REL 
_pdbx_database_status.status_code_mr                  ? 
_pdbx_database_status.SG_entry                        ? 
_pdbx_database_status.pdb_format_compatible           Y 
_pdbx_database_status.status_code_cs                  ? 
_pdbx_database_status.status_code_nmr_data            ? 
_pdbx_database_status.methods_development_category    ? 
# 
loop_
_audit_author.name 
_audit_author.pdbx_ordinal 
'Yoshida, H.'  1 
'Kamitori, S.' 2 
# 
_citation.id                        primary 
_citation.title                     
'X-ray structures of human galectin-9 C-terminal domain in complexes with a biantennary oligosaccharide and sialyllactose' 
_citation.journal_abbrev            J.Biol.Chem. 
_citation.journal_volume            285 
_citation.page_first                36969 
_citation.page_last                 36976 
_citation.year                      2010 
_citation.journal_id_ASTM           JBCHA3 
_citation.country                   US 
_citation.journal_id_ISSN           0021-9258 
_citation.journal_id_CSD            0071 
_citation.book_publisher            ? 
_citation.pdbx_database_id_PubMed   20861009 
_citation.pdbx_database_id_DOI      10.1074/jbc.M110.163402 
# 
loop_
_citation_author.citation_id 
_citation_author.name 
_citation_author.ordinal 
_citation_author.identifier_ORCID 
primary 'Yoshida, H.'   1 ? 
primary 'Teraoka, M.'   2 ? 
primary 'Nishi, N.'     3 ? 
primary 'Nakakita, S.'  4 ? 
primary 'Nakamura, T.'  5 ? 
primary 'Hirashima, M.' 6 ? 
primary 'Kamitori, S.'  7 ? 
# 
_cell.entry_id           3NV3 
_cell.length_a           71.003 
_cell.length_b           71.003 
_cell.length_c           49.741 
_cell.angle_alpha        90.00 
_cell.angle_beta         90.00 
_cell.angle_gamma        120.00 
_cell.Z_PDB              6 
_cell.pdbx_unique_axis   ? 
_cell.length_a_esd       ? 
_cell.length_b_esd       ? 
_cell.length_c_esd       ? 
_cell.angle_alpha_esd    ? 
_cell.angle_beta_esd     ? 
_cell.angle_gamma_esd    ? 
# 
_symmetry.entry_id                         3NV3 
_symmetry.space_group_name_H-M             'P 63' 
_symmetry.pdbx_full_space_group_name_H-M   ? 
_symmetry.cell_setting                     ? 
_symmetry.Int_Tables_number                173 
_symmetry.space_group_name_Hall            ? 
# 
loop_
_entity.id 
_entity.type 
_entity.src_method 
_entity.pdbx_description 
_entity.formula_weight 
_entity.pdbx_number_of_molecules 
_entity.pdbx_ec 
_entity.pdbx_mutation 
_entity.pdbx_fragment 
_entity.details 
1 polymer     man 'Galectin 9 short isoform variant'                                                                  15729.982 1 
? ? 'C-terminal carbohydrate recognition domain, residues 186-323' ? 
2 branched    man 'beta-D-galactopyranose-(1-4)-2-acetamido-2-deoxy-beta-D-glucopyranose-(1-2)-alpha-D-mannopyranose' 545.490   1 
? ? ?                                                              ? 
3 non-polymer syn 'NICKEL (II) ION'                                                                                   58.693    1 
? ? ?                                                              ? 
4 water       nat water                                                                                               18.015    
143 ? ? ?                                                              ? 
# 
_entity_name_com.entity_id   1 
_entity_name_com.name        Galectin-9 
# 
_entity_poly.entity_id                      1 
_entity_poly.type                           'polypeptide(L)' 
_entity_poly.nstd_linkage                   no 
_entity_poly.nstd_monomer                   no 
_entity_poly.pdbx_seq_one_letter_code       
;YPHPAYPMPFITTILGGLYPSKSILLSGTVLPSAQRFHINLCSGNHIAFHLNPRFDENAVVRNTQIDNSWGSEERSLPRK
MPFVRGQSFSVWILCEAHCLKVAVDGQHLFEYYHRLRNLPTINRLEVGGDIQLTHVQT
;
_entity_poly.pdbx_seq_one_letter_code_can   
;YPHPAYPMPFITTILGGLYPSKSILLSGTVLPSAQRFHINLCSGNHIAFHLNPRFDENAVVRNTQIDNSWGSEERSLPRK
MPFVRGQSFSVWILCEAHCLKVAVDGQHLFEYYHRLRNLPTINRLEVGGDIQLTHVQT
;
_entity_poly.pdbx_strand_id                 A 
_entity_poly.pdbx_target_identifier         ? 
# 
loop_
_entity_poly_seq.entity_id 
_entity_poly_seq.num 
_entity_poly_seq.mon_id 
_entity_poly_seq.hetero 
1 1   TYR n 
1 2   PRO n 
1 3   HIS n 
1 4   PRO n 
1 5   ALA n 
1 6   TYR n 
1 7   PRO n 
1 8   MET n 
1 9   PRO n 
1 10  PHE n 
1 11  ILE n 
1 12  THR n 
1 13  THR n 
1 14  ILE n 
1 15  LEU n 
1 16  GLY n 
1 17  GLY n 
1 18  LEU n 
1 19  TYR n 
1 20  PRO n 
1 21  SER n 
1 22  LYS n 
1 23  SER n 
1 24  ILE n 
1 25  LEU n 
1 26  LEU n 
1 27  SER n 
1 28  GLY n 
1 29  THR n 
1 30  VAL n 
1 31  LEU n 
1 32  PRO n 
1 33  SER n 
1 34  ALA n 
1 35  GLN n 
1 36  ARG n 
1 37  PHE n 
1 38  HIS n 
1 39  ILE n 
1 40  ASN n 
1 41  LEU n 
1 42  CYS n 
1 43  SER n 
1 44  GLY n 
1 45  ASN n 
1 46  HIS n 
1 47  ILE n 
1 48  ALA n 
1 49  PHE n 
1 50  HIS n 
1 51  LEU n 
1 52  ASN n 
1 53  PRO n 
1 54  ARG n 
1 55  PHE n 
1 56  ASP n 
1 57  GLU n 
1 58  ASN n 
1 59  ALA n 
1 60  VAL n 
1 61  VAL n 
1 62  ARG n 
1 63  ASN n 
1 64  THR n 
1 65  GLN n 
1 66  ILE n 
1 67  ASP n 
1 68  ASN n 
1 69  SER n 
1 70  TRP n 
1 71  GLY n 
1 72  SER n 
1 73  GLU n 
1 74  GLU n 
1 75  ARG n 
1 76  SER n 
1 77  LEU n 
1 78  PRO n 
1 79  ARG n 
1 80  LYS n 
1 81  MET n 
1 82  PRO n 
1 83  PHE n 
1 84  VAL n 
1 85  ARG n 
1 86  GLY n 
1 87  GLN n 
1 88  SER n 
1 89  PHE n 
1 90  SER n 
1 91  VAL n 
1 92  TRP n 
1 93  ILE n 
1 94  LEU n 
1 95  CYS n 
1 96  GLU n 
1 97  ALA n 
1 98  HIS n 
1 99  CYS n 
1 100 LEU n 
1 101 LYS n 
1 102 VAL n 
1 103 ALA n 
1 104 VAL n 
1 105 ASP n 
1 106 GLY n 
1 107 GLN n 
1 108 HIS n 
1 109 LEU n 
1 110 PHE n 
1 111 GLU n 
1 112 TYR n 
1 113 TYR n 
1 114 HIS n 
1 115 ARG n 
1 116 LEU n 
1 117 ARG n 
1 118 ASN n 
1 119 LEU n 
1 120 PRO n 
1 121 THR n 
1 122 ILE n 
1 123 ASN n 
1 124 ARG n 
1 125 LEU n 
1 126 GLU n 
1 127 VAL n 
1 128 GLY n 
1 129 GLY n 
1 130 ASP n 
1 131 ILE n 
1 132 GLN n 
1 133 LEU n 
1 134 THR n 
1 135 HIS n 
1 136 VAL n 
1 137 GLN n 
1 138 THR n 
# 
_entity_src_gen.entity_id                          1 
_entity_src_gen.pdbx_src_id                        1 
_entity_src_gen.pdbx_alt_source_flag               sample 
_entity_src_gen.pdbx_seq_type                      ? 
_entity_src_gen.pdbx_beg_seq_num                   ? 
_entity_src_gen.pdbx_end_seq_num                   ? 
_entity_src_gen.gene_src_common_name               human 
_entity_src_gen.gene_src_genus                     ? 
_entity_src_gen.pdbx_gene_src_gene                 ? 
_entity_src_gen.gene_src_species                   ? 
_entity_src_gen.gene_src_strain                    ? 
_entity_src_gen.gene_src_tissue                    ? 
_entity_src_gen.gene_src_tissue_fraction           ? 
_entity_src_gen.gene_src_details                   ? 
_entity_src_gen.pdbx_gene_src_fragment             ? 
_entity_src_gen.pdbx_gene_src_scientific_name      'Homo sapiens' 
_entity_src_gen.pdbx_gene_src_ncbi_taxonomy_id     9606 
_entity_src_gen.pdbx_gene_src_variant              ? 
_entity_src_gen.pdbx_gene_src_cell_line            ? 
_entity_src_gen.pdbx_gene_src_atcc                 ? 
_entity_src_gen.pdbx_gene_src_organ                ? 
_entity_src_gen.pdbx_gene_src_organelle            ? 
_entity_src_gen.pdbx_gene_src_cell                 ? 
_entity_src_gen.pdbx_gene_src_cellular_location    ? 
_entity_src_gen.host_org_common_name               ? 
_entity_src_gen.pdbx_host_org_scientific_name      'Escherichia coli' 
_entity_src_gen.pdbx_host_org_ncbi_taxonomy_id     469008 
_entity_src_gen.host_org_genus                     ? 
_entity_src_gen.pdbx_host_org_gene                 ? 
_entity_src_gen.pdbx_host_org_organ                ? 
_entity_src_gen.host_org_species                   ? 
_entity_src_gen.pdbx_host_org_tissue               ? 
_entity_src_gen.pdbx_host_org_tissue_fraction      ? 
_entity_src_gen.pdbx_host_org_strain               'BL21(DE3)' 
_entity_src_gen.pdbx_host_org_variant              ? 
_entity_src_gen.pdbx_host_org_cell_line            ? 
_entity_src_gen.pdbx_host_org_atcc                 ? 
_entity_src_gen.pdbx_host_org_culture_collection   ? 
_entity_src_gen.pdbx_host_org_cell                 ? 
_entity_src_gen.pdbx_host_org_organelle            ? 
_entity_src_gen.pdbx_host_org_cellular_location    ? 
_entity_src_gen.pdbx_host_org_vector_type          PLASMID 
_entity_src_gen.pdbx_host_org_vector               ? 
_entity_src_gen.host_org_details                   ? 
_entity_src_gen.expression_system_id               ? 
_entity_src_gen.plasmid_name                       pGEX-4T-2 
_entity_src_gen.plasmid_details                    ? 
_entity_src_gen.pdbx_description                   ? 
# 
_struct_ref.id                         1 
_struct_ref.db_name                    UNP 
_struct_ref.db_code                    Q53FQ0_HUMAN 
_struct_ref.pdbx_db_accession          Q53FQ0 
_struct_ref.entity_id                  1 
_struct_ref.pdbx_seq_one_letter_code   
;YPHPAYPMPFITTILGGLYPSKSILLSGTVLPSAQRFHINLCSGNHIAFHLNPRFDENAVVRNTQIDNSWGSEERSLPRK
MPFVRGQSFSVWILCEAHCLKVAVDGQHLFEYYHRLRNLPTINRLEVGGDIQLTHVQT
;
_struct_ref.pdbx_align_begin           186 
_struct_ref.pdbx_db_isoform            ? 
# 
_struct_ref_seq.align_id                      1 
_struct_ref_seq.ref_id                        1 
_struct_ref_seq.pdbx_PDB_id_code              3NV3 
_struct_ref_seq.pdbx_strand_id                A 
_struct_ref_seq.seq_align_beg                 1 
_struct_ref_seq.pdbx_seq_align_beg_ins_code   ? 
_struct_ref_seq.seq_align_end                 138 
_struct_ref_seq.pdbx_seq_align_end_ins_code   ? 
_struct_ref_seq.pdbx_db_accession             Q53FQ0 
_struct_ref_seq.db_align_beg                  186 
_struct_ref_seq.pdbx_db_align_beg_ins_code    ? 
_struct_ref_seq.db_align_end                  323 
_struct_ref_seq.pdbx_db_align_end_ins_code    ? 
_struct_ref_seq.pdbx_auth_seq_align_beg       186 
_struct_ref_seq.pdbx_auth_seq_align_end       323 
# 
loop_
_chem_comp.id 
_chem_comp.type 
_chem_comp.mon_nstd_flag 
_chem_comp.name 
_chem_comp.pdbx_synonyms 
_chem_comp.formula 
_chem_comp.formula_weight 
ALA 'L-peptide linking'           y ALANINE                                  ? 'C3 H7 N O2'     89.093  
ARG 'L-peptide linking'           y ARGININE                                 ? 'C6 H15 N4 O2 1' 175.209 
ASN 'L-peptide linking'           y ASPARAGINE                               ? 'C4 H8 N2 O3'    132.118 
ASP 'L-peptide linking'           y 'ASPARTIC ACID'                          ? 'C4 H7 N O4'     133.103 
CYS 'L-peptide linking'           y CYSTEINE                                 ? 'C3 H7 N O2 S'   121.158 
GAL 'D-saccharide, beta linking'  . beta-D-galactopyranose                   'beta-D-galactose; D-galactose; galactose' 
'C6 H12 O6'      180.156 
GLN 'L-peptide linking'           y GLUTAMINE                                ? 'C5 H10 N2 O3'   146.144 
GLU 'L-peptide linking'           y 'GLUTAMIC ACID'                          ? 'C5 H9 N O4'     147.129 
GLY 'peptide linking'             y GLYCINE                                  ? 'C2 H5 N O2'     75.067  
HIS 'L-peptide linking'           y HISTIDINE                                ? 'C6 H10 N3 O2 1' 156.162 
HOH non-polymer                   . WATER                                    ? 'H2 O'           18.015  
ILE 'L-peptide linking'           y ISOLEUCINE                               ? 'C6 H13 N O2'    131.173 
LEU 'L-peptide linking'           y LEUCINE                                  ? 'C6 H13 N O2'    131.173 
LYS 'L-peptide linking'           y LYSINE                                   ? 'C6 H15 N2 O2 1' 147.195 
MAN 'D-saccharide, alpha linking' . alpha-D-mannopyranose                    'alpha-D-mannose; D-mannose; mannose' 'C6 H12 O6' 
180.156 
MET 'L-peptide linking'           y METHIONINE                               ? 'C5 H11 N O2 S'  149.211 
NAG 'D-saccharide, beta linking'  . 2-acetamido-2-deoxy-beta-D-glucopyranose 
;N-acetyl-beta-D-glucosamine; 2-acetamido-2-deoxy-beta-D-glucose; 2-acetamido-2-deoxy-D-glucose; 2-acetamido-2-deoxy-glucose; N-ACETYL-D-GLUCOSAMINE
;
'C8 H15 N O6'    221.208 
NI  non-polymer                   . 'NICKEL (II) ION'                        ? 'Ni 2'           58.693  
PHE 'L-peptide linking'           y PHENYLALANINE                            ? 'C9 H11 N O2'    165.189 
PRO 'L-peptide linking'           y PROLINE                                  ? 'C5 H9 N O2'     115.130 
SER 'L-peptide linking'           y SERINE                                   ? 'C3 H7 N O3'     105.093 
THR 'L-peptide linking'           y THREONINE                                ? 'C4 H9 N O3'     119.119 
TRP 'L-peptide linking'           y TRYPTOPHAN                               ? 'C11 H12 N2 O2'  204.225 
TYR 'L-peptide linking'           y TYROSINE                                 ? 'C9 H11 N O3'    181.189 
VAL 'L-peptide linking'           y VALINE                                   ? 'C5 H11 N O2'    117.146 
# 
_exptl.entry_id          3NV3 
_exptl.method            'X-RAY DIFFRACTION' 
_exptl.crystals_number   1 
# 
_exptl_crystal.id                    1 
_exptl_crystal.density_meas          ? 
_exptl_crystal.density_Matthews      2.30 
_exptl_crystal.density_percent_sol   46.54 
_exptl_crystal.description           ? 
_exptl_crystal.F_000                 ? 
_exptl_crystal.preparation           ? 
# 
_exptl_crystal_grow.crystal_id      1 
_exptl_crystal_grow.method          'VAPOR DIFFUSION, HANGING DROP' 
_exptl_crystal_grow.temp            293 
_exptl_crystal_grow.temp_details    ? 
_exptl_crystal_grow.pH              8.5 
_exptl_crystal_grow.pdbx_details    
'20% PEG MME 2000, 0.1M Tris pH 8.5, 0.01M nickel chloride hexahydrate, VAPOR DIFFUSION, HANGING DROP, temperature 293K' 
_exptl_crystal_grow.pdbx_pH_range   . 
# 
_diffrn.id                     1 
_diffrn.ambient_temp           100 
_diffrn.ambient_temp_details   ? 
_diffrn.crystal_id             1 
# 
_diffrn_detector.diffrn_id              1 
_diffrn_detector.detector               CCD 
_diffrn_detector.type                   'ADSC QUANTUM 315' 
_diffrn_detector.pdbx_collection_date   2010-02-10 
_diffrn_detector.details                ? 
# 
_diffrn_radiation.diffrn_id                        1 
_diffrn_radiation.wavelength_id                    1 
_diffrn_radiation.pdbx_monochromatic_or_laue_m_l   M 
_diffrn_radiation.monochromator                    ? 
_diffrn_radiation.pdbx_diffrn_protocol             'SINGLE WAVELENGTH' 
_diffrn_radiation.pdbx_scattering_type             x-ray 
# 
_diffrn_radiation_wavelength.id           1 
_diffrn_radiation_wavelength.wavelength   1.0 
_diffrn_radiation_wavelength.wt           1.0 
# 
_diffrn_source.diffrn_id                   1 
_diffrn_source.source                      SYNCHROTRON 
_diffrn_source.type                        'PHOTON FACTORY BEAMLINE BL-5A' 
_diffrn_source.pdbx_synchrotron_site       'Photon Factory' 
_diffrn_source.pdbx_synchrotron_beamline   BL-5A 
_diffrn_source.pdbx_wavelength             ? 
_diffrn_source.pdbx_wavelength_list        1.0 
# 
_reflns.entry_id                     3NV3 
_reflns.observed_criterion_sigma_I   0.0 
_reflns.observed_criterion_sigma_F   0.0 
_reflns.d_resolution_low             50 
_reflns.d_resolution_high            1.57 
_reflns.number_obs                   19985 
_reflns.number_all                   ? 
_reflns.pdbx_number_measured_all     96753 
_reflns.percent_possible_obs         99.5 
_reflns.pdbx_Rmerge_I_obs            0.055 
_reflns.pdbx_Rsym_value              ? 
_reflns.pdbx_netI_over_sigmaI        16.6 
_reflns.B_iso_Wilson_estimate        20.5 
_reflns.pdbx_redundancy              4.8 
_reflns.R_free_details               ? 
_reflns.limit_h_max                  ? 
_reflns.limit_h_min                  ? 
_reflns.limit_k_max                  ? 
_reflns.limit_k_min                  ? 
_reflns.limit_l_max                  ? 
_reflns.limit_l_min                  ? 
_reflns.observed_criterion_F_max     ? 
_reflns.observed_criterion_F_min     ? 
_reflns.pdbx_chi_squared             ? 
_reflns.pdbx_scaling_rejects         ? 
_reflns.pdbx_diffrn_id               1 
_reflns.pdbx_ordinal                 1 
# 
_reflns_shell.d_res_high                  1.57 
_reflns_shell.d_res_low                   1.60 
_reflns_shell.percent_possible_all        99.9 
_reflns_shell.Rmerge_I_obs                0.356 
_reflns_shell.pdbx_Rsym_value             ? 
_reflns_shell.meanI_over_sigI_obs         3.5 
_reflns_shell.pdbx_redundancy             3.9 
_reflns_shell.percent_possible_obs        ? 
_reflns_shell.number_unique_all           ? 
_reflns_shell.number_measured_all         ? 
_reflns_shell.number_measured_obs         ? 
_reflns_shell.number_unique_obs           ? 
_reflns_shell.pdbx_chi_squared            ? 
_reflns_shell.pdbx_rejects                ? 
_reflns_shell.pdbx_netI_over_sigmaI_obs   ? 
_reflns_shell.number_possible             ? 
_reflns_shell.Rmerge_F_all                ? 
_reflns_shell.Rmerge_F_obs                ? 
_reflns_shell.Rmerge_I_all                ? 
_reflns_shell.meanI_over_sigI_all         ? 
_reflns_shell.pdbx_Rrim_I_all             ? 
_reflns_shell.pdbx_Rpim_I_all             ? 
_reflns_shell.pdbx_diffrn_id              ? 
_reflns_shell.pdbx_ordinal                1 
# 
_refine.entry_id                                 3NV3 
_refine.ls_number_reflns_obs                     19402 
_refine.ls_number_reflns_all                     19402 
_refine.pdbx_ls_sigma_I                          ? 
_refine.pdbx_ls_sigma_F                          0.0 
_refine.pdbx_data_cutoff_high_absF               144226.30 
_refine.pdbx_data_cutoff_low_absF                0.000000 
_refine.pdbx_data_cutoff_high_rms_absF           ? 
_refine.ls_d_res_low                             35.50 
_refine.ls_d_res_high                            1.57 
_refine.ls_percent_reflns_obs                    96.5 
_refine.ls_R_factor_obs                          0.188 
_refine.ls_R_factor_all                          0.191 
_refine.ls_R_factor_R_work                       0.188 
_refine.ls_R_factor_R_free                       0.212 
_refine.ls_R_factor_R_free_error                 0.005 
_refine.ls_R_factor_R_free_error_details         ? 
_refine.ls_percent_reflns_R_free                 9.9 
_refine.ls_number_reflns_R_free                  1914 
_refine.ls_number_parameters                     ? 
_refine.ls_number_restraints                     ? 
_refine.occupancy_min                            ? 
_refine.occupancy_max                            ? 
_refine.correlation_coeff_Fo_to_Fc               ? 
_refine.correlation_coeff_Fo_to_Fc_free          ? 
_refine.B_iso_mean                               ? 
_refine.aniso_B[1][1]                            -0.66 
_refine.aniso_B[2][2]                            -0.66 
_refine.aniso_B[3][3]                            1.32 
_refine.aniso_B[1][2]                            0.88 
_refine.aniso_B[1][3]                            0.00 
_refine.aniso_B[2][3]                            0.00 
_refine.solvent_model_details                    'FLAT MODEL' 
_refine.solvent_model_param_ksol                 0.367428 
_refine.solvent_model_param_bsol                 54.5776 
_refine.pdbx_solvent_vdw_probe_radii             ? 
_refine.pdbx_solvent_ion_probe_radii             ? 
_refine.pdbx_solvent_shrinkage_radii             ? 
_refine.pdbx_ls_cross_valid_method               THROUGHOUT 
_refine.details                                  ? 
_refine.pdbx_starting_model                      'PDB entry 3KOE' 
_refine.pdbx_method_to_determine_struct          'MOLECULAR REPLACEMENT' 
_refine.pdbx_isotropic_thermal_model             RESTRAINED 
_refine.pdbx_stereochemistry_target_values       'Engh & Huber' 
_refine.pdbx_stereochem_target_val_spec_case     ? 
_refine.pdbx_R_Free_selection_details            RANDOM 
_refine.pdbx_overall_ESU_R_Free                  ? 
_refine.overall_SU_ML                            ? 
_refine.overall_SU_B                             ? 
_refine.overall_SU_R_Cruickshank_DPI             ? 
_refine.ls_redundancy_reflns_obs                 ? 
_refine.B_iso_min                                ? 
_refine.B_iso_max                                ? 
_refine.overall_SU_R_free                        ? 
_refine.ls_wR_factor_R_free                      ? 
_refine.ls_wR_factor_R_work                      ? 
_refine.overall_FOM_free_R_set                   ? 
_refine.overall_FOM_work_R_set                   ? 
_refine.pdbx_refine_id                           'X-RAY DIFFRACTION' 
_refine.pdbx_overall_phase_error                 ? 
_refine.pdbx_overall_ESU_R                       ? 
_refine.pdbx_diffrn_id                           1 
_refine.pdbx_TLS_residual_ADP_flag               ? 
_refine.pdbx_overall_SU_R_free_Cruickshank_DPI   ? 
_refine.pdbx_overall_SU_R_Blow_DPI               ? 
_refine.pdbx_overall_SU_R_free_Blow_DPI          ? 
# 
_refine_analyze.entry_id                        3NV3 
_refine_analyze.Luzzati_coordinate_error_obs    0.17 
_refine_analyze.Luzzati_sigma_a_obs             0.11 
_refine_analyze.Luzzati_d_res_low_obs           5.00 
_refine_analyze.Luzzati_coordinate_error_free   0.19 
_refine_analyze.Luzzati_sigma_a_free            0.15 
_refine_analyze.Luzzati_d_res_low_free          ? 
_refine_analyze.number_disordered_residues      ? 
_refine_analyze.occupancy_sum_hydrogen          ? 
_refine_analyze.occupancy_sum_non_hydrogen      ? 
_refine_analyze.pdbx_Luzzati_d_res_high_obs     ? 
_refine_analyze.pdbx_refine_id                  'X-RAY DIFFRACTION' 
# 
_refine_hist.pdbx_refine_id                   'X-RAY DIFFRACTION' 
_refine_hist.cycle_id                         LAST 
_refine_hist.pdbx_number_atoms_protein        1091 
_refine_hist.pdbx_number_atoms_nucleic_acid   0 
_refine_hist.pdbx_number_atoms_ligand         38 
_refine_hist.number_atoms_solvent             143 
_refine_hist.number_atoms_total               1272 
_refine_hist.d_res_high                       1.57 
_refine_hist.d_res_low                        35.50 
# 
loop_
_refine_ls_restr.type 
_refine_ls_restr.dev_ideal 
_refine_ls_restr.dev_ideal_target 
_refine_ls_restr.weight 
_refine_ls_restr.number 
_refine_ls_restr.pdbx_refine_id 
_refine_ls_restr.pdbx_restraint_function 
c_bond_d           0.005 ? ? ? 'X-RAY DIFFRACTION' ? 
c_angle_deg        1.5   ? ? ? 'X-RAY DIFFRACTION' ? 
c_dihedral_angle_d 26.9  ? ? ? 'X-RAY DIFFRACTION' ? 
c_improper_angle_d 0.83  ? ? ? 'X-RAY DIFFRACTION' ? 
# 
_refine_ls_shell.pdbx_refine_id                   'X-RAY DIFFRACTION' 
_refine_ls_shell.pdbx_total_number_of_bins_used   6 
_refine_ls_shell.d_res_high                       1.57 
_refine_ls_shell.d_res_low                        1.67 
_refine_ls_shell.number_reflns_R_work             2771 
_refine_ls_shell.R_factor_R_work                  0.226 
_refine_ls_shell.percent_reflns_obs               91.7 
_refine_ls_shell.R_factor_R_free                  0.255 
_refine_ls_shell.R_factor_R_free_error            0.015 
_refine_ls_shell.percent_reflns_R_free            9.1 
_refine_ls_shell.number_reflns_R_free             277 
_refine_ls_shell.number_reflns_all                ? 
_refine_ls_shell.R_factor_all                     ? 
_refine_ls_shell.number_reflns_obs                ? 
_refine_ls_shell.redundancy_reflns_obs            ? 
# 
loop_
_pdbx_xplor_file.pdbx_refine_id 
_pdbx_xplor_file.serial_no 
_pdbx_xplor_file.param_file 
_pdbx_xplor_file.topol_file 
'X-RAY DIFFRACTION' 1 protein_rep.param  protein.top      
'X-RAY DIFFRACTION' 2 carbohydrate.param carbohydrate.top 
'X-RAY DIFFRACTION' 3 ion.param          ion.top          
'X-RAY DIFFRACTION' 4 water_rep.param    water.top        
# 
_struct.entry_id                  3NV3 
_struct.title                     
'Crystal structure of human galectin-9 C-terminal CRD in complex with biantennary oligosaccharide' 
_struct.pdbx_model_details        ? 
_struct.pdbx_CASP_flag            ? 
_struct.pdbx_model_type_details   ? 
# 
_struct_keywords.entry_id        3NV3 
_struct_keywords.pdbx_keywords   'SUGAR BINDING PROTEIN' 
_struct_keywords.text            'Sugar Binding, Sugar Binding Protein' 
# 
loop_
_struct_asym.id 
_struct_asym.pdbx_blank_PDB_chainid_flag 
_struct_asym.pdbx_modified 
_struct_asym.entity_id 
_struct_asym.details 
A N N 1 ? 
B N N 2 ? 
C N N 3 ? 
D N N 4 ? 
# 
_struct_biol.id        1 
_struct_biol.details   'AUTHOR STATES THAT THE BIOLOGICAL ASSEMBLY IS UNKNOWN.' 
# 
_struct_conf.conf_type_id            HELX_P 
_struct_conf.id                      HELX_P1 
_struct_conf.pdbx_PDB_helix_id       1 
_struct_conf.beg_label_comp_id       ASN 
_struct_conf.beg_label_asym_id       A 
_struct_conf.beg_label_seq_id        118 
_struct_conf.pdbx_beg_PDB_ins_code   ? 
_struct_conf.end_label_comp_id       ILE 
_struct_conf.end_label_asym_id       A 
_struct_conf.end_label_seq_id        122 
_struct_conf.pdbx_end_PDB_ins_code   ? 
_struct_conf.beg_auth_comp_id        ASN 
_struct_conf.beg_auth_asym_id        A 
_struct_conf.beg_auth_seq_id         303 
_struct_conf.end_auth_comp_id        ILE 
_struct_conf.end_auth_asym_id        A 
_struct_conf.end_auth_seq_id         307 
_struct_conf.pdbx_PDB_helix_class    5 
_struct_conf.details                 ? 
_struct_conf.pdbx_PDB_helix_length   5 
# 
_struct_conf_type.id          HELX_P 
_struct_conf_type.criteria    ? 
_struct_conf_type.reference   ? 
# 
loop_
_struct_conn.id 
_struct_conn.conn_type_id 
_struct_conn.pdbx_leaving_atom_flag 
_struct_conn.pdbx_PDB_id 
_struct_conn.ptnr1_label_asym_id 
_struct_conn.ptnr1_label_comp_id 
_struct_conn.ptnr1_label_seq_id 
_struct_conn.ptnr1_label_atom_id 
_struct_conn.pdbx_ptnr1_label_alt_id 
_struct_conn.pdbx_ptnr1_PDB_ins_code 
_struct_conn.pdbx_ptnr1_standard_comp_id 
_struct_conn.ptnr1_symmetry 
_struct_conn.ptnr2_label_asym_id 
_struct_conn.ptnr2_label_comp_id 
_struct_conn.ptnr2_label_seq_id 
_struct_conn.ptnr2_label_atom_id 
_struct_conn.pdbx_ptnr2_label_alt_id 
_struct_conn.pdbx_ptnr2_PDB_ins_code 
_struct_conn.ptnr1_auth_asym_id 
_struct_conn.ptnr1_auth_comp_id 
_struct_conn.ptnr1_auth_seq_id 
_struct_conn.ptnr2_auth_asym_id 
_struct_conn.ptnr2_auth_comp_id 
_struct_conn.ptnr2_auth_seq_id 
_struct_conn.ptnr2_symmetry 
_struct_conn.pdbx_ptnr3_label_atom_id 
_struct_conn.pdbx_ptnr3_label_seq_id 
_struct_conn.pdbx_ptnr3_label_comp_id 
_struct_conn.pdbx_ptnr3_label_asym_id 
_struct_conn.pdbx_ptnr3_label_alt_id 
_struct_conn.pdbx_ptnr3_PDB_ins_code 
_struct_conn.details 
_struct_conn.pdbx_dist_value 
_struct_conn.pdbx_value_order 
_struct_conn.pdbx_role 
covale1 covale both ? B MAN .   O2  ? ? ? 1_555 B NAG . C1 ? ? B MAN 1   B NAG 2   1_555 ? ? ? ? ? ? ? 1.385 ? ? 
covale2 covale both ? B NAG .   O4  ? ? ? 1_555 B GAL . C1 ? ? B NAG 2   B GAL 3   1_555 ? ? ? ? ? ? ? 1.383 ? ? 
metalc1 metalc ?    ? D HOH .   O   ? ? ? 1_555 C NI  . NI ? ? A HOH 17  A NI  401 1_555 ? ? ? ? ? ? ? 2.136 ? ? 
metalc2 metalc ?    ? A HIS 135 NE2 ? ? ? 1_555 C NI  . NI ? ? A HIS 320 A NI  401 1_555 ? ? ? ? ? ? ? 2.125 ? ? 
# 
loop_
_struct_conn_type.id 
_struct_conn_type.criteria 
_struct_conn_type.reference 
covale ? ? 
metalc ? ? 
# 
_struct_mon_prot_cis.pdbx_id                1 
_struct_mon_prot_cis.label_comp_id          MET 
_struct_mon_prot_cis.label_seq_id           8 
_struct_mon_prot_cis.label_asym_id          A 
_struct_mon_prot_cis.label_alt_id           . 
_struct_mon_prot_cis.pdbx_PDB_ins_code      ? 
_struct_mon_prot_cis.auth_comp_id           MET 
_struct_mon_prot_cis.auth_seq_id            193 
_struct_mon_prot_cis.auth_asym_id           A 
_struct_mon_prot_cis.pdbx_label_comp_id_2   PRO 
_struct_mon_prot_cis.pdbx_label_seq_id_2    9 
_struct_mon_prot_cis.pdbx_label_asym_id_2   A 
_struct_mon_prot_cis.pdbx_PDB_ins_code_2    ? 
_struct_mon_prot_cis.pdbx_auth_comp_id_2    PRO 
_struct_mon_prot_cis.pdbx_auth_seq_id_2     194 
_struct_mon_prot_cis.pdbx_auth_asym_id_2    A 
_struct_mon_prot_cis.pdbx_PDB_model_num     1 
_struct_mon_prot_cis.pdbx_omega_angle       0.09 
# 
loop_
_struct_sheet.id 
_struct_sheet.type 
_struct_sheet.number_strands 
_struct_sheet.details 
A ? 6 ? 
B ? 5 ? 
# 
loop_
_struct_sheet_order.sheet_id 
_struct_sheet_order.range_id_1 
_struct_sheet_order.range_id_2 
_struct_sheet_order.offset 
_struct_sheet_order.sense 
A 1 2 ? anti-parallel 
A 2 3 ? anti-parallel 
A 3 4 ? anti-parallel 
A 4 5 ? anti-parallel 
A 5 6 ? anti-parallel 
B 1 2 ? anti-parallel 
B 2 3 ? anti-parallel 
B 3 4 ? anti-parallel 
B 4 5 ? anti-parallel 
# 
loop_
_struct_sheet_range.sheet_id 
_struct_sheet_range.id 
_struct_sheet_range.beg_label_comp_id 
_struct_sheet_range.beg_label_asym_id 
_struct_sheet_range.beg_label_seq_id 
_struct_sheet_range.pdbx_beg_PDB_ins_code 
_struct_sheet_range.end_label_comp_id 
_struct_sheet_range.end_label_asym_id 
_struct_sheet_range.end_label_seq_id 
_struct_sheet_range.pdbx_end_PDB_ins_code 
_struct_sheet_range.beg_auth_comp_id 
_struct_sheet_range.beg_auth_asym_id 
_struct_sheet_range.beg_auth_seq_id 
_struct_sheet_range.end_auth_comp_id 
_struct_sheet_range.end_auth_asym_id 
_struct_sheet_range.end_auth_seq_id 
A 1 PHE A 10  ? THR A 13  ? PHE A 195 THR A 198 
A 2 ARG A 124 ? GLY A 129 ? ARG A 309 GLY A 314 
A 3 PHE A 37  ? SER A 43  ? PHE A 222 SER A 228 
A 4 HIS A 46  ? ARG A 54  ? HIS A 231 ARG A 239 
A 5 ALA A 59  ? ILE A 66  ? ALA A 244 ILE A 251 
A 6 SER A 69  ? TRP A 70  ? SER A 254 TRP A 255 
B 1 GLN A 107 ? TYR A 113 ? GLN A 292 TYR A 298 
B 2 CYS A 99  ? VAL A 104 ? CYS A 284 VAL A 289 
B 3 SER A 88  ? CYS A 95  ? SER A 273 CYS A 280 
B 4 SER A 23  ? VAL A 30  ? SER A 208 VAL A 215 
B 5 ILE A 131 ? GLN A 137 ? ILE A 316 GLN A 322 
# 
loop_
_pdbx_struct_sheet_hbond.sheet_id 
_pdbx_struct_sheet_hbond.range_id_1 
_pdbx_struct_sheet_hbond.range_id_2 
_pdbx_struct_sheet_hbond.range_1_label_atom_id 
_pdbx_struct_sheet_hbond.range_1_label_comp_id 
_pdbx_struct_sheet_hbond.range_1_label_asym_id 
_pdbx_struct_sheet_hbond.range_1_label_seq_id 
_pdbx_struct_sheet_hbond.range_1_PDB_ins_code 
_pdbx_struct_sheet_hbond.range_1_auth_atom_id 
_pdbx_struct_sheet_hbond.range_1_auth_comp_id 
_pdbx_struct_sheet_hbond.range_1_auth_asym_id 
_pdbx_struct_sheet_hbond.range_1_auth_seq_id 
_pdbx_struct_sheet_hbond.range_2_label_atom_id 
_pdbx_struct_sheet_hbond.range_2_label_comp_id 
_pdbx_struct_sheet_hbond.range_2_label_asym_id 
_pdbx_struct_sheet_hbond.range_2_label_seq_id 
_pdbx_struct_sheet_hbond.range_2_PDB_ins_code 
_pdbx_struct_sheet_hbond.range_2_auth_atom_id 
_pdbx_struct_sheet_hbond.range_2_auth_comp_id 
_pdbx_struct_sheet_hbond.range_2_auth_asym_id 
_pdbx_struct_sheet_hbond.range_2_auth_seq_id 
A 1 2 N THR A 12  ? N THR A 197 O LEU A 125 ? O LEU A 310 
A 2 3 O ARG A 124 ? O ARG A 309 N CYS A 42  ? N CYS A 227 
A 3 4 N ILE A 39  ? N ILE A 224 O LEU A 51  ? O LEU A 236 
A 4 5 N ARG A 54  ? N ARG A 239 O ALA A 59  ? O ALA A 244 
A 5 6 N ILE A 66  ? N ILE A 251 O SER A 69  ? O SER A 254 
B 1 2 O LEU A 109 ? O LEU A 294 N VAL A 102 ? N VAL A 287 
B 2 3 O LYS A 101 ? O LYS A 286 N LEU A 94  ? N LEU A 279 
B 3 4 O VAL A 91  ? O VAL A 276 N LEU A 26  ? N LEU A 211 
B 4 5 N LEU A 25  ? N LEU A 210 O GLN A 137 ? O GLN A 322 
# 
_atom_sites.entry_id                    3NV3 
_atom_sites.fract_transf_matrix[1][1]   0.01221698 
_atom_sites.fract_transf_matrix[1][2]   0.00160500 
_atom_sites.fract_transf_matrix[1][3]   0.01061327 
_atom_sites.fract_transf_matrix[2][1]   -0.00318770 
_atom_sites.fract_transf_matrix[2][2]   0.00244822 
_atom_sites.fract_transf_matrix[2][3]   0.01575849 
_atom_sites.fract_transf_matrix[3][1]   -0.00006067 
_atom_sites.fract_transf_matrix[3][2]   -0.01986745 
_atom_sites.fract_transf_matrix[3][3]   0.00307431 
_atom_sites.fract_transf_vector[1]      0.601498 
_atom_sites.fract_transf_vector[2]      0.730636 
_atom_sites.fract_transf_vector[3]      0.495111 
# 
loop_
_atom_type.symbol 
C  
N  
NI 
O  
S  
# 
loop_
_atom_site.group_PDB 
_atom_site.id 
_atom_site.type_symbol 
_atom_site.label_atom_id 
_atom_site.label_alt_id 
_atom_site.label_comp_id 
_atom_site.label_asym_id 
_atom_site.label_entity_id 
_atom_site.label_seq_id 
_atom_site.pdbx_PDB_ins_code 
_atom_site.Cartn_x 
_atom_site.Cartn_y 
_atom_site.Cartn_z 
_atom_site.occupancy 
_atom_site.B_iso_or_equiv 
_atom_site.pdbx_formal_charge 
_atom_site.auth_seq_id 
_atom_site.auth_comp_id 
_atom_site.auth_asym_id 
_atom_site.auth_atom_id 
_atom_site.pdbx_PDB_model_num 
ATOM   1    N  N   . HIS A 1 3   ? -17.582 13.049  -5.421  1.00 52.56 ? 188 HIS A N   1 
ATOM   2    C  CA  . HIS A 1 3   ? -17.167 11.748  -4.823  1.00 51.64 ? 188 HIS A CA  1 
ATOM   3    C  C   . HIS A 1 3   ? -16.780 11.880  -3.352  1.00 50.36 ? 188 HIS A C   1 
ATOM   4    O  O   . HIS A 1 3   ? -15.718 12.408  -3.022  1.00 51.09 ? 188 HIS A O   1 
ATOM   5    C  CB  . HIS A 1 3   ? -16.004 11.147  -5.624  1.00 53.00 ? 188 HIS A CB  1 
ATOM   6    C  CG  . HIS A 1 3   ? -14.982 12.151  -6.061  1.00 53.99 ? 188 HIS A CG  1 
ATOM   7    N  ND1 . HIS A 1 3   ? -14.234 12.891  -5.171  1.00 54.31 ? 188 HIS A ND1 1 
ATOM   8    C  CD2 . HIS A 1 3   ? -14.581 12.533  -7.297  1.00 54.41 ? 188 HIS A CD2 1 
ATOM   9    C  CE1 . HIS A 1 3   ? -13.417 13.686  -5.841  1.00 54.59 ? 188 HIS A CE1 1 
ATOM   10   N  NE2 . HIS A 1 3   ? -13.607 13.488  -7.132  1.00 54.43 ? 188 HIS A NE2 1 
ATOM   11   N  N   . PRO A 1 4   ? -17.648 11.398  -2.447  1.00 48.48 ? 189 PRO A N   1 
ATOM   12   C  CA  . PRO A 1 4   ? -17.411 11.455  -1.002  1.00 46.38 ? 189 PRO A CA  1 
ATOM   13   C  C   . PRO A 1 4   ? -16.213 10.613  -0.576  1.00 44.44 ? 189 PRO A C   1 
ATOM   14   O  O   . PRO A 1 4   ? -15.406 10.198  -1.410  1.00 45.09 ? 189 PRO A O   1 
ATOM   15   C  CB  . PRO A 1 4   ? -18.725 10.941  -0.421  1.00 47.22 ? 189 PRO A CB  1 
ATOM   16   C  CG  . PRO A 1 4   ? -19.160 9.951   -1.441  1.00 47.73 ? 189 PRO A CG  1 
ATOM   17   C  CD  . PRO A 1 4   ? -18.908 10.691  -2.735  1.00 48.45 ? 189 PRO A CD  1 
ATOM   18   N  N   . ALA A 1 5   ? -16.105 10.350  0.722   1.00 40.30 ? 190 ALA A N   1 
ATOM   19   C  CA  . ALA A 1 5   ? -14.981 9.580   1.234   1.00 36.03 ? 190 ALA A CA  1 
ATOM   20   C  C   . ALA A 1 5   ? -15.358 8.247   1.867   1.00 32.31 ? 190 ALA A C   1 
ATOM   21   O  O   . ALA A 1 5   ? -16.498 8.023   2.272   1.00 32.60 ? 190 ALA A O   1 
ATOM   22   C  CB  . ALA A 1 5   ? -14.198 10.420  2.234   1.00 37.07 ? 190 ALA A CB  1 
ATOM   23   N  N   . TYR A 1 6   ? -14.371 7.363   1.933   1.00 25.99 ? 191 TYR A N   1 
ATOM   24   C  CA  . TYR A 1 6   ? -14.530 6.046   2.529   1.00 21.08 ? 191 TYR A CA  1 
ATOM   25   C  C   . TYR A 1 6   ? -14.291 6.188   4.025   1.00 19.34 ? 191 TYR A C   1 
ATOM   26   O  O   . TYR A 1 6   ? -13.707 7.170   4.478   1.00 19.55 ? 191 TYR A O   1 
ATOM   27   C  CB  . TYR A 1 6   ? -13.463 5.087   1.995   1.00 18.56 ? 191 TYR A CB  1 
ATOM   28   C  CG  . TYR A 1 6   ? -13.724 4.455   0.647   1.00 15.84 ? 191 TYR A CG  1 
ATOM   29   C  CD1 . TYR A 1 6   ? -13.527 3.088   0.467   1.00 15.73 ? 191 TYR A CD1 1 
ATOM   30   C  CD2 . TYR A 1 6   ? -14.117 5.218   -0.456  1.00 17.94 ? 191 TYR A CD2 1 
ATOM   31   C  CE1 . TYR A 1 6   ? -13.707 2.487   -0.767  1.00 13.88 ? 191 TYR A CE1 1 
ATOM   32   C  CE2 . TYR A 1 6   ? -14.301 4.622   -1.711  1.00 17.82 ? 191 TYR A CE2 1 
ATOM   33   C  CZ  . TYR A 1 6   ? -14.092 3.255   -1.856  1.00 16.78 ? 191 TYR A CZ  1 
ATOM   34   O  OH  . TYR A 1 6   ? -14.256 2.642   -3.082  1.00 18.69 ? 191 TYR A OH  1 
ATOM   35   N  N   . PRO A 1 7   ? -14.755 5.216   4.818   1.00 17.98 ? 192 PRO A N   1 
ATOM   36   C  CA  . PRO A 1 7   ? -14.506 5.335   6.252   1.00 18.24 ? 192 PRO A CA  1 
ATOM   37   C  C   . PRO A 1 7   ? -13.009 5.072   6.446   1.00 20.02 ? 192 PRO A C   1 
ATOM   38   O  O   . PRO A 1 7   ? -12.385 4.390   5.631   1.00 20.62 ? 192 PRO A O   1 
ATOM   39   C  CB  . PRO A 1 7   ? -15.379 4.233   6.847   1.00 20.30 ? 192 PRO A CB  1 
ATOM   40   C  CG  . PRO A 1 7   ? -15.452 3.213   5.743   1.00 20.05 ? 192 PRO A CG  1 
ATOM   41   C  CD  . PRO A 1 7   ? -15.642 4.079   4.524   1.00 18.41 ? 192 PRO A CD  1 
ATOM   42   N  N   . MET A 1 8   ? -12.427 5.640   7.493   1.00 19.15 ? 193 MET A N   1 
ATOM   43   C  CA  . MET A 1 8   ? -11.010 5.442   7.776   1.00 19.63 ? 193 MET A CA  1 
ATOM   44   C  C   . MET A 1 8   ? -10.852 5.042   9.238   1.00 19.80 ? 193 MET A C   1 
ATOM   45   O  O   . MET A 1 8   ? -11.347 5.725   10.134  1.00 22.03 ? 193 MET A O   1 
ATOM   46   C  CB  . MET A 1 8   ? -10.219 6.722   7.493   1.00 19.41 ? 193 MET A CB  1 
ATOM   47   C  CG  . MET A 1 8   ? -9.940  6.984   6.018   1.00 21.09 ? 193 MET A CG  1 
ATOM   48   S  SD  . MET A 1 8   ? -8.859  5.737   5.265   1.00 23.07 ? 193 MET A SD  1 
ATOM   49   C  CE  . MET A 1 8   ? -7.310  6.127   6.058   1.00 16.96 ? 193 MET A CE  1 
ATOM   50   N  N   . PRO A 1 9   ? -10.160 3.926   9.498   1.00 18.51 ? 194 PRO A N   1 
ATOM   51   C  CA  . PRO A 1 9   ? -9.542  3.056   8.493   1.00 17.28 ? 194 PRO A CA  1 
ATOM   52   C  C   . PRO A 1 9   ? -10.553 2.282   7.651   1.00 17.61 ? 194 PRO A C   1 
ATOM   53   O  O   . PRO A 1 9   ? -11.695 2.087   8.057   1.00 19.25 ? 194 PRO A O   1 
ATOM   54   C  CB  . PRO A 1 9   ? -8.675  2.129   9.340   1.00 18.97 ? 194 PRO A CB  1 
ATOM   55   C  CG  . PRO A 1 9   ? -9.513  1.969   10.579  1.00 20.82 ? 194 PRO A CG  1 
ATOM   56   C  CD  . PRO A 1 9   ? -9.935  3.393   10.854  1.00 19.33 ? 194 PRO A CD  1 
ATOM   57   N  N   . PHE A 1 10  ? -10.125 1.857   6.468   1.00 16.40 ? 195 PHE A N   1 
ATOM   58   C  CA  . PHE A 1 10  ? -10.987 1.085   5.587   1.00 15.87 ? 195 PHE A CA  1 
ATOM   59   C  C   . PHE A 1 10  ? -10.440 -0.328  5.475   1.00 16.83 ? 195 PHE A C   1 
ATOM   60   O  O   . PHE A 1 10  ? -9.267  -0.524  5.148   1.00 15.74 ? 195 PHE A O   1 
ATOM   61   C  CB  . PHE A 1 10  ? -11.057 1.710   4.191   1.00 16.89 ? 195 PHE A CB  1 
ATOM   62   C  CG  . PHE A 1 10  ? -11.889 0.912   3.220   1.00 17.57 ? 195 PHE A CG  1 
ATOM   63   C  CD1 . PHE A 1 10  ? -13.239 0.679   3.469   1.00 20.36 ? 195 PHE A CD1 1 
ATOM   64   C  CD2 . PHE A 1 10  ? -11.316 0.370   2.073   1.00 18.72 ? 195 PHE A CD2 1 
ATOM   65   C  CE1 . PHE A 1 10  ? -14.008 -0.090  2.588   1.00 20.73 ? 195 PHE A CE1 1 
ATOM   66   C  CE2 . PHE A 1 10  ? -12.074 -0.399  1.186   1.00 21.04 ? 195 PHE A CE2 1 
ATOM   67   C  CZ  . PHE A 1 10  ? -13.423 -0.629  1.446   1.00 21.20 ? 195 PHE A CZ  1 
ATOM   68   N  N   . ILE A 1 11  ? -11.294 -1.306  5.747   1.00 17.56 ? 196 ILE A N   1 
ATOM   69   C  CA  . ILE A 1 11  ? -10.895 -2.701  5.683   1.00 19.83 ? 196 ILE A CA  1 
ATOM   70   C  C   . ILE A 1 11  ? -11.854 -3.486  4.801   1.00 20.55 ? 196 ILE A C   1 
ATOM   71   O  O   . ILE A 1 11  ? -13.073 -3.352  4.916   1.00 20.70 ? 196 ILE A O   1 
ATOM   72   C  CB  . ILE A 1 11  ? -10.879 -3.326  7.091   1.00 21.00 ? 196 ILE A CB  1 
ATOM   73   C  CG1 . ILE A 1 11  ? -9.938  -2.523  7.995   1.00 22.70 ? 196 ILE A CG1 1 
ATOM   74   C  CG2 . ILE A 1 11  ? -10.432 -4.783  7.015   1.00 22.15 ? 196 ILE A CG2 1 
ATOM   75   C  CD1 . ILE A 1 11  ? -9.914  -2.990  9.444   1.00 26.40 ? 196 ILE A CD1 1 
ATOM   76   N  N   . THR A 1 12  ? -11.304 -4.296  3.908   1.00 20.31 ? 197 THR A N   1 
ATOM   77   C  CA  . THR A 1 12  ? -12.140 -5.096  3.030   1.00 22.09 ? 197 THR A CA  1 
ATOM   78   C  C   . THR A 1 12  ? -11.425 -6.353  2.572   1.00 23.46 ? 197 THR A C   1 
ATOM   79   O  O   . THR A 1 12  ? -10.209 -6.363  2.382   1.00 21.94 ? 197 THR A O   1 
ATOM   80   C  CB  . THR A 1 12  ? -12.587 -4.301  1.784   1.00 23.07 ? 197 THR A CB  1 
ATOM   81   O  OG1 . THR A 1 12  ? -13.576 -5.056  1.073   1.00 25.97 ? 197 THR A OG1 1 
ATOM   82   C  CG2 . THR A 1 12  ? -11.404 -4.035  0.858   1.00 23.36 ? 197 THR A CG2 1 
ATOM   83   N  N   . THR A 1 13  ? -12.191 -7.422  2.412   1.00 23.37 ? 198 THR A N   1 
ATOM   84   C  CA  . THR A 1 13  ? -11.632 -8.680  1.953   1.00 25.47 ? 198 THR A CA  1 
ATOM   85   C  C   . THR A 1 13  ? -11.391 -8.588  0.452   1.00 26.10 ? 198 THR A C   1 
ATOM   86   O  O   . THR A 1 13  ? -12.116 -7.895  -0.264  1.00 27.32 ? 198 THR A O   1 
ATOM   87   C  CB  . THR A 1 13  ? -12.598 -9.856  2.234   1.00 25.95 ? 198 THR A CB  1 
ATOM   88   O  OG1 . THR A 1 13  ? -12.695 -10.067 3.648   1.00 27.42 ? 198 THR A OG1 1 
ATOM   89   C  CG2 . THR A 1 13  ? -12.101 -11.134 1.567   1.00 26.71 ? 198 THR A CG2 1 
ATOM   90   N  N   . ILE A 1 14  ? -10.343 -9.262  -0.009  1.00 25.21 ? 199 ILE A N   1 
ATOM   91   C  CA  . ILE A 1 14  ? -10.011 -9.317  -1.424  1.00 25.23 ? 199 ILE A CA  1 
ATOM   92   C  C   . ILE A 1 14  ? -10.323 -10.766 -1.772  1.00 25.80 ? 199 ILE A C   1 
ATOM   93   O  O   . ILE A 1 14  ? -9.479  -11.649 -1.609  1.00 24.62 ? 199 ILE A O   1 
ATOM   94   C  CB  . ILE A 1 14  ? -8.509  -9.043  -1.676  1.00 25.62 ? 199 ILE A CB  1 
ATOM   95   C  CG1 . ILE A 1 14  ? -8.124  -7.667  -1.122  1.00 26.82 ? 199 ILE A CG1 1 
ATOM   96   C  CG2 . ILE A 1 14  ? -8.210  -9.094  -3.170  1.00 25.17 ? 199 ILE A CG2 1 
ATOM   97   C  CD1 . ILE A 1 14  ? -6.639  -7.352  -1.230  1.00 27.68 ? 199 ILE A CD1 1 
ATOM   98   N  N   . LEU A 1 15  ? -11.551 -11.015 -2.213  1.00 27.41 ? 200 LEU A N   1 
ATOM   99   C  CA  . LEU A 1 15  ? -11.972 -12.367 -2.554  1.00 27.97 ? 200 LEU A CA  1 
ATOM   100  C  C   . LEU A 1 15  ? -11.057 -13.015 -3.578  1.00 27.04 ? 200 LEU A C   1 
ATOM   101  O  O   . LEU A 1 15  ? -10.793 -12.453 -4.642  1.00 27.04 ? 200 LEU A O   1 
ATOM   102  C  CB  . LEU A 1 15  ? -13.411 -12.363 -3.071  1.00 30.33 ? 200 LEU A CB  1 
ATOM   103  C  CG  . LEU A 1 15  ? -14.489 -12.133 -2.010  1.00 33.08 ? 200 LEU A CG  1 
ATOM   104  C  CD1 . LEU A 1 15  ? -15.864 -12.186 -2.660  1.00 33.48 ? 200 LEU A CD1 1 
ATOM   105  C  CD2 . LEU A 1 15  ? -14.374 -13.198 -0.926  1.00 32.75 ? 200 LEU A CD2 1 
ATOM   106  N  N   . GLY A 1 16  ? -10.570 -14.204 -3.241  1.00 27.58 ? 201 GLY A N   1 
ATOM   107  C  CA  . GLY A 1 16  ? -9.682  -14.919 -4.136  1.00 26.81 ? 201 GLY A CA  1 
ATOM   108  C  C   . GLY A 1 16  ? -8.229  -14.577 -3.879  1.00 26.98 ? 201 GLY A C   1 
ATOM   109  O  O   . GLY A 1 16  ? -7.328  -15.193 -4.449  1.00 27.24 ? 201 GLY A O   1 
ATOM   110  N  N   . GLY A 1 17  ? -7.996  -13.590 -3.019  1.00 26.23 ? 202 GLY A N   1 
ATOM   111  C  CA  . GLY A 1 17  ? -6.636  -13.191 -2.705  1.00 24.51 ? 202 GLY A CA  1 
ATOM   112  C  C   . GLY A 1 17  ? -5.872  -12.657 -3.903  1.00 22.84 ? 202 GLY A C   1 
ATOM   113  O  O   . GLY A 1 17  ? -6.463  -12.203 -4.885  1.00 22.79 ? 202 GLY A O   1 
ATOM   114  N  N   . LEU A 1 18  ? -4.547  -12.707 -3.822  1.00 20.22 ? 203 LEU A N   1 
ATOM   115  C  CA  . LEU A 1 18  ? -3.709  -12.222 -4.908  1.00 19.84 ? 203 LEU A CA  1 
ATOM   116  C  C   . LEU A 1 18  ? -3.272  -13.337 -5.844  1.00 20.97 ? 203 LEU A C   1 
ATOM   117  O  O   . LEU A 1 18  ? -3.412  -14.519 -5.535  1.00 22.13 ? 203 LEU A O   1 
ATOM   118  C  CB  . LEU A 1 18  ? -2.465  -11.524 -4.352  1.00 19.13 ? 203 LEU A CB  1 
ATOM   119  C  CG  . LEU A 1 18  ? -2.694  -10.332 -3.418  1.00 20.64 ? 203 LEU A CG  1 
ATOM   120  C  CD1 . LEU A 1 18  ? -1.349  -9.760  -3.011  1.00 19.04 ? 203 LEU A CD1 1 
ATOM   121  C  CD2 . LEU A 1 18  ? -3.534  -9.272  -4.111  1.00 22.09 ? 203 LEU A CD2 1 
ATOM   122  N  N   . TYR A 1 19  ? -2.736  -12.930 -6.990  1.00 20.64 ? 204 TYR A N   1 
ATOM   123  C  CA  . TYR A 1 19  ? -2.235  -13.833 -8.020  1.00 22.25 ? 204 TYR A CA  1 
ATOM   124  C  C   . TYR A 1 19  ? -1.659  -12.946 -9.113  1.00 21.58 ? 204 TYR A C   1 
ATOM   125  O  O   . TYR A 1 19  ? -1.995  -11.767 -9.200  1.00 19.12 ? 204 TYR A O   1 
ATOM   126  C  CB  . TYR A 1 19  ? -3.370  -14.701 -8.575  1.00 23.45 ? 204 TYR A CB  1 
ATOM   127  C  CG  . TYR A 1 19  ? -4.589  -13.921 -8.993  1.00 24.82 ? 204 TYR A CG  1 
ATOM   128  C  CD1 . TYR A 1 19  ? -4.653  -13.292 -10.237 1.00 25.01 ? 204 TYR A CD1 1 
ATOM   129  C  CD2 . TYR A 1 19  ? -5.673  -13.785 -8.129  1.00 24.95 ? 204 TYR A CD2 1 
ATOM   130  C  CE1 . TYR A 1 19  ? -5.772  -12.545 -10.608 1.00 28.46 ? 204 TYR A CE1 1 
ATOM   131  C  CE2 . TYR A 1 19  ? -6.790  -13.043 -8.488  1.00 28.57 ? 204 TYR A CE2 1 
ATOM   132  C  CZ  . TYR A 1 19  ? -6.834  -12.425 -9.726  1.00 27.81 ? 204 TYR A CZ  1 
ATOM   133  O  OH  . TYR A 1 19  ? -7.943  -11.687 -10.069 1.00 32.04 ? 204 TYR A OH  1 
ATOM   134  N  N   . PRO A 1 20  ? -0.769  -13.494 -9.952  1.00 21.42 ? 205 PRO A N   1 
ATOM   135  C  CA  . PRO A 1 20  ? -0.169  -12.701 -11.030 1.00 22.07 ? 205 PRO A CA  1 
ATOM   136  C  C   . PRO A 1 20  ? -1.230  -12.027 -11.903 1.00 22.74 ? 205 PRO A C   1 
ATOM   137  O  O   . PRO A 1 20  ? -2.192  -12.666 -12.337 1.00 23.78 ? 205 PRO A O   1 
ATOM   138  C  CB  . PRO A 1 20  ? 0.665   -13.733 -11.786 1.00 21.67 ? 205 PRO A CB  1 
ATOM   139  C  CG  . PRO A 1 20  ? 1.072   -14.684 -10.694 1.00 21.91 ? 205 PRO A CG  1 
ATOM   140  C  CD  . PRO A 1 20  ? -0.217  -14.859 -9.937  1.00 21.46 ? 205 PRO A CD  1 
ATOM   141  N  N   . SER A 1 21  ? -1.026  -10.734 -12.151 1.00 21.84 ? 206 SER A N   1 
ATOM   142  C  CA  . SER A 1 21  ? -1.921  -9.879  -12.937 1.00 22.60 ? 206 SER A CA  1 
ATOM   143  C  C   . SER A 1 21  ? -3.018  -9.235  -12.091 1.00 22.15 ? 206 SER A C   1 
ATOM   144  O  O   . SER A 1 21  ? -3.802  -8.436  -12.600 1.00 22.90 ? 206 SER A O   1 
ATOM   145  C  CB  . SER A 1 21  ? -2.563  -10.647 -14.104 1.00 24.40 ? 206 SER A CB  1 
ATOM   146  O  OG  . SER A 1 21  ? -3.782  -11.263 -13.726 1.00 26.10 ? 206 SER A OG  1 
ATOM   147  N  N   . LYS A 1 22  ? -3.081  -9.576  -10.807 1.00 21.41 ? 207 LYS A N   1 
ATOM   148  C  CA  . LYS A 1 22  ? -4.083  -8.979  -9.923  1.00 21.34 ? 207 LYS A CA  1 
ATOM   149  C  C   . LYS A 1 22  ? -3.680  -7.537  -9.608  1.00 21.79 ? 207 LYS A C   1 
ATOM   150  O  O   . LYS A 1 22  ? -2.539  -7.274  -9.225  1.00 20.33 ? 207 LYS A O   1 
ATOM   151  C  CB  . LYS A 1 22  ? -4.192  -9.775  -8.617  1.00 22.86 ? 207 LYS A CB  1 
ATOM   152  C  CG  . LYS A 1 22  ? -5.124  -9.164  -7.568  1.00 26.01 ? 207 LYS A CG  1 
ATOM   153  C  CD  . LYS A 1 22  ? -6.573  -9.179  -8.022  1.00 29.07 ? 207 LYS A CD  1 
ATOM   154  C  CE  . LYS A 1 22  ? -7.490  -8.631  -6.940  1.00 29.28 ? 207 LYS A CE  1 
ATOM   155  N  NZ  . LYS A 1 22  ? -8.925  -8.787  -7.299  1.00 31.89 ? 207 LYS A NZ  1 
ATOM   156  N  N   . SER A 1 23  ? -4.618  -6.609  -9.769  1.00 20.71 ? 208 SER A N   1 
ATOM   157  C  CA  . SER A 1 23  ? -4.357  -5.200  -9.495  1.00 21.26 ? 208 SER A CA  1 
ATOM   158  C  C   . SER A 1 23  ? -5.247  -4.655  -8.388  1.00 18.81 ? 208 SER A C   1 
ATOM   159  O  O   . SER A 1 23  ? -6.422  -5.007  -8.295  1.00 20.25 ? 208 SER A O   1 
ATOM   160  C  CB  . SER A 1 23  ? -4.589  -4.351  -10.751 1.00 22.96 ? 208 SER A CB  1 
ATOM   161  O  OG  . SER A 1 23  ? -3.563  -4.536  -11.708 1.00 28.93 ? 208 SER A OG  1 
ATOM   162  N  N   . ILE A 1 24  ? -4.668  -3.811  -7.539  1.00 16.30 ? 209 ILE A N   1 
ATOM   163  C  CA  . ILE A 1 24  ? -5.409  -3.150  -6.473  1.00 15.64 ? 209 ILE A CA  1 
ATOM   164  C  C   . ILE A 1 24  ? -5.098  -1.676  -6.695  1.00 15.44 ? 209 ILE A C   1 
ATOM   165  O  O   . ILE A 1 24  ? -3.935  -1.281  -6.700  1.00 14.75 ? 209 ILE A O   1 
ATOM   166  C  CB  . ILE A 1 24  ? -4.930  -3.573  -5.059  1.00 18.07 ? 209 ILE A CB  1 
ATOM   167  C  CG1 . ILE A 1 24  ? -5.240  -5.053  -4.813  1.00 21.22 ? 209 ILE A CG1 1 
ATOM   168  C  CG2 . ILE A 1 24  ? -5.637  -2.731  -3.995  1.00 18.75 ? 209 ILE A CG2 1 
ATOM   169  C  CD1 . ILE A 1 24  ? -4.387  -6.013  -5.618  1.00 28.72 ? 209 ILE A CD1 1 
ATOM   170  N  N   . LEU A 1 25  ? -6.134  -0.870  -6.902  1.00 13.96 ? 210 LEU A N   1 
ATOM   171  C  CA  . LEU A 1 25  ? -5.951  0.554   -7.155  1.00 13.47 ? 210 LEU A CA  1 
ATOM   172  C  C   . LEU A 1 25  ? -6.557  1.387   -6.043  1.00 14.70 ? 210 LEU A C   1 
ATOM   173  O  O   . LEU A 1 25  ? -7.617  1.047   -5.519  1.00 15.61 ? 210 LEU A O   1 
ATOM   174  C  CB  . LEU A 1 25  ? -6.633  0.946   -8.471  1.00 14.10 ? 210 LEU A CB  1 
ATOM   175  C  CG  . LEU A 1 25  ? -6.516  -0.005  -9.664  1.00 14.56 ? 210 LEU A CG  1 
ATOM   176  C  CD1 . LEU A 1 25  ? -7.257  0.613   -10.847 1.00 15.72 ? 210 LEU A CD1 1 
ATOM   177  C  CD2 . LEU A 1 25  ? -5.057  -0.259  -10.016 1.00 15.28 ? 210 LEU A CD2 1 
ATOM   178  N  N   . LEU A 1 26  ? -5.883  2.468   -5.670  1.00 13.59 ? 211 LEU A N   1 
ATOM   179  C  CA  . LEU A 1 26  ? -6.415  3.349   -4.637  1.00 14.73 ? 211 LEU A CA  1 
ATOM   180  C  C   . LEU A 1 26  ? -6.203  4.792   -5.048  1.00 14.99 ? 211 LEU A C   1 
ATOM   181  O  O   . LEU A 1 26  ? -5.175  5.138   -5.632  1.00 16.65 ? 211 LEU A O   1 
ATOM   182  C  CB  . LEU A 1 26  ? -5.731  3.118   -3.285  1.00 15.60 ? 211 LEU A CB  1 
ATOM   183  C  CG  . LEU A 1 26  ? -5.761  1.725   -2.659  1.00 17.02 ? 211 LEU A CG  1 
ATOM   184  C  CD1 . LEU A 1 26  ? -4.610  0.902   -3.207  1.00 17.29 ? 211 LEU A CD1 1 
ATOM   185  C  CD2 . LEU A 1 26  ? -5.642  1.844   -1.145  1.00 19.75 ? 211 LEU A CD2 1 
ATOM   186  N  N   . SER A 1 27  ? -7.191  5.631   -4.760  1.00 14.67 ? 212 SER A N   1 
ATOM   187  C  CA  . SER A 1 27  ? -7.085  7.049   -5.063  1.00 16.53 ? 212 SER A CA  1 
ATOM   188  C  C   . SER A 1 27  ? -7.511  7.804   -3.812  1.00 14.93 ? 212 SER A C   1 
ATOM   189  O  O   . SER A 1 27  ? -8.335  7.325   -3.037  1.00 14.94 ? 212 SER A O   1 
ATOM   190  C  CB  . SER A 1 27  ? -7.989  7.425   -6.240  1.00 20.34 ? 212 SER A CB  1 
ATOM   191  O  OG  . SER A 1 27  ? -9.332  7.087   -5.975  1.00 28.49 ? 212 SER A OG  1 
ATOM   192  N  N   . GLY A 1 28  ? -6.931  8.975   -3.602  1.00 14.89 ? 213 GLY A N   1 
ATOM   193  C  CA  . GLY A 1 28  ? -7.288  9.752   -2.432  1.00 16.43 ? 213 GLY A CA  1 
ATOM   194  C  C   . GLY A 1 28  ? -6.534  11.058  -2.406  1.00 15.49 ? 213 GLY A C   1 
ATOM   195  O  O   . GLY A 1 28  ? -5.950  11.470  -3.406  1.00 15.50 ? 213 GLY A O   1 
ATOM   196  N  N   . THR A 1 29  ? -6.551  11.715  -1.255  1.00 16.70 ? 214 THR A N   1 
ATOM   197  C  CA  . THR A 1 29  ? -5.856  12.978  -1.098  1.00 16.66 ? 214 THR A CA  1 
ATOM   198  C  C   . THR A 1 29  ? -5.135  12.961  0.239   1.00 13.73 ? 214 THR A C   1 
ATOM   199  O  O   . THR A 1 29  ? -5.714  12.583  1.255   1.00 15.41 ? 214 THR A O   1 
ATOM   200  C  CB  . THR A 1 29  ? -6.847  14.158  -1.122  1.00 17.79 ? 214 THR A CB  1 
ATOM   201  O  OG1 . THR A 1 29  ? -7.558  14.157  -2.365  1.00 20.16 ? 214 THR A OG1 1 
ATOM   202  C  CG2 . THR A 1 29  ? -6.108  15.478  -0.972  1.00 17.68 ? 214 THR A CG2 1 
ATOM   203  N  N   . VAL A 1 30  ? -3.863  13.335  0.231   1.00 15.39 ? 215 VAL A N   1 
ATOM   204  C  CA  . VAL A 1 30  ? -3.094  13.380  1.469   1.00 16.08 ? 215 VAL A CA  1 
ATOM   205  C  C   . VAL A 1 30  ? -3.587  14.592  2.250   1.00 16.42 ? 215 VAL A C   1 
ATOM   206  O  O   . VAL A 1 30  ? -3.745  15.675  1.685   1.00 17.74 ? 215 VAL A O   1 
ATOM   207  C  CB  . VAL A 1 30  ? -1.587  13.542  1.192   1.00 16.10 ? 215 VAL A CB  1 
ATOM   208  C  CG1 . VAL A 1 30  ? -0.824  13.637  2.508   1.00 15.52 ? 215 VAL A CG1 1 
ATOM   209  C  CG2 . VAL A 1 30  ? -1.087  12.364  0.363   1.00 16.48 ? 215 VAL A CG2 1 
ATOM   210  N  N   . LEU A 1 31  ? -3.850  14.410  3.538   1.00 15.78 ? 216 LEU A N   1 
ATOM   211  C  CA  . LEU A 1 31  ? -4.335  15.514  4.364   1.00 17.23 ? 216 LEU A CA  1 
ATOM   212  C  C   . LEU A 1 31  ? -3.288  16.625  4.434   1.00 18.28 ? 216 LEU A C   1 
ATOM   213  O  O   . LEU A 1 31  ? -2.090  16.368  4.331   1.00 17.43 ? 216 LEU A O   1 
ATOM   214  C  CB  . LEU A 1 31  ? -4.703  15.008  5.760   1.00 17.97 ? 216 LEU A CB  1 
ATOM   215  C  CG  . LEU A 1 31  ? -5.871  14.011  5.785   1.00 19.51 ? 216 LEU A CG  1 
ATOM   216  C  CD1 . LEU A 1 31  ? -6.175  13.610  7.218   1.00 21.88 ? 216 LEU A CD1 1 
ATOM   217  C  CD2 . LEU A 1 31  ? -7.102  14.638  5.134   1.00 21.91 ? 216 LEU A CD2 1 
ATOM   218  N  N   . PRO A 1 32  ? -3.734  17.881  4.613   1.00 18.32 ? 217 PRO A N   1 
ATOM   219  C  CA  . PRO A 1 32  ? -2.865  19.058  4.692   1.00 18.36 ? 217 PRO A CA  1 
ATOM   220  C  C   . PRO A 1 32  ? -1.637  18.945  5.587   1.00 16.11 ? 217 PRO A C   1 
ATOM   221  O  O   . PRO A 1 32  ? -0.566  19.441  5.240   1.00 17.06 ? 217 PRO A O   1 
ATOM   222  C  CB  . PRO A 1 32  ? -3.814  20.154  5.165   1.00 19.57 ? 217 PRO A CB  1 
ATOM   223  C  CG  . PRO A 1 32  ? -5.120  19.737  4.567   1.00 19.88 ? 217 PRO A CG  1 
ATOM   224  C  CD  . PRO A 1 32  ? -5.136  18.259  4.865   1.00 19.01 ? 217 PRO A CD  1 
ATOM   225  N  N   . SER A 1 33  ? -1.791  18.296  6.735   1.00 16.63 ? 218 SER A N   1 
ATOM   226  C  CA  . SER A 1 33  ? -0.688  18.157  7.679   1.00 17.78 ? 218 SER A CA  1 
ATOM   227  C  C   . SER A 1 33  ? -0.462  16.701  8.049   1.00 17.31 ? 218 SER A C   1 
ATOM   228  O  O   . SER A 1 33  ? -0.155  16.366  9.195   1.00 18.85 ? 218 SER A O   1 
ATOM   229  C  CB  . SER A 1 33  ? -0.986  18.975  8.934   1.00 18.19 ? 218 SER A CB  1 
ATOM   230  O  OG  . SER A 1 33  ? -1.286  20.314  8.587   1.00 22.08 ? 218 SER A OG  1 
ATOM   231  N  N   . ALA A 1 34  ? -0.625  15.835  7.059   1.00 16.32 ? 219 ALA A N   1 
ATOM   232  C  CA  . ALA A 1 34  ? -0.444  14.410  7.259   1.00 17.02 ? 219 ALA A CA  1 
ATOM   233  C  C   . ALA A 1 34  ? 0.934   14.078  7.806   1.00 15.22 ? 219 ALA A C   1 
ATOM   234  O  O   . ALA A 1 34  ? 1.927   14.700  7.439   1.00 17.17 ? 219 ALA A O   1 
ATOM   235  C  CB  . ALA A 1 34  ? -0.651  13.684  5.940   1.00 14.75 ? 219 ALA A CB  1 
ATOM   236  N  N   . GLN A 1 35  ? 0.980   13.096  8.697   1.00 15.49 ? 220 GLN A N   1 
ATOM   237  C  CA  . GLN A 1 35  ? 2.243   12.637  9.248   1.00 16.80 ? 220 GLN A CA  1 
ATOM   238  C  C   . GLN A 1 35  ? 2.601   11.369  8.477   1.00 15.38 ? 220 GLN A C   1 
ATOM   239  O  O   . GLN A 1 35  ? 3.711   11.231  7.963   1.00 16.09 ? 220 GLN A O   1 
ATOM   240  C  CB  . GLN A 1 35  ? 2.103   12.332  10.739  1.00 17.86 ? 220 GLN A CB  1 
ATOM   241  C  CG  . GLN A 1 35  ? 2.115   13.574  11.620  1.00 24.58 ? 220 GLN A CG  1 
ATOM   242  C  CD  . GLN A 1 35  ? 3.454   14.284  11.590  1.00 27.15 ? 220 GLN A CD  1 
ATOM   243  O  OE1 . GLN A 1 35  ? 3.554   15.435  11.161  1.00 29.44 ? 220 GLN A OE1 1 
ATOM   244  N  NE2 . GLN A 1 35  ? 4.497   13.596  12.041  1.00 30.48 ? 220 GLN A NE2 1 
ATOM   245  N  N   . ARG A 1 36  ? 1.636   10.457  8.380   1.00 15.50 ? 221 ARG A N   1 
ATOM   246  C  CA  . ARG A 1 36  ? 1.833   9.193   7.673   1.00 15.33 ? 221 ARG A CA  1 
ATOM   247  C  C   . ARG A 1 36  ? 0.491   8.560   7.332   1.00 14.43 ? 221 ARG A C   1 
ATOM   248  O  O   . ARG A 1 36  ? -0.550  8.952   7.851   1.00 15.94 ? 221 ARG A O   1 
ATOM   249  C  CB  . ARG A 1 36  ? 2.587   8.181   8.546   1.00 16.28 ? 221 ARG A CB  1 
ATOM   250  C  CG  . ARG A 1 36  ? 3.911   8.641   9.126   1.00 17.49 ? 221 ARG A CG  1 
ATOM   251  C  CD  . ARG A 1 36  ? 4.534   7.564   10.002  1.00 19.86 ? 221 ARG A CD  1 
ATOM   252  N  NE  . ARG A 1 36  ? 5.816   8.004   10.550  1.00 20.93 ? 221 ARG A NE  1 
ATOM   253  C  CZ  . ARG A 1 36  ? 6.587   7.275   11.352  1.00 23.66 ? 221 ARG A CZ  1 
ATOM   254  N  NH1 . ARG A 1 36  ? 6.218   6.055   11.717  1.00 21.18 ? 221 ARG A NH1 1 
ATOM   255  N  NH2 . ARG A 1 36  ? 7.738   7.771   11.788  1.00 24.95 ? 221 ARG A NH2 1 
ATOM   256  N  N   . PHE A 1 37  ? 0.530   7.576   6.443   1.00 13.84 ? 222 PHE A N   1 
ATOM   257  C  CA  . PHE A 1 37  ? -0.653  6.810   6.099   1.00 12.89 ? 222 PHE A CA  1 
ATOM   258  C  C   . PHE A 1 37  ? -0.127  5.465   5.617   1.00 12.39 ? 222 PHE A C   1 
ATOM   259  O  O   . PHE A 1 37  ? 1.062   5.332   5.321   1.00 11.40 ? 222 PHE A O   1 
ATOM   260  C  CB  . PHE A 1 37  ? -1.544  7.548   5.065   1.00 12.37 ? 222 PHE A CB  1 
ATOM   261  C  CG  . PHE A 1 37  ? -1.158  7.363   3.617   1.00 14.87 ? 222 PHE A CG  1 
ATOM   262  C  CD1 . PHE A 1 37  ? -1.651  6.283   2.881   1.00 15.28 ? 222 PHE A CD1 1 
ATOM   263  C  CD2 . PHE A 1 37  ? -0.399  8.331   2.956   1.00 13.49 ? 222 PHE A CD2 1 
ATOM   264  C  CE1 . PHE A 1 37  ? -1.402  6.176   1.504   1.00 12.97 ? 222 PHE A CE1 1 
ATOM   265  C  CE2 . PHE A 1 37  ? -0.145  8.232   1.583   1.00 15.52 ? 222 PHE A CE2 1 
ATOM   266  C  CZ  . PHE A 1 37  ? -0.652  7.153   0.858   1.00 13.61 ? 222 PHE A CZ  1 
ATOM   267  N  N   . HIS A 1 38  ? -0.980  4.452   5.593   1.00 12.01 ? 223 HIS A N   1 
ATOM   268  C  CA  . HIS A 1 38  ? -0.513  3.147   5.160   1.00 12.03 ? 223 HIS A CA  1 
ATOM   269  C  C   . HIS A 1 38  ? -1.556  2.348   4.404   1.00 12.83 ? 223 HIS A C   1 
ATOM   270  O  O   . HIS A 1 38  ? -2.759  2.569   4.543   1.00 13.62 ? 223 HIS A O   1 
ATOM   271  C  CB  . HIS A 1 38  ? -0.034  2.320   6.362   1.00 13.89 ? 223 HIS A CB  1 
ATOM   272  C  CG  . HIS A 1 38  ? -1.120  1.963   7.330   1.00 16.45 ? 223 HIS A CG  1 
ATOM   273  N  ND1 . HIS A 1 38  ? -1.462  2.765   8.399   1.00 20.52 ? 223 HIS A ND1 1 
ATOM   274  C  CD2 . HIS A 1 38  ? -1.952  0.896   7.381   1.00 19.14 ? 223 HIS A CD2 1 
ATOM   275  C  CE1 . HIS A 1 38  ? -2.456  2.206   9.066   1.00 20.51 ? 223 HIS A CE1 1 
ATOM   276  N  NE2 . HIS A 1 38  ? -2.772  1.072   8.470   1.00 20.45 ? 223 HIS A NE2 1 
ATOM   277  N  N   . ILE A 1 39  ? -1.060  1.420   3.595   1.00 11.80 ? 224 ILE A N   1 
ATOM   278  C  CA  . ILE A 1 39  ? -1.888  0.514   2.813   1.00 11.86 ? 224 ILE A CA  1 
ATOM   279  C  C   . ILE A 1 39  ? -1.319  -0.871  3.108   1.00 12.87 ? 224 ILE A C   1 
ATOM   280  O  O   . ILE A 1 39  ? -0.143  -1.129  2.845   1.00 11.94 ? 224 ILE A O   1 
ATOM   281  C  CB  . ILE A 1 39  ? -1.774  0.811   1.301   1.00 11.74 ? 224 ILE A CB  1 
ATOM   282  C  CG1 . ILE A 1 39  ? -2.397  2.177   0.993   1.00 12.82 ? 224 ILE A CG1 1 
ATOM   283  C  CG2 . ILE A 1 39  ? -2.461  -0.296  0.496   1.00 13.28 ? 224 ILE A CG2 1 
ATOM   284  C  CD1 . ILE A 1 39  ? -2.034  2.732   -0.379  1.00 14.08 ? 224 ILE A CD1 1 
ATOM   285  N  N   . ASN A 1 40  ? -2.137  -1.748  3.681   1.00 12.16 ? 225 ASN A N   1 
ATOM   286  C  CA  . ASN A 1 40  ? -1.672  -3.093  4.009   1.00 13.02 ? 225 ASN A CA  1 
ATOM   287  C  C   . ASN A 1 40  ? -2.419  -4.174  3.249   1.00 13.01 ? 225 ASN A C   1 
ATOM   288  O  O   . ASN A 1 40  ? -3.628  -4.081  3.047   1.00 15.40 ? 225 ASN A O   1 
ATOM   289  C  CB  . ASN A 1 40  ? -1.838  -3.397  5.506   1.00 13.61 ? 225 ASN A CB  1 
ATOM   290  C  CG  . ASN A 1 40  ? -1.032  -2.475  6.394   1.00 14.68 ? 225 ASN A CG  1 
ATOM   291  O  OD1 . ASN A 1 40  ? -0.020  -1.921  5.978   1.00 16.57 ? 225 ASN A OD1 1 
ATOM   292  N  ND2 . ASN A 1 40  ? -1.474  -2.320  7.641   1.00 17.30 ? 225 ASN A ND2 1 
ATOM   293  N  N   . LEU A 1 41  ? -1.679  -5.188  2.819   1.00 13.01 ? 226 LEU A N   1 
ATOM   294  C  CA  . LEU A 1 41  ? -2.253  -6.352  2.151   1.00 13.88 ? 226 LEU A CA  1 
ATOM   295  C  C   . LEU A 1 41  ? -1.978  -7.409  3.208   1.00 14.59 ? 226 LEU A C   1 
ATOM   296  O  O   . LEU A 1 41  ? -0.818  -7.710  3.519   1.00 14.59 ? 226 LEU A O   1 
ATOM   297  C  CB  . LEU A 1 41  ? -1.520  -6.665  0.846   1.00 13.56 ? 226 LEU A CB  1 
ATOM   298  C  CG  . LEU A 1 41  ? -1.588  -5.560  -0.211  1.00 14.85 ? 226 LEU A CG  1 
ATOM   299  C  CD1 . LEU A 1 41  ? -0.884  -6.020  -1.474  1.00 15.45 ? 226 LEU A CD1 1 
ATOM   300  C  CD2 . LEU A 1 41  ? -3.039  -5.212  -0.503  1.00 17.18 ? 226 LEU A CD2 1 
ATOM   301  N  N   . CYS A 1 42  ? -3.048  -7.949  3.782   1.00 14.73 ? 227 CYS A N   1 
ATOM   302  C  CA  . CYS A 1 42  ? -2.922  -8.906  4.868   1.00 16.64 ? 227 CYS A CA  1 
ATOM   303  C  C   . CYS A 1 42  ? -3.319  -10.337 4.580   1.00 16.70 ? 227 CYS A C   1 
ATOM   304  O  O   . CYS A 1 42  ? -4.057  -10.623 3.636   1.00 17.27 ? 227 CYS A O   1 
ATOM   305  C  CB  . CYS A 1 42  ? -3.740  -8.418  6.060   1.00 18.62 ? 227 CYS A CB  1 
ATOM   306  S  SG  . CYS A 1 42  ? -3.437  -6.693  6.500   1.00 21.30 ? 227 CYS A SG  1 
ATOM   307  N  N   . SER A 1 43  ? -2.822  -11.223 5.436   1.00 18.15 ? 228 SER A N   1 
ATOM   308  C  CA  . SER A 1 43  ? -3.098  -12.650 5.367   1.00 19.49 ? 228 SER A CA  1 
ATOM   309  C  C   . SER A 1 43  ? -3.288  -13.110 6.809   1.00 18.80 ? 228 SER A C   1 
ATOM   310  O  O   . SER A 1 43  ? -2.319  -13.248 7.552   1.00 18.88 ? 228 SER A O   1 
ATOM   311  C  CB  . SER A 1 43  ? -1.917  -13.392 4.738   1.00 21.35 ? 228 SER A CB  1 
ATOM   312  O  OG  . SER A 1 43  ? -2.158  -14.788 4.706   1.00 24.76 ? 228 SER A OG  1 
ATOM   313  N  N   . GLY A 1 44  ? -4.536  -13.338 7.208   1.00 19.58 ? 229 GLY A N   1 
ATOM   314  C  CA  . GLY A 1 44  ? -4.787  -13.752 8.577   1.00 20.29 ? 229 GLY A CA  1 
ATOM   315  C  C   . GLY A 1 44  ? -4.333  -12.666 9.535   1.00 20.28 ? 229 GLY A C   1 
ATOM   316  O  O   . GLY A 1 44  ? -4.779  -11.521 9.437   1.00 20.75 ? 229 GLY A O   1 
ATOM   317  N  N   . ASN A 1 45  ? -3.435  -13.013 10.451  1.00 18.83 ? 230 ASN A N   1 
ATOM   318  C  CA  . ASN A 1 45  ? -2.929  -12.049 11.422  1.00 18.73 ? 230 ASN A CA  1 
ATOM   319  C  C   . ASN A 1 45  ? -1.542  -11.538 11.035  1.00 18.52 ? 230 ASN A C   1 
ATOM   320  O  O   . ASN A 1 45  ? -0.780  -11.076 11.883  1.00 20.50 ? 230 ASN A O   1 
ATOM   321  C  CB  . ASN A 1 45  ? -2.889  -12.682 12.816  1.00 18.65 ? 230 ASN A CB  1 
ATOM   322  C  CG  . ASN A 1 45  ? -2.649  -11.664 13.914  1.00 18.67 ? 230 ASN A CG  1 
ATOM   323  O  OD1 . ASN A 1 45  ? -3.302  -10.621 13.961  1.00 19.99 ? 230 ASN A OD1 1 
ATOM   324  N  ND2 . ASN A 1 45  ? -1.720  -11.967 14.814  1.00 20.73 ? 230 ASN A ND2 1 
ATOM   325  N  N   . HIS A 1 46  ? -1.221  -11.631 9.748   1.00 18.26 ? 231 HIS A N   1 
ATOM   326  C  CA  . HIS A 1 46  ? 0.070   -11.171 9.242   1.00 17.79 ? 231 HIS A CA  1 
ATOM   327  C  C   . HIS A 1 46  ? -0.136  -10.063 8.215   1.00 17.52 ? 231 HIS A C   1 
ATOM   328  O  O   . HIS A 1 46  ? -1.215  -9.943  7.631   1.00 17.79 ? 231 HIS A O   1 
ATOM   329  C  CB  . HIS A 1 46  ? 0.821   -12.314 8.554   1.00 18.31 ? 231 HIS A CB  1 
ATOM   330  C  CG  . HIS A 1 46  ? 0.916   -13.563 9.373   1.00 21.28 ? 231 HIS A CG  1 
ATOM   331  N  ND1 . HIS A 1 46  ? 1.440   -13.583 10.647  1.00 23.77 ? 231 HIS A ND1 1 
ATOM   332  C  CD2 . HIS A 1 46  ? 0.562   -14.838 9.092   1.00 23.16 ? 231 HIS A CD2 1 
ATOM   333  C  CE1 . HIS A 1 46  ? 1.406   -14.817 11.116  1.00 23.70 ? 231 HIS A CE1 1 
ATOM   334  N  NE2 . HIS A 1 46  ? 0.877   -15.599 10.191  1.00 23.68 ? 231 HIS A NE2 1 
ATOM   335  N  N   . ILE A 1 47  ? 0.898   -9.252  8.006   1.00 16.15 ? 232 ILE A N   1 
ATOM   336  C  CA  . ILE A 1 47  ? 0.839   -8.184  7.012   1.00 16.77 ? 232 ILE A CA  1 
ATOM   337  C  C   . ILE A 1 47  ? 1.846   -8.564  5.933   1.00 14.79 ? 232 ILE A C   1 
ATOM   338  O  O   . ILE A 1 47  ? 3.056   -8.442  6.134   1.00 15.81 ? 232 ILE A O   1 
ATOM   339  C  CB  . ILE A 1 47  ? 1.245   -6.814  7.588   1.00 17.52 ? 232 ILE A CB  1 
ATOM   340  C  CG1 . ILE A 1 47  ? 0.332   -6.435  8.756   1.00 20.94 ? 232 ILE A CG1 1 
ATOM   341  C  CG2 . ILE A 1 47  ? 1.161   -5.749  6.488   1.00 16.05 ? 232 ILE A CG2 1 
ATOM   342  C  CD1 . ILE A 1 47  ? -1.074  -6.117  8.358   1.00 26.81 ? 232 ILE A CD1 1 
ATOM   343  N  N   . ALA A 1 48  ? 1.344   -9.037  4.798   1.00 14.88 ? 233 ALA A N   1 
ATOM   344  C  CA  . ALA A 1 48  ? 2.210   -9.444  3.700   1.00 13.87 ? 233 ALA A CA  1 
ATOM   345  C  C   . ALA A 1 48  ? 2.947   -8.261  3.092   1.00 13.80 ? 233 ALA A C   1 
ATOM   346  O  O   . ALA A 1 48  ? 4.116   -8.370  2.730   1.00 14.31 ? 233 ALA A O   1 
ATOM   347  C  CB  . ALA A 1 48  ? 1.392   -10.161 2.623   1.00 14.06 ? 233 ALA A CB  1 
ATOM   348  N  N   . PHE A 1 49  ? 2.262   -7.130  2.978   1.00 13.49 ? 234 PHE A N   1 
ATOM   349  C  CA  . PHE A 1 49  ? 2.857   -5.937  2.395   1.00 12.21 ? 234 PHE A CA  1 
ATOM   350  C  C   . PHE A 1 49  ? 2.316   -4.697  3.086   1.00 12.17 ? 234 PHE A C   1 
ATOM   351  O  O   . PHE A 1 49  ? 1.105   -4.474  3.125   1.00 12.17 ? 234 PHE A O   1 
ATOM   352  C  CB  . PHE A 1 49  ? 2.541   -5.877  0.894   1.00 11.59 ? 234 PHE A CB  1 
ATOM   353  C  CG  . PHE A 1 49  ? 3.053   -4.637  0.211   1.00 12.06 ? 234 PHE A CG  1 
ATOM   354  C  CD1 . PHE A 1 49  ? 4.416   -4.350  0.186   1.00 11.47 ? 234 PHE A CD1 1 
ATOM   355  C  CD2 . PHE A 1 49  ? 2.171   -3.769  -0.423  1.00 12.53 ? 234 PHE A CD2 1 
ATOM   356  C  CE1 . PHE A 1 49  ? 4.899   -3.218  -0.462  1.00 12.37 ? 234 PHE A CE1 1 
ATOM   357  C  CE2 . PHE A 1 49  ? 2.636   -2.627  -1.079  1.00 13.40 ? 234 PHE A CE2 1 
ATOM   358  C  CZ  . PHE A 1 49  ? 4.005   -2.348  -1.101  1.00 11.83 ? 234 PHE A CZ  1 
ATOM   359  N  N   . HIS A 1 50  ? 3.229   -3.898  3.628   1.00 11.20 ? 235 HIS A N   1 
ATOM   360  C  CA  . HIS A 1 50  ? 2.897   -2.662  4.333   1.00 11.90 ? 235 HIS A CA  1 
ATOM   361  C  C   . HIS A 1 50  ? 3.543   -1.531  3.543   1.00 12.09 ? 235 HIS A C   1 
ATOM   362  O  O   . HIS A 1 50  ? 4.767   -1.469  3.435   1.00 11.89 ? 235 HIS A O   1 
ATOM   363  C  CB  . HIS A 1 50  ? 3.473   -2.741  5.758   1.00 12.75 ? 235 HIS A CB  1 
ATOM   364  C  CG  . HIS A 1 50  ? 3.395   -1.468  6.550   1.00 12.25 ? 235 HIS A CG  1 
ATOM   365  N  ND1 . HIS A 1 50  ? 2.206   -0.945  7.015   1.00 14.11 ? 235 HIS A ND1 1 
ATOM   366  C  CD2 . HIS A 1 50  ? 4.374   -0.683  7.064   1.00 13.93 ? 235 HIS A CD2 1 
ATOM   367  C  CE1 . HIS A 1 50  ? 2.457   0.102   7.784   1.00 12.86 ? 235 HIS A CE1 1 
ATOM   368  N  NE2 . HIS A 1 50  ? 3.765   0.281   7.832   1.00 14.37 ? 235 HIS A NE2 1 
ATOM   369  N  N   . LEU A 1 51  ? 2.715   -0.663  2.963   1.00 11.23 ? 236 LEU A N   1 
ATOM   370  C  CA  . LEU A 1 51  ? 3.185   0.483   2.181   1.00 11.72 ? 236 LEU A CA  1 
ATOM   371  C  C   . LEU A 1 51  ? 2.912   1.682   3.076   1.00 12.55 ? 236 LEU A C   1 
ATOM   372  O  O   . LEU A 1 51  ? 1.763   2.041   3.310   1.00 12.44 ? 236 LEU A O   1 
ATOM   373  C  CB  . LEU A 1 51  ? 2.405   0.585   0.866   1.00 12.82 ? 236 LEU A CB  1 
ATOM   374  C  CG  . LEU A 1 51  ? 2.617   1.832   0.002   1.00 15.59 ? 236 LEU A CG  1 
ATOM   375  C  CD1 . LEU A 1 51  ? 4.103   2.140   -0.171  1.00 15.49 ? 236 LEU A CD1 1 
ATOM   376  C  CD2 . LEU A 1 51  ? 1.944   1.599   -1.346  1.00 14.85 ? 236 LEU A CD2 1 
ATOM   377  N  N   . ASN A 1 52  ? 3.981   2.313   3.546   1.00 12.50 ? 237 ASN A N   1 
ATOM   378  C  CA  . ASN A 1 52  ? 3.866   3.389   4.519   1.00 13.93 ? 237 ASN A CA  1 
ATOM   379  C  C   . ASN A 1 52  ? 4.538   4.730   4.185   1.00 13.15 ? 237 ASN A C   1 
ATOM   380  O  O   . ASN A 1 52  ? 5.683   4.970   4.570   1.00 12.65 ? 237 ASN A O   1 
ATOM   381  C  CB  . ASN A 1 52  ? 4.412   2.817   5.838   1.00 14.82 ? 237 ASN A CB  1 
ATOM   382  C  CG  . ASN A 1 52  ? 4.231   3.733   7.033   1.00 13.92 ? 237 ASN A CG  1 
ATOM   383  O  OD1 . ASN A 1 52  ? 5.017   3.664   7.978   1.00 15.26 ? 237 ASN A OD1 1 
ATOM   384  N  ND2 . ASN A 1 52  ? 3.191   4.559   7.025   1.00 14.67 ? 237 ASN A ND2 1 
ATOM   385  N  N   . PRO A 1 53  ? 3.841   5.614   3.443   1.00 12.69 ? 238 PRO A N   1 
ATOM   386  C  CA  . PRO A 1 53  ? 4.440   6.916   3.118   1.00 12.99 ? 238 PRO A CA  1 
ATOM   387  C  C   . PRO A 1 53  ? 4.523   7.740   4.411   1.00 14.86 ? 238 PRO A C   1 
ATOM   388  O  O   . PRO A 1 53  ? 3.547   7.828   5.164   1.00 13.90 ? 238 PRO A O   1 
ATOM   389  C  CB  . PRO A 1 53  ? 3.443   7.522   2.127   1.00 13.13 ? 238 PRO A CB  1 
ATOM   390  C  CG  . PRO A 1 53  ? 2.857   6.317   1.456   1.00 12.56 ? 238 PRO A CG  1 
ATOM   391  C  CD  . PRO A 1 53  ? 2.635   5.381   2.629   1.00 12.15 ? 238 PRO A CD  1 
ATOM   392  N  N   . ARG A 1 54  ? 5.680   8.344   4.659   1.00 14.10 ? 239 ARG A N   1 
ATOM   393  C  CA  . ARG A 1 54  ? 5.883   9.136   5.867   1.00 14.43 ? 239 ARG A CA  1 
ATOM   394  C  C   . ARG A 1 54  ? 6.322   10.550  5.512   1.00 15.29 ? 239 ARG A C   1 
ATOM   395  O  O   . ARG A 1 54  ? 7.366   10.754  4.893   1.00 16.45 ? 239 ARG A O   1 
ATOM   396  C  CB  . ARG A 1 54  ? 6.942   8.478   6.747   1.00 15.27 ? 239 ARG A CB  1 
ATOM   397  C  CG  . ARG A 1 54  ? 6.570   7.083   7.213   1.00 16.55 ? 239 ARG A CG  1 
ATOM   398  C  CD  . ARG A 1 54  ? 7.655   6.495   8.096   1.00 16.04 ? 239 ARG A CD  1 
ATOM   399  N  NE  . ARG A 1 54  ? 7.314   5.142   8.512   1.00 14.45 ? 239 ARG A NE  1 
ATOM   400  C  CZ  . ARG A 1 54  ? 8.047   4.417   9.348   1.00 14.92 ? 239 ARG A CZ  1 
ATOM   401  N  NH1 . ARG A 1 54  ? 9.166   4.923   9.858   1.00 16.33 ? 239 ARG A NH1 1 
ATOM   402  N  NH2 . ARG A 1 54  ? 7.665   3.191   9.669   1.00 14.37 ? 239 ARG A NH2 1 
ATOM   403  N  N   . PHE A 1 55  ? 5.521   11.526  5.914   1.00 16.46 ? 240 PHE A N   1 
ATOM   404  C  CA  . PHE A 1 55  ? 5.821   12.913  5.617   1.00 18.10 ? 240 PHE A CA  1 
ATOM   405  C  C   . PHE A 1 55  ? 6.748   13.513  6.662   1.00 19.85 ? 240 PHE A C   1 
ATOM   406  O  O   . PHE A 1 55  ? 7.471   14.466  6.380   1.00 21.78 ? 240 PHE A O   1 
ATOM   407  C  CB  . PHE A 1 55  ? 4.508   13.676  5.497   1.00 18.34 ? 240 PHE A CB  1 
ATOM   408  C  CG  . PHE A 1 55  ? 3.611   13.116  4.433   1.00 17.55 ? 240 PHE A CG  1 
ATOM   409  C  CD1 . PHE A 1 55  ? 3.835   13.413  3.092   1.00 19.42 ? 240 PHE A CD1 1 
ATOM   410  C  CD2 . PHE A 1 55  ? 2.613   12.204  4.758   1.00 18.81 ? 240 PHE A CD2 1 
ATOM   411  C  CE1 . PHE A 1 55  ? 3.081   12.800  2.088   1.00 18.00 ? 240 PHE A CE1 1 
ATOM   412  C  CE2 . PHE A 1 55  ? 1.853   11.584  3.762   1.00 20.23 ? 240 PHE A CE2 1 
ATOM   413  C  CZ  . PHE A 1 55  ? 2.093   11.885  2.426   1.00 18.49 ? 240 PHE A CZ  1 
ATOM   414  N  N   . ASP A 1 56  ? 6.745   12.939  7.861   1.00 20.25 ? 241 ASP A N   1 
ATOM   415  C  CA  . ASP A 1 56  ? 7.625   13.422  8.914   1.00 22.00 ? 241 ASP A CA  1 
ATOM   416  C  C   . ASP A 1 56  ? 9.053   13.008  8.558   1.00 22.80 ? 241 ASP A C   1 
ATOM   417  O  O   . ASP A 1 56  ? 10.005  13.738  8.829   1.00 22.94 ? 241 ASP A O   1 
ATOM   418  C  CB  . ASP A 1 56  ? 7.212   12.838  10.273  1.00 23.16 ? 241 ASP A CB  1 
ATOM   419  C  CG  . ASP A 1 56  ? 7.369   11.330  10.342  1.00 25.27 ? 241 ASP A CG  1 
ATOM   420  O  OD1 . ASP A 1 56  ? 6.933   10.632  9.403   1.00 21.22 ? 241 ASP A OD1 1 
ATOM   421  O  OD2 . ASP A 1 56  ? 7.922   10.837  11.350  1.00 28.69 ? 241 ASP A OD2 1 
ATOM   422  N  N   . GLU A 1 57  ? 9.198   11.848  7.918   1.00 21.24 ? 242 GLU A N   1 
ATOM   423  C  CA  . GLU A 1 57  ? 10.516  11.356  7.522   1.00 21.82 ? 242 GLU A CA  1 
ATOM   424  C  C   . GLU A 1 57  ? 10.785  11.519  6.025   1.00 21.44 ? 242 GLU A C   1 
ATOM   425  O  O   . GLU A 1 57  ? 11.863  11.172  5.547   1.00 21.65 ? 242 GLU A O   1 
ATOM   426  C  CB  . GLU A 1 57  ? 10.679  9.878   7.903   1.00 22.38 ? 242 GLU A CB  1 
ATOM   427  C  CG  . GLU A 1 57  ? 10.382  9.568   9.361   1.00 24.43 ? 242 GLU A CG  1 
ATOM   428  C  CD  . GLU A 1 57  ? 10.891  8.200   9.788   1.00 26.65 ? 242 GLU A CD  1 
ATOM   429  O  OE1 . GLU A 1 57  ? 10.875  7.263   8.962   1.00 25.65 ? 242 GLU A OE1 1 
ATOM   430  O  OE2 . GLU A 1 57  ? 11.301  8.059   10.958  1.00 30.15 ? 242 GLU A OE2 1 
ATOM   431  N  N   . ASN A 1 58  ? 9.806   12.044  5.291   1.00 22.09 ? 243 ASN A N   1 
ATOM   432  C  CA  . ASN A 1 58  ? 9.957   12.244  3.849   1.00 22.08 ? 243 ASN A CA  1 
ATOM   433  C  C   . ASN A 1 58  ? 10.437  10.948  3.202   1.00 21.59 ? 243 ASN A C   1 
ATOM   434  O  O   . ASN A 1 58  ? 11.451  10.922  2.505   1.00 22.20 ? 243 ASN A O   1 
ATOM   435  C  CB  . ASN A 1 58  ? 10.964  13.371  3.586   1.00 24.69 ? 243 ASN A CB  1 
ATOM   436  C  CG  . ASN A 1 58  ? 11.174  13.643  2.106   1.00 28.14 ? 243 ASN A CG  1 
ATOM   437  O  OD1 . ASN A 1 58  ? 10.217  13.812  1.352   1.00 30.25 ? 243 ASN A OD1 1 
ATOM   438  N  ND2 . ASN A 1 58  ? 12.436  13.703  1.689   1.00 30.45 ? 243 ASN A ND2 1 
ATOM   439  N  N   . ALA A 1 59  ? 9.696   9.871   3.429   1.00 18.63 ? 244 ALA A N   1 
ATOM   440  C  CA  . ALA A 1 59  ? 10.086  8.579   2.884   1.00 17.59 ? 244 ALA A CA  1 
ATOM   441  C  C   . ALA A 1 59  ? 8.899   7.669   2.629   1.00 16.35 ? 244 ALA A C   1 
ATOM   442  O  O   . ALA A 1 59  ? 7.783   7.944   3.063   1.00 17.43 ? 244 ALA A O   1 
ATOM   443  C  CB  . ALA A 1 59  ? 11.052  7.894   3.841   1.00 20.35 ? 244 ALA A CB  1 
ATOM   444  N  N   . VAL A 1 60  ? 9.150   6.586   1.905   1.00 14.46 ? 245 VAL A N   1 
ATOM   445  C  CA  . VAL A 1 60  ? 8.120   5.598   1.625   1.00 14.11 ? 245 VAL A CA  1 
ATOM   446  C  C   . VAL A 1 60  ? 8.690   4.286   2.131   1.00 13.53 ? 245 VAL A C   1 
ATOM   447  O  O   . VAL A 1 60  ? 9.573   3.691   1.508   1.00 14.26 ? 245 VAL A O   1 
ATOM   448  C  CB  . VAL A 1 60  ? 7.815   5.478   0.121   1.00 13.66 ? 245 VAL A CB  1 
ATOM   449  C  CG1 . VAL A 1 60  ? 6.738   4.415   -0.102  1.00 14.30 ? 245 VAL A CG1 1 
ATOM   450  C  CG2 . VAL A 1 60  ? 7.343   6.824   -0.424  1.00 14.46 ? 245 VAL A CG2 1 
ATOM   451  N  N   . VAL A 1 61  ? 8.192   3.851   3.281   1.00 13.37 ? 246 VAL A N   1 
ATOM   452  C  CA  . VAL A 1 61  ? 8.645   2.624   3.916   1.00 14.03 ? 246 VAL A CA  1 
ATOM   453  C  C   . VAL A 1 61  ? 7.810   1.413   3.500   1.00 13.95 ? 246 VAL A C   1 
ATOM   454  O  O   . VAL A 1 61  ? 6.581   1.479   3.461   1.00 14.05 ? 246 VAL A O   1 
ATOM   455  C  CB  . VAL A 1 61  ? 8.577   2.762   5.460   1.00 14.25 ? 246 VAL A CB  1 
ATOM   456  C  CG1 . VAL A 1 61  ? 9.045   1.480   6.126   1.00 16.55 ? 246 VAL A CG1 1 
ATOM   457  C  CG2 . VAL A 1 61  ? 9.427   3.946   5.913   1.00 16.29 ? 246 VAL A CG2 1 
ATOM   458  N  N   . ARG A 1 62  ? 8.485   0.316   3.168   1.00 11.41 ? 247 ARG A N   1 
ATOM   459  C  CA  . ARG A 1 62  ? 7.804   -0.925  2.808   1.00 11.62 ? 247 ARG A CA  1 
ATOM   460  C  C   . ARG A 1 62  ? 8.341   -2.025  3.714   1.00 12.15 ? 247 ARG A C   1 
ATOM   461  O  O   . ARG A 1 62  ? 9.543   -2.096  3.971   1.00 14.00 ? 247 ARG A O   1 
ATOM   462  C  CB  . ARG A 1 62  ? 8.055   -1.315  1.345   1.00 11.64 ? 247 ARG A CB  1 
ATOM   463  C  CG  . ARG A 1 62  ? 7.477   -0.346  0.330   1.00 12.40 ? 247 ARG A CG  1 
ATOM   464  C  CD  . ARG A 1 62  ? 8.453   0.774   0.019   1.00 12.18 ? 247 ARG A CD  1 
ATOM   465  N  NE  . ARG A 1 62  ? 9.542   0.313   -0.840  1.00 13.26 ? 247 ARG A NE  1 
ATOM   466  C  CZ  . ARG A 1 62  ? 10.541  1.082   -1.260  1.00 12.18 ? 247 ARG A CZ  1 
ATOM   467  N  NH1 . ARG A 1 62  ? 11.482  0.574   -2.049  1.00 14.59 ? 247 ARG A NH1 1 
ATOM   468  N  NH2 . ARG A 1 62  ? 10.610  2.349   -0.883  1.00 11.86 ? 247 ARG A NH2 1 
ATOM   469  N  N   . ASN A 1 63  ? 7.452   -2.882  4.200   1.00 11.90 ? 248 ASN A N   1 
ATOM   470  C  CA  . ASN A 1 63  ? 7.875   -3.963  5.080   1.00 13.89 ? 248 ASN A CA  1 
ATOM   471  C  C   . ASN A 1 63  ? 6.794   -5.037  5.172   1.00 14.33 ? 248 ASN A C   1 
ATOM   472  O  O   . ASN A 1 63  ? 5.701   -4.901  4.610   1.00 13.74 ? 248 ASN A O   1 
ATOM   473  C  CB  . ASN A 1 63  ? 8.178   -3.414  6.484   1.00 13.24 ? 248 ASN A CB  1 
ATOM   474  C  CG  . ASN A 1 63  ? 9.253   -4.213  7.212   1.00 15.10 ? 248 ASN A CG  1 
ATOM   475  O  OD1 . ASN A 1 63  ? 9.612   -5.318  6.806   1.00 15.69 ? 248 ASN A OD1 1 
ATOM   476  N  ND2 . ASN A 1 63  ? 9.764   -3.652  8.303   1.00 13.86 ? 248 ASN A ND2 1 
ATOM   477  N  N   . THR A 1 64  ? 7.121   -6.108  5.885   1.00 14.21 ? 249 THR A N   1 
ATOM   478  C  CA  . THR A 1 64  ? 6.222   -7.236  6.091   1.00 14.93 ? 249 THR A CA  1 
ATOM   479  C  C   . THR A 1 64  ? 6.228   -7.564  7.579   1.00 15.22 ? 249 THR A C   1 
ATOM   480  O  O   . THR A 1 64  ? 7.274   -7.477  8.226   1.00 16.18 ? 249 THR A O   1 
ATOM   481  C  CB  . THR A 1 64  ? 6.718   -8.481  5.325   1.00 14.85 ? 249 THR A CB  1 
ATOM   482  O  OG1 . THR A 1 64  ? 6.571   -8.265  3.920   1.00 14.74 ? 249 THR A OG1 1 
ATOM   483  C  CG2 . THR A 1 64  ? 5.943   -9.723  5.743   1.00 17.44 ? 249 THR A CG2 1 
ATOM   484  N  N   . GLN A 1 65  ? 5.067   -7.919  8.121   1.00 16.58 ? 250 GLN A N   1 
ATOM   485  C  CA  . GLN A 1 65  ? 4.979   -8.285  9.532   1.00 17.98 ? 250 GLN A CA  1 
ATOM   486  C  C   . GLN A 1 65  ? 4.476   -9.716  9.623   1.00 20.61 ? 250 GLN A C   1 
ATOM   487  O  O   . GLN A 1 65  ? 3.331   -10.006 9.279   1.00 17.74 ? 250 GLN A O   1 
ATOM   488  C  CB  . GLN A 1 65  ? 4.032   -7.360  10.297  1.00 17.94 ? 250 GLN A CB  1 
ATOM   489  C  CG  . GLN A 1 65  ? 4.252   -7.419  11.813  1.00 21.16 ? 250 GLN A CG  1 
ATOM   490  C  CD  . GLN A 1 65  ? 3.284   -6.552  12.596  1.00 23.22 ? 250 GLN A CD  1 
ATOM   491  O  OE1 . GLN A 1 65  ? 3.624   -6.029  13.659  1.00 27.04 ? 250 GLN A OE1 1 
ATOM   492  N  NE2 . GLN A 1 65  ? 2.070   -6.408  12.084  1.00 24.68 ? 250 GLN A NE2 1 
ATOM   493  N  N   . ILE A 1 66  ? 5.357   -10.604 10.074  1.00 23.43 ? 251 ILE A N   1 
ATOM   494  C  CA  . ILE A 1 66  ? 5.046   -12.022 10.216  1.00 27.71 ? 251 ILE A CA  1 
ATOM   495  C  C   . ILE A 1 66  ? 5.287   -12.420 11.663  1.00 30.38 ? 251 ILE A C   1 
ATOM   496  O  O   . ILE A 1 66  ? 6.348   -12.138 12.223  1.00 31.23 ? 251 ILE A O   1 
ATOM   497  C  CB  . ILE A 1 66  ? 5.943   -12.881 9.299   1.00 26.55 ? 251 ILE A CB  1 
ATOM   498  C  CG1 . ILE A 1 66  ? 5.629   -12.575 7.834   1.00 28.43 ? 251 ILE A CG1 1 
ATOM   499  C  CG2 . ILE A 1 66  ? 5.729   -14.361 9.589   1.00 28.44 ? 251 ILE A CG2 1 
ATOM   500  C  CD1 . ILE A 1 66  ? 6.598   -13.216 6.855   1.00 29.00 ? 251 ILE A CD1 1 
ATOM   501  N  N   . ASP A 1 67  ? 4.299   -13.077 12.259  1.00 33.73 ? 252 ASP A N   1 
ATOM   502  C  CA  . ASP A 1 67  ? 4.387   -13.501 13.649  1.00 35.32 ? 252 ASP A CA  1 
ATOM   503  C  C   . ASP A 1 67  ? 4.683   -12.297 14.539  1.00 35.01 ? 252 ASP A C   1 
ATOM   504  O  O   . ASP A 1 67  ? 5.485   -12.377 15.471  1.00 36.33 ? 252 ASP A O   1 
ATOM   505  C  CB  . ASP A 1 67  ? 5.474   -14.569 13.817  1.00 37.50 ? 252 ASP A CB  1 
ATOM   506  C  CG  . ASP A 1 67  ? 5.148   -15.854 13.075  1.00 39.90 ? 252 ASP A CG  1 
ATOM   507  O  OD1 . ASP A 1 67  ? 4.064   -16.427 13.320  1.00 41.65 ? 252 ASP A OD1 1 
ATOM   508  O  OD2 . ASP A 1 67  ? 5.976   -16.294 12.249  1.00 42.14 ? 252 ASP A OD2 1 
ATOM   509  N  N   . ASN A 1 68  ? 4.028   -11.181 14.225  1.00 33.75 ? 253 ASN A N   1 
ATOM   510  C  CA  . ASN A 1 68  ? 4.160   -9.932  14.976  1.00 31.75 ? 253 ASN A CA  1 
ATOM   511  C  C   . ASN A 1 68  ? 5.543   -9.292  14.899  1.00 30.19 ? 253 ASN A C   1 
ATOM   512  O  O   . ASN A 1 68  ? 5.853   -8.362  15.649  1.00 30.49 ? 253 ASN A O   1 
ATOM   513  C  CB  . ASN A 1 68  ? 3.786   -10.164 16.440  1.00 31.39 ? 253 ASN A CB  1 
ATOM   514  C  CG  . ASN A 1 68  ? 3.623   -8.868  17.208  1.00 31.60 ? 253 ASN A CG  1 
ATOM   515  O  OD1 . ASN A 1 68  ? 2.829   -8.005  16.827  1.00 32.92 ? 253 ASN A OD1 1 
ATOM   516  N  ND2 . ASN A 1 68  ? 4.371   -8.724  18.293  1.00 29.54 ? 253 ASN A ND2 1 
ATOM   517  N  N   . SER A 1 69  ? 6.370   -9.782  13.988  1.00 27.43 ? 254 SER A N   1 
ATOM   518  C  CA  . SER A 1 69  ? 7.712   -9.250  13.836  1.00 25.65 ? 254 SER A CA  1 
ATOM   519  C  C   . SER A 1 69  ? 7.882   -8.535  12.504  1.00 23.26 ? 254 SER A C   1 
ATOM   520  O  O   . SER A 1 69  ? 7.607   -9.108  11.451  1.00 22.57 ? 254 SER A O   1 
ATOM   521  C  CB  . SER A 1 69  ? 8.735   -10.383 13.929  1.00 27.65 ? 254 SER A CB  1 
ATOM   522  O  OG  . SER A 1 69  ? 8.588   -11.096 15.144  1.00 32.59 ? 254 SER A OG  1 
ATOM   523  N  N   . TRP A 1 70  ? 8.330   -7.284  12.554  1.00 21.07 ? 255 TRP A N   1 
ATOM   524  C  CA  . TRP A 1 70  ? 8.566   -6.525  11.334  1.00 19.76 ? 255 TRP A CA  1 
ATOM   525  C  C   . TRP A 1 70  ? 9.907   -6.965  10.766  1.00 19.72 ? 255 TRP A C   1 
ATOM   526  O  O   . TRP A 1 70  ? 10.863  -7.194  11.512  1.00 19.73 ? 255 TRP A O   1 
ATOM   527  C  CB  . TRP A 1 70  ? 8.616   -5.019  11.611  1.00 18.95 ? 255 TRP A CB  1 
ATOM   528  C  CG  . TRP A 1 70  ? 7.281   -4.393  11.819  1.00 18.42 ? 255 TRP A CG  1 
ATOM   529  C  CD1 . TRP A 1 70  ? 6.760   -3.943  12.998  1.00 19.17 ? 255 TRP A CD1 1 
ATOM   530  C  CD2 . TRP A 1 70  ? 6.282   -4.155  10.821  1.00 18.43 ? 255 TRP A CD2 1 
ATOM   531  N  NE1 . TRP A 1 70  ? 5.498   -3.442  12.797  1.00 20.27 ? 255 TRP A NE1 1 
ATOM   532  C  CE2 . TRP A 1 70  ? 5.179   -3.559  11.469  1.00 19.03 ? 255 TRP A CE2 1 
ATOM   533  C  CE3 . TRP A 1 70  ? 6.212   -4.388  9.441   1.00 18.07 ? 255 TRP A CE3 1 
ATOM   534  C  CZ2 . TRP A 1 70  ? 4.015   -3.193  10.786  1.00 18.35 ? 255 TRP A CZ2 1 
ATOM   535  C  CZ3 . TRP A 1 70  ? 5.054   -4.024  8.760   1.00 15.50 ? 255 TRP A CZ3 1 
ATOM   536  C  CH2 . TRP A 1 70  ? 3.971   -3.432  9.434   1.00 17.19 ? 255 TRP A CH2 1 
ATOM   537  N  N   . GLY A 1 71  ? 9.975   -7.089  9.447   1.00 17.00 ? 256 GLY A N   1 
ATOM   538  C  CA  . GLY A 1 71  ? 11.221  -7.487  8.825   1.00 16.72 ? 256 GLY A CA  1 
ATOM   539  C  C   . GLY A 1 71  ? 12.104  -6.287  8.544   1.00 16.71 ? 256 GLY A C   1 
ATOM   540  O  O   . GLY A 1 71  ? 11.985  -5.236  9.182   1.00 15.82 ? 256 GLY A O   1 
ATOM   541  N  N   . SER A 1 72  ? 13.006  -6.453  7.584   1.00 16.19 ? 257 SER A N   1 
ATOM   542  C  CA  . SER A 1 72  ? 13.914  -5.390  7.189   1.00 18.42 ? 257 SER A CA  1 
ATOM   543  C  C   . SER A 1 72  ? 13.166  -4.410  6.282   1.00 16.60 ? 257 SER A C   1 
ATOM   544  O  O   . SER A 1 72  ? 12.594  -4.805  5.267   1.00 17.25 ? 257 SER A O   1 
ATOM   545  C  CB  . SER A 1 72  ? 15.116  -5.993  6.454   1.00 19.07 ? 257 SER A CB  1 
ATOM   546  O  OG  . SER A 1 72  ? 16.015  -4.993  6.015   1.00 24.63 ? 257 SER A OG  1 
ATOM   547  N  N   . GLU A 1 73  ? 13.173  -3.135  6.655   1.00 17.16 ? 258 GLU A N   1 
ATOM   548  C  CA  . GLU A 1 73  ? 12.489  -2.107  5.876   1.00 16.21 ? 258 GLU A CA  1 
ATOM   549  C  C   . GLU A 1 73  ? 13.149  -1.836  4.530   1.00 16.41 ? 258 GLU A C   1 
ATOM   550  O  O   . GLU A 1 73  ? 14.362  -1.967  4.379   1.00 18.00 ? 258 GLU A O   1 
ATOM   551  C  CB  . GLU A 1 73  ? 12.438  -0.793  6.662   1.00 16.68 ? 258 GLU A CB  1 
ATOM   552  C  CG  . GLU A 1 73  ? 11.511  -0.816  7.860   1.00 19.23 ? 258 GLU A CG  1 
ATOM   553  C  CD  . GLU A 1 73  ? 11.504  0.497   8.630   1.00 19.46 ? 258 GLU A CD  1 
ATOM   554  O  OE1 . GLU A 1 73  ? 10.705  0.613   9.579   1.00 20.76 ? 258 GLU A OE1 1 
ATOM   555  O  OE2 . GLU A 1 73  ? 12.291  1.410   8.297   1.00 21.20 ? 258 GLU A OE2 1 
ATOM   556  N  N   . GLU A 1 74  ? 12.329  -1.468  3.552   1.00 16.56 ? 259 GLU A N   1 
ATOM   557  C  CA  . GLU A 1 74  ? 12.811  -1.110  2.226   1.00 17.12 ? 259 GLU A CA  1 
ATOM   558  C  C   . GLU A 1 74  ? 12.368  0.331   2.025   1.00 17.11 ? 259 GLU A C   1 
ATOM   559  O  O   . GLU A 1 74  ? 11.173  0.637   2.074   1.00 15.64 ? 259 GLU A O   1 
ATOM   560  C  CB  . GLU A 1 74  ? 12.216  -2.035  1.156   1.00 17.15 ? 259 GLU A CB  1 
ATOM   561  C  CG  . GLU A 1 74  ? 12.900  -3.397  1.122   1.00 18.16 ? 259 GLU A CG  1 
ATOM   562  C  CD  . GLU A 1 74  ? 12.326  -4.354  0.091   1.00 19.19 ? 259 GLU A CD  1 
ATOM   563  O  OE1 . GLU A 1 74  ? 12.057  -3.928  -1.053  1.00 20.70 ? 259 GLU A OE1 1 
ATOM   564  O  OE2 . GLU A 1 74  ? 12.167  -5.548  0.425   1.00 19.33 ? 259 GLU A OE2 1 
ATOM   565  N  N   . ARG A 1 75  ? 13.339  1.214   1.821   1.00 16.85 ? 260 ARG A N   1 
ATOM   566  C  CA  . ARG A 1 75  ? 13.072  2.636   1.655   1.00 17.26 ? 260 ARG A CA  1 
ATOM   567  C  C   . ARG A 1 75  ? 13.629  3.238   0.367   1.00 17.81 ? 260 ARG A C   1 
ATOM   568  O  O   . ARG A 1 75  ? 13.395  4.413   0.081   1.00 18.87 ? 260 ARG A O   1 
ATOM   569  C  CB  . ARG A 1 75  ? 13.660  3.413   2.835   1.00 19.64 ? 260 ARG A CB  1 
ATOM   570  C  CG  . ARG A 1 75  ? 13.046  3.105   4.195   1.00 19.72 ? 260 ARG A CG  1 
ATOM   571  C  CD  . ARG A 1 75  ? 13.781  3.883   5.286   1.00 23.08 ? 260 ARG A CD  1 
ATOM   572  N  NE  . ARG A 1 75  ? 13.191  3.693   6.609   1.00 21.45 ? 260 ARG A NE  1 
ATOM   573  C  CZ  . ARG A 1 75  ? 12.630  4.663   7.324   1.00 21.36 ? 260 ARG A CZ  1 
ATOM   574  N  NH1 . ARG A 1 75  ? 12.583  5.900   6.846   1.00 22.39 ? 260 ARG A NH1 1 
ATOM   575  N  NH2 . ARG A 1 75  ? 12.111  4.394   8.512   1.00 21.96 ? 260 ARG A NH2 1 
ATOM   576  N  N   . SER A 1 76  ? 14.367  2.450   -0.406  1.00 18.74 ? 261 SER A N   1 
ATOM   577  C  CA  . SER A 1 76  ? 14.950  2.972   -1.635  1.00 19.12 ? 261 SER A CA  1 
ATOM   578  C  C   . SER A 1 76  ? 13.900  3.544   -2.579  1.00 18.22 ? 261 SER A C   1 
ATOM   579  O  O   . SER A 1 76  ? 12.801  3.006   -2.705  1.00 17.37 ? 261 SER A O   1 
ATOM   580  C  CB  . SER A 1 76  ? 15.742  1.883   -2.368  1.00 22.23 ? 261 SER A CB  1 
ATOM   581  O  OG  . SER A 1 76  ? 14.880  0.885   -2.883  1.00 28.40 ? 261 SER A OG  1 
ATOM   582  N  N   . LEU A 1 77  ? 14.254  4.647   -3.234  1.00 17.89 ? 262 LEU A N   1 
ATOM   583  C  CA  . LEU A 1 77  ? 13.385  5.303   -4.204  1.00 17.31 ? 262 LEU A CA  1 
ATOM   584  C  C   . LEU A 1 77  ? 14.246  5.772   -5.367  1.00 17.87 ? 262 LEU A C   1 
ATOM   585  O  O   . LEU A 1 77  ? 15.367  6.238   -5.169  1.00 17.65 ? 262 LEU A O   1 
ATOM   586  C  CB  . LEU A 1 77  ? 12.674  6.508   -3.584  1.00 17.71 ? 262 LEU A CB  1 
ATOM   587  C  CG  . LEU A 1 77  ? 11.561  6.220   -2.573  1.00 16.95 ? 262 LEU A CG  1 
ATOM   588  C  CD1 . LEU A 1 77  ? 11.024  7.541   -2.021  1.00 18.88 ? 262 LEU A CD1 1 
ATOM   589  C  CD2 . LEU A 1 77  ? 10.447  5.429   -3.244  1.00 16.92 ? 262 LEU A CD2 1 
ATOM   590  N  N   . PRO A 1 78  ? 13.732  5.653   -6.600  1.00 18.42 ? 263 PRO A N   1 
ATOM   591  C  CA  . PRO A 1 78  ? 14.469  6.068   -7.798  1.00 18.94 ? 263 PRO A CA  1 
ATOM   592  C  C   . PRO A 1 78  ? 14.362  7.564   -8.067  1.00 20.77 ? 263 PRO A C   1 
ATOM   593  O  O   . PRO A 1 78  ? 15.067  8.105   -8.918  1.00 21.99 ? 263 PRO A O   1 
ATOM   594  C  CB  . PRO A 1 78  ? 13.816  5.237   -8.891  1.00 18.99 ? 263 PRO A CB  1 
ATOM   595  C  CG  . PRO A 1 78  ? 12.383  5.233   -8.461  1.00 19.03 ? 263 PRO A CG  1 
ATOM   596  C  CD  . PRO A 1 78  ? 12.478  4.967   -6.966  1.00 19.06 ? 263 PRO A CD  1 
ATOM   597  N  N   . ARG A 1 79  ? 13.474  8.226   -7.338  1.00 19.77 ? 264 ARG A N   1 
ATOM   598  C  CA  . ARG A 1 79  ? 13.274  9.656   -7.500  1.00 19.85 ? 264 ARG A CA  1 
ATOM   599  C  C   . ARG A 1 79  ? 12.734  10.259  -6.212  1.00 19.80 ? 264 ARG A C   1 
ATOM   600  O  O   . ARG A 1 79  ? 12.637  9.578   -5.190  1.00 19.19 ? 264 ARG A O   1 
ATOM   601  C  CB  . ARG A 1 79  ? 12.309  9.931   -8.659  1.00 20.24 ? 264 ARG A CB  1 
ATOM   602  C  CG  . ARG A 1 79  ? 10.955  9.242   -8.540  1.00 19.55 ? 264 ARG A CG  1 
ATOM   603  C  CD  . ARG A 1 79  ? 10.057  9.632   -9.702  1.00 21.33 ? 264 ARG A CD  1 
ATOM   604  N  NE  . ARG A 1 79  ? 8.736   9.016   -9.621  1.00 22.37 ? 264 ARG A NE  1 
ATOM   605  C  CZ  . ARG A 1 79  ? 8.487   7.736   -9.878  1.00 22.21 ? 264 ARG A CZ  1 
ATOM   606  N  NH1 . ARG A 1 79  ? 9.473   6.925   -10.237 1.00 23.13 ? 264 ARG A NH1 1 
ATOM   607  N  NH2 . ARG A 1 79  ? 7.252   7.268   -9.774  1.00 22.56 ? 264 ARG A NH2 1 
ATOM   608  N  N   . LYS A 1 80  ? 12.382  11.537  -6.269  1.00 19.54 ? 265 LYS A N   1 
ATOM   609  C  CA  . LYS A 1 80  ? 11.868  12.238  -5.103  1.00 19.78 ? 265 LYS A CA  1 
ATOM   610  C  C   . LYS A 1 80  ? 10.525  11.697  -4.614  1.00 19.40 ? 265 LYS A C   1 
ATOM   611  O  O   . LYS A 1 80  ? 9.700   11.224  -5.400  1.00 19.50 ? 265 LYS A O   1 
ATOM   612  C  CB  . LYS A 1 80  ? 11.736  13.732  -5.422  1.00 22.17 ? 265 LYS A CB  1 
ATOM   613  C  CG  . LYS A 1 80  ? 11.280  14.594  -4.257  1.00 27.19 ? 265 LYS A CG  1 
ATOM   614  C  CD  . LYS A 1 80  ? 11.087  16.049  -4.682  1.00 30.83 ? 265 LYS A CD  1 
ATOM   615  C  CE  . LYS A 1 80  ? 12.384  16.660  -5.207  1.00 34.27 ? 265 LYS A CE  1 
ATOM   616  N  NZ  . LYS A 1 80  ? 12.209  18.085  -5.622  1.00 36.27 ? 265 LYS A NZ  1 
ATOM   617  N  N   . MET A 1 81  ? 10.339  11.753  -3.298  1.00 19.21 ? 266 MET A N   1 
ATOM   618  C  CA  . MET A 1 81  ? 9.105   11.341  -2.637  1.00 19.56 ? 266 MET A CA  1 
ATOM   619  C  C   . MET A 1 81  ? 7.933   11.886  -3.464  1.00 19.09 ? 266 MET A C   1 
ATOM   620  O  O   . MET A 1 81  ? 7.764   13.099  -3.574  1.00 19.32 ? 266 MET A O   1 
ATOM   621  C  CB  . MET A 1 81  ? 9.089   11.945  -1.230  1.00 21.45 ? 266 MET A CB  1 
ATOM   622  C  CG  . MET A 1 81  ? 7.728   12.010  -0.580  1.00 21.79 ? 266 MET A CG  1 
ATOM   623  S  SD  . MET A 1 81  ? 7.085   10.370  -0.298  1.00 22.52 ? 266 MET A SD  1 
ATOM   624  C  CE  . MET A 1 81  ? 6.440   10.521  1.361   1.00 23.37 ? 266 MET A CE  1 
ATOM   625  N  N   . PRO A 1 82  ? 7.109   10.996  -4.051  1.00 17.76 ? 267 PRO A N   1 
ATOM   626  C  CA  . PRO A 1 82  ? 5.967   11.420  -4.871  1.00 18.43 ? 267 PRO A CA  1 
ATOM   627  C  C   . PRO A 1 82  ? 4.704   11.890  -4.148  1.00 18.43 ? 267 PRO A C   1 
ATOM   628  O  O   . PRO A 1 82  ? 3.898   12.617  -4.732  1.00 20.06 ? 267 PRO A O   1 
ATOM   629  C  CB  . PRO A 1 82  ? 5.701   10.194  -5.738  1.00 17.78 ? 267 PRO A CB  1 
ATOM   630  C  CG  . PRO A 1 82  ? 6.008   9.077   -4.807  1.00 17.74 ? 267 PRO A CG  1 
ATOM   631  C  CD  . PRO A 1 82  ? 7.294   9.535   -4.130  1.00 16.91 ? 267 PRO A CD  1 
ATOM   632  N  N   . PHE A 1 83  ? 4.521   11.472  -2.899  1.00 17.24 ? 268 PHE A N   1 
ATOM   633  C  CA  . PHE A 1 83  ? 3.347   11.871  -2.125  1.00 17.40 ? 268 PHE A CA  1 
ATOM   634  C  C   . PHE A 1 83  ? 3.603   13.245  -1.523  1.00 17.97 ? 268 PHE A C   1 
ATOM   635  O  O   . PHE A 1 83  ? 4.692   13.508  -1.016  1.00 19.74 ? 268 PHE A O   1 
ATOM   636  C  CB  . PHE A 1 83  ? 3.077   10.859  -1.010  1.00 15.84 ? 268 PHE A CB  1 
ATOM   637  C  CG  . PHE A 1 83  ? 2.747   9.485   -1.509  1.00 15.95 ? 268 PHE A CG  1 
ATOM   638  C  CD1 . PHE A 1 83  ? 1.472   9.191   -1.988  1.00 16.05 ? 268 PHE A CD1 1 
ATOM   639  C  CD2 . PHE A 1 83  ? 3.710   8.485   -1.508  1.00 14.60 ? 268 PHE A CD2 1 
ATOM   640  C  CE1 . PHE A 1 83  ? 1.165   7.914   -2.458  1.00 16.67 ? 268 PHE A CE1 1 
ATOM   641  C  CE2 . PHE A 1 83  ? 3.415   7.207   -1.977  1.00 15.19 ? 268 PHE A CE2 1 
ATOM   642  C  CZ  . PHE A 1 83  ? 2.140   6.921   -2.451  1.00 13.55 ? 268 PHE A CZ  1 
ATOM   643  N  N   . VAL A 1 84  ? 2.596   14.112  -1.584  1.00 18.75 ? 269 VAL A N   1 
ATOM   644  C  CA  . VAL A 1 84  ? 2.714   15.469  -1.060  1.00 20.64 ? 269 VAL A CA  1 
ATOM   645  C  C   . VAL A 1 84  ? 1.486   15.873  -0.242  1.00 19.92 ? 269 VAL A C   1 
ATOM   646  O  O   . VAL A 1 84  ? 0.349   15.617  -0.640  1.00 18.69 ? 269 VAL A O   1 
ATOM   647  C  CB  . VAL A 1 84  ? 2.898   16.479  -2.213  1.00 21.73 ? 269 VAL A CB  1 
ATOM   648  C  CG1 . VAL A 1 84  ? 2.977   17.899  -1.662  1.00 21.75 ? 269 VAL A CG1 1 
ATOM   649  C  CG2 . VAL A 1 84  ? 4.157   16.140  -3.003  1.00 22.38 ? 269 VAL A CG2 1 
ATOM   650  N  N   . ARG A 1 85  ? 1.724   16.507  0.903   1.00 18.78 ? 270 ARG A N   1 
ATOM   651  C  CA  . ARG A 1 85  ? 0.637   16.951  1.767   1.00 19.63 ? 270 ARG A CA  1 
ATOM   652  C  C   . ARG A 1 85  ? -0.378  17.792  1.008   1.00 19.56 ? 270 ARG A C   1 
ATOM   653  O  O   . ARG A 1 85  ? -0.007  18.688  0.250   1.00 20.41 ? 270 ARG A O   1 
ATOM   654  C  CB  . ARG A 1 85  ? 1.188   17.767  2.939   1.00 18.87 ? 270 ARG A CB  1 
ATOM   655  C  CG  . ARG A 1 85  ? 1.813   16.921  4.034   1.00 18.88 ? 270 ARG A CG  1 
ATOM   656  C  CD  . ARG A 1 85  ? 2.544   17.780  5.056   1.00 18.89 ? 270 ARG A CD  1 
ATOM   657  N  NE  . ARG A 1 85  ? 2.913   17.006  6.233   1.00 20.15 ? 270 ARG A NE  1 
ATOM   658  C  CZ  . ARG A 1 85  ? 3.906   17.327  7.058   1.00 20.16 ? 270 ARG A CZ  1 
ATOM   659  N  NH1 . ARG A 1 85  ? 4.634   18.412  6.828   1.00 23.32 ? 270 ARG A NH1 1 
ATOM   660  N  NH2 . ARG A 1 85  ? 4.170   16.565  8.108   1.00 22.02 ? 270 ARG A NH2 1 
ATOM   661  N  N   . GLY A 1 86  ? -1.657  17.489  1.219   1.00 19.33 ? 271 GLY A N   1 
ATOM   662  C  CA  . GLY A 1 86  ? -2.731  18.221  0.570   1.00 20.53 ? 271 GLY A CA  1 
ATOM   663  C  C   . GLY A 1 86  ? -2.906  17.930  -0.907  1.00 21.49 ? 271 GLY A C   1 
ATOM   664  O  O   . GLY A 1 86  ? -3.748  18.539  -1.567  1.00 23.44 ? 271 GLY A O   1 
ATOM   665  N  N   . GLN A 1 87  ? -2.132  16.987  -1.431  1.00 21.52 ? 272 GLN A N   1 
ATOM   666  C  CA  . GLN A 1 87  ? -2.201  16.654  -2.849  1.00 20.74 ? 272 GLN A CA  1 
ATOM   667  C  C   . GLN A 1 87  ? -2.861  15.302  -3.118  1.00 19.72 ? 272 GLN A C   1 
ATOM   668  O  O   . GLN A 1 87  ? -2.632  14.331  -2.397  1.00 17.06 ? 272 GLN A O   1 
ATOM   669  C  CB  . GLN A 1 87  ? -0.787  16.682  -3.434  1.00 22.97 ? 272 GLN A CB  1 
ATOM   670  C  CG  . GLN A 1 87  ? -0.691  16.417  -4.923  1.00 25.78 ? 272 GLN A CG  1 
ATOM   671  C  CD  . GLN A 1 87  ? 0.717   16.631  -5.442  1.00 27.26 ? 272 GLN A CD  1 
ATOM   672  O  OE1 . GLN A 1 87  ? 1.240   17.745  -5.407  1.00 28.20 ? 272 GLN A OE1 1 
ATOM   673  N  NE2 . GLN A 1 87  ? 1.343   15.560  -5.920  1.00 26.29 ? 272 GLN A NE2 1 
ATOM   674  N  N   . SER A 1 88  ? -3.690  15.258  -4.158  1.00 18.65 ? 273 SER A N   1 
ATOM   675  C  CA  . SER A 1 88  ? -4.379  14.033  -4.544  1.00 19.08 ? 273 SER A CA  1 
ATOM   676  C  C   . SER A 1 88  ? -3.379  13.062  -5.155  1.00 18.54 ? 273 SER A C   1 
ATOM   677  O  O   . SER A 1 88  ? -2.362  13.471  -5.717  1.00 19.67 ? 273 SER A O   1 
ATOM   678  C  CB  . SER A 1 88  ? -5.492  14.344  -5.545  1.00 21.44 ? 273 SER A CB  1 
ATOM   679  O  OG  . SER A 1 88  ? -6.515  15.104  -4.925  1.00 25.49 ? 273 SER A OG  1 
ATOM   680  N  N   . PHE A 1 89  ? -3.671  11.774  -5.045  1.00 17.21 ? 274 PHE A N   1 
ATOM   681  C  CA  . PHE A 1 89  ? -2.770  10.757  -5.561  1.00 16.75 ? 274 PHE A CA  1 
ATOM   682  C  C   . PHE A 1 89  ? -3.525  9.509   -5.973  1.00 17.51 ? 274 PHE A C   1 
ATOM   683  O  O   . PHE A 1 89  ? -4.707  9.340   -5.675  1.00 16.98 ? 274 PHE A O   1 
ATOM   684  C  CB  . PHE A 1 89  ? -1.781  10.356  -4.467  1.00 17.08 ? 274 PHE A CB  1 
ATOM   685  C  CG  . PHE A 1 89  ? -2.428  9.610   -3.329  1.00 18.37 ? 274 PHE A CG  1 
ATOM   686  C  CD1 . PHE A 1 89  ? -2.637  8.234   -3.412  1.00 17.39 ? 274 PHE A CD1 1 
ATOM   687  C  CD2 . PHE A 1 89  ? -2.888  10.287  -2.203  1.00 19.14 ? 274 PHE A CD2 1 
ATOM   688  C  CE1 . PHE A 1 89  ? -3.299  7.545   -2.397  1.00 19.13 ? 274 PHE A CE1 1 
ATOM   689  C  CE2 . PHE A 1 89  ? -3.553  9.610   -1.181  1.00 20.49 ? 274 PHE A CE2 1 
ATOM   690  C  CZ  . PHE A 1 89  ? -3.759  8.236   -1.276  1.00 19.59 ? 274 PHE A CZ  1 
ATOM   691  N  N   . SER A 1 90  ? -2.806  8.624   -6.648  1.00 17.74 ? 275 SER A N   1 
ATOM   692  C  CA  . SER A 1 90  ? -3.348  7.341   -7.041  1.00 16.62 ? 275 SER A CA  1 
ATOM   693  C  C   . SER A 1 90  ? -2.207  6.369   -6.801  1.00 14.95 ? 275 SER A C   1 
ATOM   694  O  O   . SER A 1 90  ? -1.035  6.725   -6.948  1.00 16.10 ? 275 SER A O   1 
ATOM   695  C  CB  . SER A 1 90  ? -3.763  7.320   -8.519  1.00 17.69 ? 275 SER A CB  1 
ATOM   696  O  OG  . SER A 1 90  ? -2.641  7.387   -9.378  1.00 21.68 ? 275 SER A OG  1 
ATOM   697  N  N   . VAL A 1 91  ? -2.548  5.158   -6.382  1.00 12.80 ? 276 VAL A N   1 
ATOM   698  C  CA  . VAL A 1 91  ? -1.554  4.121   -6.151  1.00 13.23 ? 276 VAL A CA  1 
ATOM   699  C  C   . VAL A 1 91  ? -2.045  2.894   -6.903  1.00 12.88 ? 276 VAL A C   1 
ATOM   700  O  O   . VAL A 1 91  ? -3.220  2.536   -6.815  1.00 14.06 ? 276 VAL A O   1 
ATOM   701  C  CB  . VAL A 1 91  ? -1.429  3.758   -4.645  1.00 13.85 ? 276 VAL A CB  1 
ATOM   702  C  CG1 . VAL A 1 91  ? -0.537  2.529   -4.475  1.00 14.18 ? 276 VAL A CG1 1 
ATOM   703  C  CG2 . VAL A 1 91  ? -0.845  4.934   -3.863  1.00 14.13 ? 276 VAL A CG2 1 
ATOM   704  N  N   . TRP A 1 92  ? -1.155  2.273   -7.668  1.00 13.28 ? 277 TRP A N   1 
ATOM   705  C  CA  . TRP A 1 92  ? -1.507  1.066   -8.401  1.00 13.81 ? 277 TRP A CA  1 
ATOM   706  C  C   . TRP A 1 92  ? -0.574  -0.034  -7.915  1.00 12.99 ? 277 TRP A C   1 
ATOM   707  O  O   . TRP A 1 92  ? 0.648   0.090   -8.028  1.00 14.39 ? 277 TRP A O   1 
ATOM   708  C  CB  . TRP A 1 92  ? -1.310  1.227   -9.918  1.00 15.36 ? 277 TRP A CB  1 
ATOM   709  C  CG  . TRP A 1 92  ? -2.124  2.293   -10.590 1.00 18.25 ? 277 TRP A CG  1 
ATOM   710  C  CD1 . TRP A 1 92  ? -3.280  2.866   -10.137 1.00 18.72 ? 277 TRP A CD1 1 
ATOM   711  C  CD2 . TRP A 1 92  ? -1.852  2.893   -11.865 1.00 18.56 ? 277 TRP A CD2 1 
ATOM   712  N  NE1 . TRP A 1 92  ? -3.742  3.786   -11.053 1.00 18.68 ? 277 TRP A NE1 1 
ATOM   713  C  CE2 . TRP A 1 92  ? -2.884  3.822   -12.120 1.00 18.75 ? 277 TRP A CE2 1 
ATOM   714  C  CE3 . TRP A 1 92  ? -0.833  2.733   -12.817 1.00 20.33 ? 277 TRP A CE3 1 
ATOM   715  C  CZ2 . TRP A 1 92  ? -2.929  4.592   -13.289 1.00 20.71 ? 277 TRP A CZ2 1 
ATOM   716  C  CZ3 . TRP A 1 92  ? -0.878  3.499   -13.978 1.00 21.50 ? 277 TRP A CZ3 1 
ATOM   717  C  CH2 . TRP A 1 92  ? -1.919  4.417   -14.201 1.00 20.34 ? 277 TRP A CH2 1 
ATOM   718  N  N   . ILE A 1 93  ? -1.146  -1.095  -7.362  1.00 12.72 ? 278 ILE A N   1 
ATOM   719  C  CA  . ILE A 1 93  ? -0.359  -2.227  -6.895  1.00 13.13 ? 278 ILE A CA  1 
ATOM   720  C  C   . ILE A 1 93  ? -0.675  -3.377  -7.838  1.00 13.96 ? 278 ILE A C   1 
ATOM   721  O  O   . ILE A 1 93  ? -1.816  -3.838  -7.899  1.00 15.93 ? 278 ILE A O   1 
ATOM   722  C  CB  . ILE A 1 93  ? -0.745  -2.660  -5.475  1.00 13.42 ? 278 ILE A CB  1 
ATOM   723  C  CG1 . ILE A 1 93  ? -0.622  -1.472  -4.518  1.00 14.00 ? 278 ILE A CG1 1 
ATOM   724  C  CG2 . ILE A 1 93  ? 0.167   -3.808  -5.023  1.00 15.23 ? 278 ILE A CG2 1 
ATOM   725  C  CD1 . ILE A 1 93  ? -1.101  -1.765  -3.111  1.00 15.94 ? 278 ILE A CD1 1 
ATOM   726  N  N   . LEU A 1 94  ? 0.331   -3.819  -8.584  1.00 14.69 ? 279 LEU A N   1 
ATOM   727  C  CA  . LEU A 1 94  ? 0.168   -4.919  -9.524  1.00 14.45 ? 279 LEU A CA  1 
ATOM   728  C  C   . LEU A 1 94  ? 0.930   -6.117  -8.992  1.00 15.13 ? 279 LEU A C   1 
ATOM   729  O  O   . LEU A 1 94  ? 2.130   -6.032  -8.721  1.00 16.11 ? 279 LEU A O   1 
ATOM   730  C  CB  . LEU A 1 94  ? 0.715   -4.531  -10.900 1.00 15.24 ? 279 LEU A CB  1 
ATOM   731  C  CG  . LEU A 1 94  ? 0.760   -5.633  -11.967 1.00 14.85 ? 279 LEU A CG  1 
ATOM   732  C  CD1 . LEU A 1 94  ? -0.650  -6.077  -12.322 1.00 16.67 ? 279 LEU A CD1 1 
ATOM   733  C  CD2 . LEU A 1 94  ? 1.475   -5.104  -13.206 1.00 17.35 ? 279 LEU A CD2 1 
ATOM   734  N  N   . CYS A 1 95  ? 0.234   -7.233  -8.831  1.00 15.31 ? 280 CYS A N   1 
ATOM   735  C  CA  . CYS A 1 95  ? 0.880   -8.435  -8.334  1.00 16.45 ? 280 CYS A CA  1 
ATOM   736  C  C   . CYS A 1 95  ? 1.415   -9.267  -9.490  1.00 18.99 ? 280 CYS A C   1 
ATOM   737  O  O   . CYS A 1 95  ? 0.718   -9.491  -10.481 1.00 18.64 ? 280 CYS A O   1 
ATOM   738  C  CB  . CYS A 1 95  ? -0.102  -9.269  -7.513  1.00 17.10 ? 280 CYS A CB  1 
ATOM   739  S  SG  . CYS A 1 95  ? 0.625   -10.745 -6.756  1.00 19.32 ? 280 CYS A SG  1 
ATOM   740  N  N   . GLU A 1 96  ? 2.665   -9.698  -9.362  1.00 18.19 ? 281 GLU A N   1 
ATOM   741  C  CA  . GLU A 1 96  ? 3.293   -10.544 -10.365 1.00 20.11 ? 281 GLU A CA  1 
ATOM   742  C  C   . GLU A 1 96  ? 3.686   -11.826 -9.644  1.00 20.50 ? 281 GLU A C   1 
ATOM   743  O  O   . GLU A 1 96  ? 3.452   -11.960 -8.445  1.00 19.39 ? 281 GLU A O   1 
ATOM   744  C  CB  . GLU A 1 96  ? 4.526   -9.866  -10.968 1.00 22.07 ? 281 GLU A CB  1 
ATOM   745  C  CG  . GLU A 1 96  ? 4.214   -8.731  -11.937 1.00 26.48 ? 281 GLU A CG  1 
ATOM   746  C  CD  . GLU A 1 96  ? 3.213   -9.127  -13.014 1.00 29.28 ? 281 GLU A CD  1 
ATOM   747  O  OE1 . GLU A 1 96  ? 3.259   -10.282 -13.486 1.00 31.01 ? 281 GLU A OE1 1 
ATOM   748  O  OE2 . GLU A 1 96  ? 2.382   -8.277  -13.402 1.00 32.96 ? 281 GLU A OE2 1 
ATOM   749  N  N   . ALA A 1 97  ? 4.283   -12.765 -10.364 1.00 20.90 ? 282 ALA A N   1 
ATOM   750  C  CA  . ALA A 1 97  ? 4.667   -14.031 -9.754  1.00 21.78 ? 282 ALA A CA  1 
ATOM   751  C  C   . ALA A 1 97  ? 5.711   -13.914 -8.647  1.00 22.64 ? 282 ALA A C   1 
ATOM   752  O  O   . ALA A 1 97  ? 5.610   -14.590 -7.625  1.00 23.52 ? 282 ALA A O   1 
ATOM   753  C  CB  . ALA A 1 97  ? 5.166   -14.994 -10.834 1.00 22.10 ? 282 ALA A CB  1 
ATOM   754  N  N   . HIS A 1 98  ? 6.703   -13.050 -8.834  1.00 23.73 ? 283 HIS A N   1 
ATOM   755  C  CA  . HIS A 1 98  ? 7.771   -12.923 -7.851  1.00 23.94 ? 283 HIS A CA  1 
ATOM   756  C  C   . HIS A 1 98  ? 7.780   -11.641 -7.032  1.00 22.93 ? 283 HIS A C   1 
ATOM   757  O  O   . HIS A 1 98  ? 8.515   -11.534 -6.052  1.00 21.45 ? 283 HIS A O   1 
ATOM   758  C  CB  . HIS A 1 98  ? 9.123   -13.080 -8.553  1.00 27.82 ? 283 HIS A CB  1 
ATOM   759  C  CG  . HIS A 1 98  ? 9.205   -14.288 -9.435  1.00 32.14 ? 283 HIS A CG  1 
ATOM   760  N  ND1 . HIS A 1 98  ? 8.969   -15.565 -8.973  1.00 33.95 ? 283 HIS A ND1 1 
ATOM   761  C  CD2 . HIS A 1 98  ? 9.487   -14.411 -10.754 1.00 33.66 ? 283 HIS A CD2 1 
ATOM   762  C  CE1 . HIS A 1 98  ? 9.100   -16.423 -9.970  1.00 34.21 ? 283 HIS A CE1 1 
ATOM   763  N  NE2 . HIS A 1 98  ? 9.415   -15.749 -11.061 1.00 35.50 ? 283 HIS A NE2 1 
ATOM   764  N  N   . CYS A 1 99  ? 6.967   -10.668 -7.417  1.00 21.11 ? 284 CYS A N   1 
ATOM   765  C  CA  . CYS A 1 99  ? 6.960   -9.412  -6.683  1.00 19.90 ? 284 CYS A CA  1 
ATOM   766  C  C   . CYS A 1 99  ? 5.715   -8.595  -6.940  1.00 18.39 ? 284 CYS A C   1 
ATOM   767  O  O   . CYS A 1 99  ? 4.902   -8.923  -7.797  1.00 17.60 ? 284 CYS A O   1 
ATOM   768  C  CB  . CYS A 1 99  ? 8.165   -8.565  -7.096  1.00 20.14 ? 284 CYS A CB  1 
ATOM   769  S  SG  . CYS A 1 99  ? 8.028   -7.879  -8.779  1.00 27.12 ? 284 CYS A SG  1 
ATOM   770  N  N   . LEU A 1 100 ? 5.584   -7.524  -6.165  1.00 16.70 ? 285 LEU A N   1 
ATOM   771  C  CA  . LEU A 1 100 ? 4.495   -6.579  -6.317  1.00 15.58 ? 285 LEU A CA  1 
ATOM   772  C  C   . LEU A 1 100 ? 5.161   -5.391  -6.996  1.00 16.54 ? 285 LEU A C   1 
ATOM   773  O  O   . LEU A 1 100 ? 6.290   -5.039  -6.655  1.00 16.61 ? 285 LEU A O   1 
ATOM   774  C  CB  . LEU A 1 100 ? 3.972   -6.127  -4.953  1.00 14.93 ? 285 LEU A CB  1 
ATOM   775  C  CG  . LEU A 1 100 ? 3.290   -7.143  -4.043  1.00 16.54 ? 285 LEU A CG  1 
ATOM   776  C  CD1 . LEU A 1 100 ? 3.079   -6.525  -2.664  1.00 17.36 ? 285 LEU A CD1 1 
ATOM   777  C  CD2 . LEU A 1 100 ? 1.962   -7.564  -4.648  1.00 17.28 ? 285 LEU A CD2 1 
ATOM   778  N  N   . LYS A 1 101 ? 4.490   -4.795  -7.974  1.00 15.72 ? 286 LYS A N   1 
ATOM   779  C  CA  . LYS A 1 101 ? 5.028   -3.617  -8.635  1.00 16.63 ? 286 LYS A CA  1 
ATOM   780  C  C   . LYS A 1 101 ? 4.092   -2.488  -8.238  1.00 16.33 ? 286 LYS A C   1 
ATOM   781  O  O   . LYS A 1 101 ? 2.875   -2.611  -8.361  1.00 16.52 ? 286 LYS A O   1 
ATOM   782  C  CB  . LYS A 1 101 ? 5.053   -3.793  -10.153 1.00 18.02 ? 286 LYS A CB  1 
ATOM   783  C  CG  . LYS A 1 101 ? 6.039   -4.853  -10.622 1.00 21.50 ? 286 LYS A CG  1 
ATOM   784  C  CD  . LYS A 1 101 ? 6.216   -4.813  -12.130 1.00 25.63 ? 286 LYS A CD  1 
ATOM   785  C  CE  . LYS A 1 101 ? 7.222   -5.855  -12.594 1.00 27.81 ? 286 LYS A CE  1 
ATOM   786  N  NZ  . LYS A 1 101 ? 7.425   -5.791  -14.068 1.00 30.63 ? 286 LYS A NZ  1 
ATOM   787  N  N   . VAL A 1 102 ? 4.661   -1.396  -7.743  1.00 13.42 ? 287 VAL A N   1 
ATOM   788  C  CA  . VAL A 1 102 ? 3.856   -0.274  -7.293  1.00 13.75 ? 287 VAL A CA  1 
ATOM   789  C  C   . VAL A 1 102 ? 4.121   1.003   -8.061  1.00 13.07 ? 287 VAL A C   1 
ATOM   790  O  O   . VAL A 1 102 ? 5.270   1.414   -8.235  1.00 12.88 ? 287 VAL A O   1 
ATOM   791  C  CB  . VAL A 1 102 ? 4.101   -0.006  -5.787  1.00 13.12 ? 287 VAL A CB  1 
ATOM   792  C  CG1 . VAL A 1 102 ? 3.256   1.176   -5.308  1.00 13.69 ? 287 VAL A CG1 1 
ATOM   793  C  CG2 . VAL A 1 102 ? 3.774   -1.265  -4.990  1.00 14.24 ? 287 VAL A CG2 1 
ATOM   794  N  N   . ALA A 1 103 ? 3.044   1.623   -8.529  1.00 13.64 ? 288 ALA A N   1 
ATOM   795  C  CA  . ALA A 1 103 ? 3.146   2.880   -9.248  1.00 13.53 ? 288 ALA A CA  1 
ATOM   796  C  C   . ALA A 1 103 ? 2.383   3.924   -8.441  1.00 12.87 ? 288 ALA A C   1 
ATOM   797  O  O   . ALA A 1 103 ? 1.449   3.595   -7.706  1.00 13.79 ? 288 ALA A O   1 
ATOM   798  C  CB  . ALA A 1 103 ? 2.541   2.746   -10.639 1.00 14.64 ? 288 ALA A CB  1 
ATOM   799  N  N   . VAL A 1 104 ? 2.815   5.174   -8.555  1.00 13.37 ? 289 VAL A N   1 
ATOM   800  C  CA  . VAL A 1 104 ? 2.164   6.281   -7.877  1.00 14.14 ? 289 VAL A CA  1 
ATOM   801  C  C   . VAL A 1 104 ? 1.927   7.339   -8.945  1.00 15.42 ? 289 VAL A C   1 
ATOM   802  O  O   . VAL A 1 104 ? 2.829   7.666   -9.721  1.00 14.82 ? 289 VAL A O   1 
ATOM   803  C  CB  . VAL A 1 104 ? 3.041   6.850   -6.734  1.00 14.33 ? 289 VAL A CB  1 
ATOM   804  C  CG1 . VAL A 1 104 ? 2.361   8.071   -6.115  1.00 14.41 ? 289 VAL A CG1 1 
ATOM   805  C  CG2 . VAL A 1 104 ? 3.253   5.779   -5.660  1.00 12.33 ? 289 VAL A CG2 1 
ATOM   806  N  N   . ASP A 1 105 ? 0.700   7.842   -9.003  1.00 15.05 ? 290 ASP A N   1 
ATOM   807  C  CA  . ASP A 1 105 ? 0.330   8.848   -9.987  1.00 16.92 ? 290 ASP A CA  1 
ATOM   808  C  C   . ASP A 1 105 ? 0.680   8.428   -11.415 1.00 16.88 ? 290 ASP A C   1 
ATOM   809  O  O   . ASP A 1 105 ? 1.192   9.223   -12.212 1.00 17.50 ? 290 ASP A O   1 
ATOM   810  C  CB  . ASP A 1 105 ? 0.981   10.189  -9.635  1.00 17.65 ? 290 ASP A CB  1 
ATOM   811  C  CG  . ASP A 1 105 ? 0.447   10.761  -8.332  1.00 18.79 ? 290 ASP A CG  1 
ATOM   812  O  OD1 . ASP A 1 105 ? -0.658  10.344  -7.914  1.00 20.17 ? 290 ASP A OD1 1 
ATOM   813  O  OD2 . ASP A 1 105 ? 1.120   11.626  -7.732  1.00 22.12 ? 290 ASP A OD2 1 
ATOM   814  N  N   . GLY A 1 106 ? 0.397   7.163   -11.721 1.00 18.65 ? 291 GLY A N   1 
ATOM   815  C  CA  . GLY A 1 106 ? 0.633   6.628   -13.054 1.00 18.38 ? 291 GLY A CA  1 
ATOM   816  C  C   . GLY A 1 106 ? 2.053   6.276   -13.452 1.00 19.22 ? 291 GLY A C   1 
ATOM   817  O  O   . GLY A 1 106 ? 2.292   5.886   -14.597 1.00 20.31 ? 291 GLY A O   1 
ATOM   818  N  N   . GLN A 1 107 ? 2.996   6.391   -12.523 1.00 17.51 ? 292 GLN A N   1 
ATOM   819  C  CA  . GLN A 1 107 ? 4.389   6.095   -12.830 1.00 17.20 ? 292 GLN A CA  1 
ATOM   820  C  C   . GLN A 1 107 ? 4.989   5.074   -11.873 1.00 16.90 ? 292 GLN A C   1 
ATOM   821  O  O   . GLN A 1 107 ? 4.927   5.246   -10.653 1.00 15.04 ? 292 GLN A O   1 
ATOM   822  C  CB  . GLN A 1 107 ? 5.213   7.381   -12.776 1.00 18.43 ? 292 GLN A CB  1 
ATOM   823  C  CG  . GLN A 1 107 ? 6.669   7.200   -13.166 1.00 19.46 ? 292 GLN A CG  1 
ATOM   824  C  CD  . GLN A 1 107 ? 7.484   8.466   -12.996 1.00 21.19 ? 292 GLN A CD  1 
ATOM   825  O  OE1 . GLN A 1 107 ? 6.961   9.515   -12.616 1.00 24.19 ? 292 GLN A OE1 1 
ATOM   826  N  NE2 . GLN A 1 107 ? 8.775   8.374   -13.280 1.00 21.57 ? 292 GLN A NE2 1 
ATOM   827  N  N   . HIS A 1 108 ? 5.579   4.020   -12.431 1.00 16.42 ? 293 HIS A N   1 
ATOM   828  C  CA  . HIS A 1 108 ? 6.202   2.975   -11.623 1.00 16.31 ? 293 HIS A CA  1 
ATOM   829  C  C   . HIS A 1 108 ? 7.160   3.595   -10.614 1.00 16.86 ? 293 HIS A C   1 
ATOM   830  O  O   . HIS A 1 108 ? 7.958   4.468   -10.960 1.00 17.12 ? 293 HIS A O   1 
ATOM   831  C  CB  . HIS A 1 108 ? 6.977   2.003   -12.511 1.00 17.74 ? 293 HIS A CB  1 
ATOM   832  C  CG  . HIS A 1 108 ? 7.670   0.920   -11.748 1.00 18.98 ? 293 HIS A CG  1 
ATOM   833  N  ND1 . HIS A 1 108 ? 6.987   -0.099  -11.120 1.00 19.53 ? 293 HIS A ND1 1 
ATOM   834  C  CD2 . HIS A 1 108 ? 8.981   0.716   -11.482 1.00 19.44 ? 293 HIS A CD2 1 
ATOM   835  C  CE1 . HIS A 1 108 ? 7.851   -0.885  -10.499 1.00 20.09 ? 293 HIS A CE1 1 
ATOM   836  N  NE2 . HIS A 1 108 ? 9.067   -0.411  -10.702 1.00 20.46 ? 293 HIS A NE2 1 
ATOM   837  N  N   . LEU A 1 109 ? 7.085   3.136   -9.368  1.00 14.14 ? 294 LEU A N   1 
ATOM   838  C  CA  . LEU A 1 109 ? 7.945   3.659   -8.323  1.00 14.39 ? 294 LEU A CA  1 
ATOM   839  C  C   . LEU A 1 109 ? 8.919   2.612   -7.789  1.00 13.41 ? 294 LEU A C   1 
ATOM   840  O  O   . LEU A 1 109 ? 10.110  2.875   -7.680  1.00 14.38 ? 294 LEU A O   1 
ATOM   841  C  CB  . LEU A 1 109 ? 7.099   4.223   -7.174  1.00 14.58 ? 294 LEU A CB  1 
ATOM   842  C  CG  . LEU A 1 109 ? 7.871   4.945   -6.060  1.00 14.85 ? 294 LEU A CG  1 
ATOM   843  C  CD1 . LEU A 1 109 ? 8.549   6.199   -6.618  1.00 15.44 ? 294 LEU A CD1 1 
ATOM   844  C  CD2 . LEU A 1 109 ? 6.908   5.323   -4.939  1.00 14.40 ? 294 LEU A CD2 1 
ATOM   845  N  N   . PHE A 1 110 ? 8.421   1.426   -7.459  1.00 13.04 ? 295 PHE A N   1 
ATOM   846  C  CA  . PHE A 1 110 ? 9.298   0.384   -6.935  1.00 13.30 ? 295 PHE A CA  1 
ATOM   847  C  C   . PHE A 1 110 ? 8.701   -1.005  -7.048  1.00 14.51 ? 295 PHE A C   1 
ATOM   848  O  O   . PHE A 1 110 ? 7.529   -1.175  -7.382  1.00 12.97 ? 295 PHE A O   1 
ATOM   849  C  CB  . PHE A 1 110 ? 9.642   0.669   -5.460  1.00 15.01 ? 295 PHE A CB  1 
ATOM   850  C  CG  . PHE A 1 110 ? 8.456   0.593   -4.527  1.00 12.73 ? 295 PHE A CG  1 
ATOM   851  C  CD1 . PHE A 1 110 ? 7.944   -0.640  -4.122  1.00 13.08 ? 295 PHE A CD1 1 
ATOM   852  C  CD2 . PHE A 1 110 ? 7.826   1.753   -4.089  1.00 14.23 ? 295 PHE A CD2 1 
ATOM   853  C  CE1 . PHE A 1 110 ? 6.817   -0.718  -3.299  1.00 13.38 ? 295 PHE A CE1 1 
ATOM   854  C  CE2 . PHE A 1 110 ? 6.702   1.689   -3.268  1.00 14.17 ? 295 PHE A CE2 1 
ATOM   855  C  CZ  . PHE A 1 110 ? 6.196   0.450   -2.874  1.00 11.42 ? 295 PHE A CZ  1 
ATOM   856  N  N   . GLU A 1 111 ? 9.535   -2.000  -6.769  1.00 14.77 ? 296 GLU A N   1 
ATOM   857  C  CA  . GLU A 1 111 ? 9.120   -3.393  -6.779  1.00 16.19 ? 296 GLU A CA  1 
ATOM   858  C  C   . GLU A 1 111 ? 9.355   -3.901  -5.362  1.00 15.83 ? 296 GLU A C   1 
ATOM   859  O  O   . GLU A 1 111 ? 10.242  -3.411  -4.662  1.00 15.51 ? 296 GLU A O   1 
ATOM   860  C  CB  . GLU A 1 111 ? 9.972   -4.207  -7.757  1.00 20.74 ? 296 GLU A CB  1 
ATOM   861  C  CG  . GLU A 1 111 ? 9.946   -3.693  -9.185  1.00 27.39 ? 296 GLU A CG  1 
ATOM   862  C  CD  . GLU A 1 111 ? 10.825  -4.508  -10.106 1.00 32.25 ? 296 GLU A CD  1 
ATOM   863  O  OE1 . GLU A 1 111 ? 12.036  -4.620  -9.821  1.00 36.40 ? 296 GLU A OE1 1 
ATOM   864  O  OE2 . GLU A 1 111 ? 10.307  -5.036  -11.114 1.00 35.80 ? 296 GLU A OE2 1 
ATOM   865  N  N   . TYR A 1 112 ? 8.553   -4.870  -4.939  1.00 15.22 ? 297 TYR A N   1 
ATOM   866  C  CA  . TYR A 1 112 ? 8.685   -5.453  -3.611  1.00 15.52 ? 297 TYR A CA  1 
ATOM   867  C  C   . TYR A 1 112 ? 8.594   -6.967  -3.774  1.00 15.95 ? 297 TYR A C   1 
ATOM   868  O  O   . TYR A 1 112 ? 7.525   -7.501  -4.060  1.00 14.94 ? 297 TYR A O   1 
ATOM   869  C  CB  . TYR A 1 112 ? 7.555   -4.967  -2.698  1.00 14.94 ? 297 TYR A CB  1 
ATOM   870  C  CG  . TYR A 1 112 ? 7.707   -5.361  -1.240  1.00 13.35 ? 297 TYR A CG  1 
ATOM   871  C  CD1 . TYR A 1 112 ? 8.462   -4.580  -0.362  1.00 13.78 ? 297 TYR A CD1 1 
ATOM   872  C  CD2 . TYR A 1 112 ? 7.071   -6.492  -0.732  1.00 13.19 ? 297 TYR A CD2 1 
ATOM   873  C  CE1 . TYR A 1 112 ? 8.573   -4.908  0.986   1.00 14.15 ? 297 TYR A CE1 1 
ATOM   874  C  CE2 . TYR A 1 112 ? 7.179   -6.836  0.621   1.00 13.72 ? 297 TYR A CE2 1 
ATOM   875  C  CZ  . TYR A 1 112 ? 7.928   -6.033  1.472   1.00 13.62 ? 297 TYR A CZ  1 
ATOM   876  O  OH  . TYR A 1 112 ? 8.021   -6.338  2.810   1.00 14.45 ? 297 TYR A OH  1 
ATOM   877  N  N   . TYR A 1 113 ? 9.719   -7.657  -3.605  1.00 15.98 ? 298 TYR A N   1 
ATOM   878  C  CA  . TYR A 1 113 ? 9.726   -9.110  -3.740  1.00 17.75 ? 298 TYR A CA  1 
ATOM   879  C  C   . TYR A 1 113 ? 8.840   -9.733  -2.672  1.00 17.34 ? 298 TYR A C   1 
ATOM   880  O  O   . TYR A 1 113 ? 8.884   -9.330  -1.511  1.00 17.16 ? 298 TYR A O   1 
ATOM   881  C  CB  . TYR A 1 113 ? 11.159  -9.644  -3.626  1.00 21.90 ? 298 TYR A CB  1 
ATOM   882  C  CG  . TYR A 1 113 ? 11.972  -9.475  -4.891  1.00 25.36 ? 298 TYR A CG  1 
ATOM   883  C  CD1 . TYR A 1 113 ? 11.812  -10.349 -5.965  1.00 28.26 ? 298 TYR A CD1 1 
ATOM   884  C  CD2 . TYR A 1 113 ? 12.879  -8.424  -5.028  1.00 29.19 ? 298 TYR A CD2 1 
ATOM   885  C  CE1 . TYR A 1 113 ? 12.533  -10.182 -7.147  1.00 31.29 ? 298 TYR A CE1 1 
ATOM   886  C  CE2 . TYR A 1 113 ? 13.605  -8.248  -6.206  1.00 31.64 ? 298 TYR A CE2 1 
ATOM   887  C  CZ  . TYR A 1 113 ? 13.425  -9.130  -7.261  1.00 33.15 ? 298 TYR A CZ  1 
ATOM   888  O  OH  . TYR A 1 113 ? 14.128  -8.958  -8.433  1.00 36.57 ? 298 TYR A OH  1 
ATOM   889  N  N   . HIS A 1 114 ? 8.023   -10.706 -3.066  1.00 17.02 ? 299 HIS A N   1 
ATOM   890  C  CA  . HIS A 1 114 ? 7.123   -11.363 -2.126  1.00 17.27 ? 299 HIS A CA  1 
ATOM   891  C  C   . HIS A 1 114 ? 7.889   -12.008 -0.978  1.00 18.88 ? 299 HIS A C   1 
ATOM   892  O  O   . HIS A 1 114 ? 8.898   -12.679 -1.193  1.00 18.56 ? 299 HIS A O   1 
ATOM   893  C  CB  . HIS A 1 114 ? 6.292   -12.455 -2.817  1.00 17.67 ? 299 HIS A CB  1 
ATOM   894  C  CG  . HIS A 1 114 ? 5.375   -11.949 -3.885  1.00 17.98 ? 299 HIS A CG  1 
ATOM   895  N  ND1 . HIS A 1 114 ? 4.476   -10.925 -3.674  1.00 18.58 ? 299 HIS A ND1 1 
ATOM   896  C  CD2 . HIS A 1 114 ? 5.189   -12.356 -5.165  1.00 17.10 ? 299 HIS A CD2 1 
ATOM   897  C  CE1 . HIS A 1 114 ? 3.776   -10.724 -4.777  1.00 17.64 ? 299 HIS A CE1 1 
ATOM   898  N  NE2 . HIS A 1 114 ? 4.188   -11.579 -5.696  1.00 18.20 ? 299 HIS A NE2 1 
ATOM   899  N  N   . ARG A 1 115 ? 7.410   -11.789 0.244   1.00 17.62 ? 300 ARG A N   1 
ATOM   900  C  CA  . ARG A 1 115 ? 8.024   -12.397 1.416   1.00 17.75 ? 300 ARG A CA  1 
ATOM   901  C  C   . ARG A 1 115 ? 7.033   -13.462 1.872   1.00 19.20 ? 300 ARG A C   1 
ATOM   902  O  O   . ARG A 1 115 ? 7.419   -14.535 2.332   1.00 21.79 ? 300 ARG A O   1 
ATOM   903  C  CB  . ARG A 1 115 ? 8.278   -11.351 2.503   1.00 16.10 ? 300 ARG A CB  1 
ATOM   904  C  CG  . ARG A 1 115 ? 9.268   -10.282 2.074   1.00 15.33 ? 300 ARG A CG  1 
ATOM   905  C  CD  . ARG A 1 115 ? 9.711   -9.427  3.247   1.00 14.64 ? 300 ARG A CD  1 
ATOM   906  N  NE  . ARG A 1 115 ? 10.363  -8.196  2.812   1.00 16.06 ? 300 ARG A NE  1 
ATOM   907  C  CZ  . ARG A 1 115 ? 10.727  -7.221  3.639   1.00 15.10 ? 300 ARG A CZ  1 
ATOM   908  N  NH1 . ARG A 1 115 ? 10.514  -7.345  4.943   1.00 16.82 ? 300 ARG A NH1 1 
ATOM   909  N  NH2 . ARG A 1 115 ? 11.270  -6.109  3.166   1.00 16.78 ? 300 ARG A NH2 1 
ATOM   910  N  N   . LEU A 1 116 ? 5.748   -13.150 1.737   1.00 19.78 ? 301 LEU A N   1 
ATOM   911  C  CA  . LEU A 1 116 ? 4.681   -14.096 2.045   1.00 20.51 ? 301 LEU A CA  1 
ATOM   912  C  C   . LEU A 1 116 ? 4.314   -14.521 0.623   1.00 22.31 ? 301 LEU A C   1 
ATOM   913  O  O   . LEU A 1 116 ? 3.668   -13.773 -0.115  1.00 21.01 ? 301 LEU A O   1 
ATOM   914  C  CB  . LEU A 1 116 ? 3.511   -13.386 2.730   1.00 24.04 ? 301 LEU A CB  1 
ATOM   915  C  CG  . LEU A 1 116 ? 2.934   -14.105 3.952   1.00 27.32 ? 301 LEU A CG  1 
ATOM   916  C  CD1 . LEU A 1 116 ? 4.059   -14.442 4.922   1.00 28.86 ? 301 LEU A CD1 1 
ATOM   917  C  CD2 . LEU A 1 116 ? 1.892   -13.228 4.623   1.00 27.73 ? 301 LEU A CD2 1 
ATOM   918  N  N   . ARG A 1 117 ? 4.744   -15.718 0.238   1.00 22.00 ? 302 ARG A N   1 
ATOM   919  C  CA  . ARG A 1 117 ? 4.545   -16.207 -1.123  1.00 23.79 ? 302 ARG A CA  1 
ATOM   920  C  C   . ARG A 1 117 ? 3.257   -16.931 -1.503  1.00 23.54 ? 302 ARG A C   1 
ATOM   921  O  O   . ARG A 1 117 ? 3.002   -17.140 -2.691  1.00 25.00 ? 302 ARG A O   1 
ATOM   922  C  CB  . ARG A 1 117 ? 5.744   -17.072 -1.510  1.00 24.86 ? 302 ARG A CB  1 
ATOM   923  C  CG  . ARG A 1 117 ? 7.080   -16.359 -1.352  1.00 27.63 ? 302 ARG A CG  1 
ATOM   924  C  CD  . ARG A 1 117 ? 8.220   -17.274 -1.738  1.00 30.81 ? 302 ARG A CD  1 
ATOM   925  N  NE  . ARG A 1 117 ? 8.157   -17.627 -3.153  1.00 35.07 ? 302 ARG A NE  1 
ATOM   926  C  CZ  . ARG A 1 117 ? 8.812   -18.645 -3.700  1.00 35.04 ? 302 ARG A CZ  1 
ATOM   927  N  NH1 . ARG A 1 117 ? 8.696   -18.888 -4.997  1.00 36.23 ? 302 ARG A NH1 1 
ATOM   928  N  NH2 . ARG A 1 117 ? 9.572   -19.427 -2.947  1.00 37.16 ? 302 ARG A NH2 1 
ATOM   929  N  N   . ASN A 1 118 ? 2.447   -17.325 -0.527  1.00 22.24 ? 303 ASN A N   1 
ATOM   930  C  CA  . ASN A 1 118 ? 1.198   -18.006 -0.851  1.00 23.38 ? 303 ASN A CA  1 
ATOM   931  C  C   . ASN A 1 118 ? 0.188   -16.911 -1.190  1.00 22.63 ? 303 ASN A C   1 
ATOM   932  O  O   . ASN A 1 118 ? -0.678  -16.575 -0.384  1.00 21.81 ? 303 ASN A O   1 
ATOM   933  C  CB  . ASN A 1 118 ? 0.706   -18.828 0.342   1.00 26.33 ? 303 ASN A CB  1 
ATOM   934  C  CG  . ASN A 1 118 ? -0.318  -19.874 -0.058  1.00 28.59 ? 303 ASN A CG  1 
ATOM   935  O  OD1 . ASN A 1 118 ? -1.118  -19.661 -0.969  1.00 31.05 ? 303 ASN A OD1 1 
ATOM   936  N  ND2 . ASN A 1 118 ? -0.307  -21.009 0.634   1.00 30.33 ? 303 ASN A ND2 1 
ATOM   937  N  N   . LEU A 1 119 ? 0.310   -16.372 -2.396  1.00 22.20 ? 304 LEU A N   1 
ATOM   938  C  CA  . LEU A 1 119 ? -0.527  -15.270 -2.870  1.00 22.14 ? 304 LEU A CA  1 
ATOM   939  C  C   . LEU A 1 119 ? -2.037  -15.332 -2.617  1.00 22.66 ? 304 LEU A C   1 
ATOM   940  O  O   . LEU A 1 119 ? -2.631  -14.350 -2.175  1.00 20.82 ? 304 LEU A O   1 
ATOM   941  C  CB  . LEU A 1 119 ? -0.250  -15.034 -4.359  1.00 21.05 ? 304 LEU A CB  1 
ATOM   942  C  CG  . LEU A 1 119 ? 1.236   -14.807 -4.674  1.00 22.03 ? 304 LEU A CG  1 
ATOM   943  C  CD1 . LEU A 1 119 ? 1.412   -14.471 -6.149  1.00 20.43 ? 304 LEU A CD1 1 
ATOM   944  C  CD2 . LEU A 1 119 ? 1.784   -13.675 -3.804  1.00 21.41 ? 304 LEU A CD2 1 
ATOM   945  N  N   . PRO A 1 120 ? -2.680  -16.476 -2.889  1.00 22.32 ? 305 PRO A N   1 
ATOM   946  C  CA  . PRO A 1 120 ? -4.124  -16.548 -2.654  1.00 23.50 ? 305 PRO A CA  1 
ATOM   947  C  C   . PRO A 1 120 ? -4.537  -16.304 -1.203  1.00 23.66 ? 305 PRO A C   1 
ATOM   948  O  O   . PRO A 1 120 ? -5.688  -15.954 -0.936  1.00 24.98 ? 305 PRO A O   1 
ATOM   949  C  CB  . PRO A 1 120 ? -4.478  -17.957 -3.126  1.00 24.18 ? 305 PRO A CB  1 
ATOM   950  C  CG  . PRO A 1 120 ? -3.469  -18.203 -4.213  1.00 24.39 ? 305 PRO A CG  1 
ATOM   951  C  CD  . PRO A 1 120 ? -2.201  -17.685 -3.579  1.00 23.38 ? 305 PRO A CD  1 
ATOM   952  N  N   . THR A 1 121 ? -3.605  -16.480 -0.270  1.00 22.31 ? 306 THR A N   1 
ATOM   953  C  CA  . THR A 1 121 ? -3.907  -16.286 1.146   1.00 22.77 ? 306 THR A CA  1 
ATOM   954  C  C   . THR A 1 121 ? -3.850  -14.819 1.569   1.00 20.64 ? 306 THR A C   1 
ATOM   955  O  O   . THR A 1 121 ? -4.230  -14.478 2.686   1.00 21.05 ? 306 THR A O   1 
ATOM   956  C  CB  . THR A 1 121 ? -2.946  -17.087 2.055   1.00 24.04 ? 306 THR A CB  1 
ATOM   957  O  OG1 . THR A 1 121 ? -1.631  -16.524 1.981   1.00 25.24 ? 306 THR A OG1 1 
ATOM   958  C  CG2 . THR A 1 121 ? -2.894  -18.548 1.623   1.00 25.11 ? 306 THR A CG2 1 
ATOM   959  N  N   . ILE A 1 122 ? -3.363  -13.960 0.678   1.00 19.44 ? 307 ILE A N   1 
ATOM   960  C  CA  . ILE A 1 122 ? -3.289  -12.528 0.967   1.00 19.68 ? 307 ILE A CA  1 
ATOM   961  C  C   . ILE A 1 122 ? -4.623  -11.988 0.474   1.00 18.87 ? 307 ILE A C   1 
ATOM   962  O  O   . ILE A 1 122 ? -4.740  -11.538 -0.666  1.00 18.74 ? 307 ILE A O   1 
ATOM   963  C  CB  . ILE A 1 122 ? -2.132  -11.859 0.192   1.00 18.58 ? 307 ILE A CB  1 
ATOM   964  C  CG1 . ILE A 1 122 ? -0.830  -12.634 0.418   1.00 20.50 ? 307 ILE A CG1 1 
ATOM   965  C  CG2 . ILE A 1 122 ? -1.974  -10.413 0.638   1.00 18.81 ? 307 ILE A CG2 1 
ATOM   966  C  CD1 . ILE A 1 122 ? -0.450  -12.824 1.870   1.00 27.98 ? 307 ILE A CD1 1 
ATOM   967  N  N   . ASN A 1 123 ? -5.631  -12.034 1.340   1.00 20.05 ? 308 ASN A N   1 
ATOM   968  C  CA  . ASN A 1 123 ? -6.972  -11.623 0.951   1.00 20.90 ? 308 ASN A CA  1 
ATOM   969  C  C   . ASN A 1 123 ? -7.639  -10.514 1.754   1.00 19.60 ? 308 ASN A C   1 
ATOM   970  O  O   . ASN A 1 123 ? -8.867  -10.477 1.850   1.00 20.46 ? 308 ASN A O   1 
ATOM   971  C  CB  . ASN A 1 123 ? -7.885  -12.848 0.952   1.00 23.93 ? 308 ASN A CB  1 
ATOM   972  C  CG  . ASN A 1 123 ? -8.039  -13.454 2.333   1.00 27.24 ? 308 ASN A CG  1 
ATOM   973  O  OD1 . ASN A 1 123 ? -7.526  -12.920 3.319   1.00 26.06 ? 308 ASN A OD1 1 
ATOM   974  N  ND2 . ASN A 1 123 ? -8.753  -14.575 2.413   1.00 29.66 ? 308 ASN A ND2 1 
ATOM   975  N  N   . ARG A 1 124 ? -6.853  -9.619  2.341   1.00 17.69 ? 309 ARG A N   1 
ATOM   976  C  CA  . ARG A 1 124 ? -7.439  -8.512  3.085   1.00 17.20 ? 309 ARG A CA  1 
ATOM   977  C  C   . ARG A 1 124 ? -6.658  -7.233  2.827   1.00 16.82 ? 309 ARG A C   1 
ATOM   978  O  O   . ARG A 1 124 ? -5.429  -7.233  2.814   1.00 18.02 ? 309 ARG A O   1 
ATOM   979  C  CB  . ARG A 1 124 ? -7.482  -8.810  4.591   1.00 18.27 ? 309 ARG A CB  1 
ATOM   980  C  CG  . ARG A 1 124 ? -8.284  -7.775  5.383   1.00 20.87 ? 309 ARG A CG  1 
ATOM   981  C  CD  . ARG A 1 124 ? -8.467  -8.147  6.858   1.00 22.42 ? 309 ARG A CD  1 
ATOM   982  N  NE  . ARG A 1 124 ? -7.279  -7.905  7.674   1.00 24.45 ? 309 ARG A NE  1 
ATOM   983  C  CZ  . ARG A 1 124 ? -6.473  -8.856  8.137   1.00 24.60 ? 309 ARG A CZ  1 
ATOM   984  N  NH1 . ARG A 1 124 ? -6.714  -10.133 7.870   1.00 24.57 ? 309 ARG A NH1 1 
ATOM   985  N  NH2 . ARG A 1 124 ? -5.423  -8.526  8.877   1.00 25.99 ? 309 ARG A NH2 1 
ATOM   986  N  N   . LEU A 1 125 ? -7.392  -6.150  2.602   1.00 15.34 ? 310 LEU A N   1 
ATOM   987  C  CA  . LEU A 1 125 ? -6.808  -4.836  2.357   1.00 14.11 ? 310 LEU A CA  1 
ATOM   988  C  C   . LEU A 1 125 ? -7.174  -3.923  3.516   1.00 14.64 ? 310 LEU A C   1 
ATOM   989  O  O   . LEU A 1 125 ? -8.328  -3.884  3.939   1.00 15.42 ? 310 LEU A O   1 
ATOM   990  C  CB  . LEU A 1 125 ? -7.375  -4.233  1.068   1.00 15.22 ? 310 LEU A CB  1 
ATOM   991  C  CG  . LEU A 1 125 ? -7.098  -2.741  0.836   1.00 14.81 ? 310 LEU A CG  1 
ATOM   992  C  CD1 . LEU A 1 125 ? -5.610  -2.515  0.603   1.00 16.22 ? 310 LEU A CD1 1 
ATOM   993  C  CD2 . LEU A 1 125 ? -7.891  -2.261  -0.369  1.00 15.01 ? 310 LEU A CD2 1 
ATOM   994  N  N   . GLU A 1 126 ? -6.193  -3.195  4.035   1.00 13.70 ? 311 GLU A N   1 
ATOM   995  C  CA  . GLU A 1 126 ? -6.444  -2.257  5.121   1.00 14.64 ? 311 GLU A CA  1 
ATOM   996  C  C   . GLU A 1 126 ? -5.791  -0.937  4.752   1.00 15.77 ? 311 GLU A C   1 
ATOM   997  O  O   . GLU A 1 126 ? -4.638  -0.905  4.328   1.00 16.98 ? 311 GLU A O   1 
ATOM   998  C  CB  . GLU A 1 126 ? -5.843  -2.748  6.441   1.00 16.54 ? 311 GLU A CB  1 
ATOM   999  C  CG  . GLU A 1 126 ? -6.159  -4.187  6.801   1.00 22.79 ? 311 GLU A CG  1 
ATOM   1000 C  CD  . GLU A 1 126 ? -5.594  -4.574  8.157   1.00 27.08 ? 311 GLU A CD  1 
ATOM   1001 O  OE1 . GLU A 1 126 ? -4.470  -4.126  8.489   1.00 29.56 ? 311 GLU A OE1 1 
ATOM   1002 O  OE2 . GLU A 1 126 ? -6.266  -5.336  8.883   1.00 28.74 ? 311 GLU A OE2 1 
ATOM   1003 N  N   . VAL A 1 127 ? -6.531  0.153   4.898   1.00 14.83 ? 312 VAL A N   1 
ATOM   1004 C  CA  . VAL A 1 127 ? -5.993  1.466   4.594   1.00 14.36 ? 312 VAL A CA  1 
ATOM   1005 C  C   . VAL A 1 127 ? -6.202  2.302   5.842   1.00 15.76 ? 312 VAL A C   1 
ATOM   1006 O  O   . VAL A 1 127 ? -7.297  2.322   6.399   1.00 17.57 ? 312 VAL A O   1 
ATOM   1007 C  CB  . VAL A 1 127 ? -6.734  2.135   3.411   1.00 14.18 ? 312 VAL A CB  1 
ATOM   1008 C  CG1 . VAL A 1 127 ? -6.071  3.458   3.065   1.00 14.71 ? 312 VAL A CG1 1 
ATOM   1009 C  CG2 . VAL A 1 127 ? -6.733  1.211   2.210   1.00 13.76 ? 312 VAL A CG2 1 
ATOM   1010 N  N   . GLY A 1 128 ? -5.150  2.972   6.293   1.00 14.34 ? 313 GLY A N   1 
ATOM   1011 C  CA  . GLY A 1 128 ? -5.287  3.787   7.483   1.00 14.36 ? 313 GLY A CA  1 
ATOM   1012 C  C   . GLY A 1 128 ? -4.395  5.001   7.433   1.00 15.08 ? 313 GLY A C   1 
ATOM   1013 O  O   . GLY A 1 128 ? -3.560  5.137   6.542   1.00 14.86 ? 313 GLY A O   1 
ATOM   1014 N  N   . GLY A 1 129 ? -4.575  5.915   8.374   1.00 14.81 ? 314 GLY A N   1 
ATOM   1015 C  CA  . GLY A 1 129 ? -3.705  7.068   8.362   1.00 15.45 ? 314 GLY A CA  1 
ATOM   1016 C  C   . GLY A 1 129 ? -4.269  8.389   7.895   1.00 14.84 ? 314 GLY A C   1 
ATOM   1017 O  O   . GLY A 1 129 ? -5.480  8.564   7.716   1.00 15.28 ? 314 GLY A O   1 
ATOM   1018 N  N   . ASP A 1 130 ? -3.346  9.309   7.645   1.00 15.31 ? 315 ASP A N   1 
ATOM   1019 C  CA  . ASP A 1 130 ? -3.679  10.672  7.278   1.00 16.09 ? 315 ASP A CA  1 
ATOM   1020 C  C   . ASP A 1 130 ? -4.007  11.009  5.831   1.00 14.37 ? 315 ASP A C   1 
ATOM   1021 O  O   . ASP A 1 130 ? -3.357  11.845  5.211   1.00 14.83 ? 315 ASP A O   1 
ATOM   1022 C  CB  . ASP A 1 130 ? -2.577  11.594  7.803   1.00 15.72 ? 315 ASP A CB  1 
ATOM   1023 C  CG  . ASP A 1 130 ? -2.245  11.321  9.265   1.00 17.05 ? 315 ASP A CG  1 
ATOM   1024 O  OD1 . ASP A 1 130 ? -3.128  10.819  9.988   1.00 17.87 ? 315 ASP A OD1 1 
ATOM   1025 O  OD2 . ASP A 1 130 ? -1.108  11.612  9.695   1.00 18.62 ? 315 ASP A OD2 1 
ATOM   1026 N  N   . ILE A 1 131 ? -5.033  10.354  5.302   1.00 14.01 ? 316 ILE A N   1 
ATOM   1027 C  CA  . ILE A 1 131 ? -5.490  10.639  3.949   1.00 14.93 ? 316 ILE A CA  1 
ATOM   1028 C  C   . ILE A 1 131 ? -7.006  10.613  3.931   1.00 14.69 ? 316 ILE A C   1 
ATOM   1029 O  O   . ILE A 1 131 ? -7.653  10.173  4.884   1.00 15.37 ? 316 ILE A O   1 
ATOM   1030 C  CB  . ILE A 1 131 ? -5.051  9.575   2.906   1.00 14.63 ? 316 ILE A CB  1 
ATOM   1031 C  CG1 . ILE A 1 131 ? -5.600  8.205   3.310   1.00 16.37 ? 316 ILE A CG1 1 
ATOM   1032 C  CG2 . ILE A 1 131 ? -3.544  9.560   2.749   1.00 14.37 ? 316 ILE A CG2 1 
ATOM   1033 C  CD1 . ILE A 1 131 ? -5.461  7.141   2.229   1.00 15.39 ? 316 ILE A CD1 1 
ATOM   1034 N  N   . GLN A 1 132 ? -7.554  11.111  2.834   1.00 16.36 ? 317 GLN A N   1 
ATOM   1035 C  CA  . GLN A 1 132 ? -8.981  11.062  2.589   1.00 18.90 ? 317 GLN A CA  1 
ATOM   1036 C  C   . GLN A 1 132 ? -8.988  10.041  1.457   1.00 18.29 ? 317 GLN A C   1 
ATOM   1037 O  O   . GLN A 1 132 ? -8.446  10.301  0.387   1.00 19.15 ? 317 GLN A O   1 
ATOM   1038 C  CB  . GLN A 1 132 ? -9.512  12.408  2.097   1.00 22.20 ? 317 GLN A CB  1 
ATOM   1039 C  CG  . GLN A 1 132 ? -10.998 12.387  1.750   1.00 29.19 ? 317 GLN A CG  1 
ATOM   1040 C  CD  . GLN A 1 132 ? -11.563 13.775  1.513   1.00 32.64 ? 317 GLN A CD  1 
ATOM   1041 O  OE1 . GLN A 1 132 ? -11.585 14.610  2.417   1.00 35.40 ? 317 GLN A OE1 1 
ATOM   1042 N  NE2 . GLN A 1 132 ? -12.021 14.029  0.291   1.00 35.24 ? 317 GLN A NE2 1 
ATOM   1043 N  N   . LEU A 1 133 ? -9.543  8.862   1.721   1.00 18.03 ? 318 LEU A N   1 
ATOM   1044 C  CA  . LEU A 1 133 ? -9.611  7.795   0.727   1.00 17.38 ? 318 LEU A CA  1 
ATOM   1045 C  C   . LEU A 1 133 ? -10.862 8.018   -0.108  1.00 19.09 ? 318 LEU A C   1 
ATOM   1046 O  O   . LEU A 1 133 ? -11.974 8.000   0.425   1.00 18.95 ? 318 LEU A O   1 
ATOM   1047 C  CB  . LEU A 1 133 ? -9.681  6.439   1.428   1.00 18.20 ? 318 LEU A CB  1 
ATOM   1048 C  CG  . LEU A 1 133 ? -9.750  5.182   0.559   1.00 16.75 ? 318 LEU A CG  1 
ATOM   1049 C  CD1 . LEU A 1 133 ? -8.488  5.069   -0.305  1.00 17.98 ? 318 LEU A CD1 1 
ATOM   1050 C  CD2 . LEU A 1 133 ? -9.899  3.969   1.470   1.00 17.45 ? 318 LEU A CD2 1 
ATOM   1051 N  N   . THR A 1 134 ? -10.678 8.220   -1.412  1.00 18.26 ? 319 THR A N   1 
ATOM   1052 C  CA  . THR A 1 134 ? -11.802 8.483   -2.302  1.00 18.82 ? 319 THR A CA  1 
ATOM   1053 C  C   . THR A 1 134 ? -12.227 7.322   -3.197  1.00 16.86 ? 319 THR A C   1 
ATOM   1054 O  O   . THR A 1 134 ? -13.355 7.301   -3.691  1.00 16.68 ? 319 THR A O   1 
ATOM   1055 C  CB  . THR A 1 134 ? -11.525 9.727   -3.172  1.00 19.97 ? 319 THR A CB  1 
ATOM   1056 O  OG1 . THR A 1 134 ? -10.364 9.507   -3.978  1.00 25.80 ? 319 THR A OG1 1 
ATOM   1057 C  CG2 . THR A 1 134 ? -11.299 10.944  -2.285  1.00 23.04 ? 319 THR A CG2 1 
ATOM   1058 N  N   . HIS A 1 135 ? -11.341 6.359   -3.426  1.00 15.02 ? 320 HIS A N   1 
ATOM   1059 C  CA  . HIS A 1 135 ? -11.724 5.214   -4.240  1.00 14.05 ? 320 HIS A CA  1 
ATOM   1060 C  C   . HIS A 1 135 ? -10.778 4.038   -4.115  1.00 14.96 ? 320 HIS A C   1 
ATOM   1061 O  O   . HIS A 1 135 ? -9.568  4.200   -3.942  1.00 15.40 ? 320 HIS A O   1 
ATOM   1062 C  CB  . HIS A 1 135 ? -11.864 5.596   -5.720  1.00 14.79 ? 320 HIS A CB  1 
ATOM   1063 C  CG  . HIS A 1 135 ? -12.526 4.535   -6.548  1.00 12.32 ? 320 HIS A CG  1 
ATOM   1064 N  ND1 . HIS A 1 135 ? -11.828 3.703   -7.398  1.00 13.12 ? 320 HIS A ND1 1 
ATOM   1065 C  CD2 . HIS A 1 135 ? -13.817 4.126   -6.601  1.00 11.89 ? 320 HIS A CD2 1 
ATOM   1066 C  CE1 . HIS A 1 135 ? -12.658 2.826   -7.933  1.00 13.12 ? 320 HIS A CE1 1 
ATOM   1067 N  NE2 . HIS A 1 135 ? -13.872 3.060   -7.464  1.00 12.27 ? 320 HIS A NE2 1 
ATOM   1068 N  N   . VAL A 1 136 ? -11.361 2.848   -4.185  1.00 13.22 ? 321 VAL A N   1 
ATOM   1069 C  CA  . VAL A 1 136 ? -10.616 1.605   -4.112  1.00 14.36 ? 321 VAL A CA  1 
ATOM   1070 C  C   . VAL A 1 136 ? -11.155 0.653   -5.176  1.00 15.11 ? 321 VAL A C   1 
ATOM   1071 O  O   . VAL A 1 136 ? -12.367 0.556   -5.383  1.00 14.87 ? 321 VAL A O   1 
ATOM   1072 C  CB  . VAL A 1 136 ? -10.775 0.913   -2.737  1.00 15.04 ? 321 VAL A CB  1 
ATOM   1073 C  CG1 . VAL A 1 136 ? -10.086 -0.451  -2.755  1.00 17.42 ? 321 VAL A CG1 1 
ATOM   1074 C  CG2 . VAL A 1 136 ? -10.187 1.785   -1.638  1.00 16.91 ? 321 VAL A CG2 1 
ATOM   1075 N  N   . GLN A 1 137 ? -10.243 -0.024  -5.859  1.00 15.25 ? 322 GLN A N   1 
ATOM   1076 C  CA  . GLN A 1 137 ? -10.595 -1.012  -6.865  1.00 16.90 ? 322 GLN A CA  1 
ATOM   1077 C  C   . GLN A 1 137 ? -9.811  -2.262  -6.492  1.00 18.71 ? 322 GLN A C   1 
ATOM   1078 O  O   . GLN A 1 137 ? -8.584  -2.272  -6.585  1.00 18.51 ? 322 GLN A O   1 
ATOM   1079 C  CB  . GLN A 1 137 ? -10.191 -0.542  -8.271  1.00 16.68 ? 322 GLN A CB  1 
ATOM   1080 C  CG  . GLN A 1 137 ? -10.288 -1.631  -9.349  1.00 15.37 ? 322 GLN A CG  1 
ATOM   1081 C  CD  . GLN A 1 137 ? -11.714 -2.041  -9.676  1.00 19.56 ? 322 GLN A CD  1 
ATOM   1082 O  OE1 . GLN A 1 137 ? -12.476 -1.274  -10.266 1.00 18.21 ? 322 GLN A OE1 1 
ATOM   1083 N  NE2 . GLN A 1 137 ? -12.082 -3.258  -9.292  1.00 19.73 ? 322 GLN A NE2 1 
ATOM   1084 N  N   . THR A 1 138 ? -10.503 -3.302  -6.036  1.00 22.30 ? 323 THR A N   1 
ATOM   1085 C  CA  . THR A 1 138 ? -9.827  -4.547  -5.681  1.00 26.55 ? 323 THR A CA  1 
ATOM   1086 C  C   . THR A 1 138 ? -10.190 -5.617  -6.699  1.00 27.72 ? 323 THR A C   1 
ATOM   1087 O  O   . THR A 1 138 ? -10.384 -6.780  -6.292  1.00 30.73 ? 323 THR A O   1 
ATOM   1088 C  CB  . THR A 1 138 ? -10.238 -5.054  -4.283  1.00 28.49 ? 323 THR A CB  1 
ATOM   1089 O  OG1 . THR A 1 138 ? -11.655 -5.268  -4.248  1.00 29.82 ? 323 THR A OG1 1 
ATOM   1090 C  CG2 . THR A 1 138 ? -9.842  -4.050  -3.209  1.00 29.36 ? 323 THR A CG2 1 
ATOM   1091 O  OXT . THR A 1 138 ? -10.264 -5.278  -7.898  1.00 28.69 ? 323 THR A OXT 1 
HETATM 1092 C  C1  . MAN B 2 .   ? 14.779  3.505   15.454  1.00 42.74 ? 1   MAN B C1  1 
HETATM 1093 C  C2  . MAN B 2 .   ? 14.545  1.993   15.304  1.00 41.05 ? 1   MAN B C2  1 
HETATM 1094 C  C3  . MAN B 2 .   ? 15.882  1.259   15.391  1.00 43.29 ? 1   MAN B C3  1 
HETATM 1095 C  C4  . MAN B 2 .   ? 16.853  1.824   14.351  1.00 44.56 ? 1   MAN B C4  1 
HETATM 1096 C  C5  . MAN B 2 .   ? 16.989  3.343   14.525  1.00 45.30 ? 1   MAN B C5  1 
HETATM 1097 C  C6  . MAN B 2 .   ? 17.855  3.972   13.448  1.00 45.81 ? 1   MAN B C6  1 
HETATM 1098 O  O1  . MAN B 2 .   ? 15.335  3.775   16.696  1.00 43.29 ? 1   MAN B O1  1 
HETATM 1099 O  O2  . MAN B 2 .   ? 13.928  1.712   14.029  1.00 35.54 ? 1   MAN B O2  1 
HETATM 1100 O  O3  . MAN B 2 .   ? 15.678  -0.126  15.154  1.00 44.40 ? 1   MAN B O3  1 
HETATM 1101 O  O4  . MAN B 2 .   ? 18.123  1.207   14.495  1.00 45.98 ? 1   MAN B O4  1 
HETATM 1102 O  O5  . MAN B 2 .   ? 15.689  3.973   14.446  1.00 44.30 ? 1   MAN B O5  1 
HETATM 1103 O  O6  . MAN B 2 .   ? 17.737  5.388   13.453  1.00 47.48 ? 1   MAN B O6  1 
HETATM 1104 C  C1  . NAG B 2 .   ? 12.593  2.050   13.884  1.00 30.81 ? 2   NAG B C1  1 
HETATM 1105 C  C2  . NAG B 2 .   ? 12.258  2.208   12.399  1.00 27.16 ? 2   NAG B C2  1 
HETATM 1106 C  C3  . NAG B 2 .   ? 10.774  2.529   12.260  1.00 25.64 ? 2   NAG B C3  1 
HETATM 1107 C  C4  . NAG B 2 .   ? 9.924   1.471   12.959  1.00 24.41 ? 2   NAG B C4  1 
HETATM 1108 C  C5  . NAG B 2 .   ? 10.386  1.312   14.416  1.00 27.63 ? 2   NAG B C5  1 
HETATM 1109 C  C6  . NAG B 2 .   ? 9.659   0.215   15.175  1.00 28.14 ? 2   NAG B C6  1 
HETATM 1110 C  C7  . NAG B 2 .   ? 14.170  3.014   11.168  1.00 29.44 ? 2   NAG B C7  1 
HETATM 1111 C  C8  . NAG B 2 .   ? 14.969  4.204   10.663  1.00 30.14 ? 2   NAG B C8  1 
HETATM 1112 N  N2  . NAG B 2 .   ? 13.043  3.281   11.821  1.00 27.40 ? 2   NAG B N2  1 
HETATM 1113 O  O3  . NAG B 2 .   ? 10.419  2.599   10.889  1.00 22.38 ? 2   NAG B O3  1 
HETATM 1114 O  O4  . NAG B 2 .   ? 8.549   1.892   12.927  1.00 22.52 ? 2   NAG B O4  1 
HETATM 1115 O  O5  . NAG B 2 .   ? 11.796  1.002   14.455  1.00 29.69 ? 2   NAG B O5  1 
HETATM 1116 O  O6  . NAG B 2 .   ? 9.810   -1.046  14.541  1.00 30.36 ? 2   NAG B O6  1 
HETATM 1117 O  O7  . NAG B 2 .   ? 14.579  1.867   10.969  1.00 30.16 ? 2   NAG B O7  1 
HETATM 1118 C  C1  . GAL B 2 .   ? 7.606   0.952   12.552  1.00 20.82 ? 3   GAL B C1  1 
HETATM 1119 C  C2  . GAL B 2 .   ? 6.210   1.550   12.731  1.00 20.01 ? 3   GAL B C2  1 
HETATM 1120 C  C3  . GAL B 2 .   ? 5.141   0.595   12.193  1.00 19.02 ? 3   GAL B C3  1 
HETATM 1121 C  C4  . GAL B 2 .   ? 5.469   0.177   10.752  1.00 16.49 ? 3   GAL B C4  1 
HETATM 1122 C  C5  . GAL B 2 .   ? 6.894   -0.377  10.699  1.00 16.83 ? 3   GAL B C5  1 
HETATM 1123 C  C6  . GAL B 2 .   ? 7.325   -0.766  9.300   1.00 16.50 ? 3   GAL B C6  1 
HETATM 1124 O  O2  . GAL B 2 .   ? 5.983   1.795   14.113  1.00 24.07 ? 3   GAL B O2  1 
HETATM 1125 O  O3  . GAL B 2 .   ? 3.875   1.232   12.227  1.00 20.66 ? 3   GAL B O3  1 
HETATM 1126 O  O4  . GAL B 2 .   ? 5.360   1.305   9.888   1.00 17.01 ? 3   GAL B O4  1 
HETATM 1127 O  O5  . GAL B 2 .   ? 7.826   0.618   11.174  1.00 17.46 ? 3   GAL B O5  1 
HETATM 1128 O  O6  . GAL B 2 .   ? 8.674   -1.204  9.284   1.00 18.37 ? 3   GAL B O6  1 
HETATM 1129 NI NI  . NI  C 3 .   ? -15.666 1.924   -7.526  0.50 13.12 ? 401 NI  A NI  1 
HETATM 1130 O  O   . HOH D 4 .   ? 5.305   -0.178  15.750  1.00 40.72 ? 1   HOH A O   1 
HETATM 1131 O  O   . HOH D 4 .   ? 3.295   -2.101  14.417  1.00 43.99 ? 2   HOH A O   1 
HETATM 1132 O  O   . HOH D 4 .   ? 1.566   0.419   11.188  1.00 38.53 ? 3   HOH A O   1 
HETATM 1133 O  O   . HOH D 4 .   ? -0.126  -1.255  10.123  1.00 30.57 ? 4   HOH A O   1 
HETATM 1134 O  O   . HOH D 4 .   ? 4.050   3.912   10.780  1.00 22.37 ? 5   HOH A O   1 
HETATM 1135 O  O   . HOH D 4 .   ? 1.908   5.115   10.000  1.00 26.28 ? 6   HOH A O   1 
HETATM 1136 O  O   . HOH D 4 .   ? -0.544  5.337   8.959   1.00 21.63 ? 7   HOH A O   1 
HETATM 1137 O  O   . HOH D 4 .   ? 9.966   -2.080  11.982  1.00 49.08 ? 8   HOH A O   1 
HETATM 1138 O  O   . HOH D 4 .   ? 12.357  -2.964  11.381  1.00 42.88 ? 9   HOH A O   1 
HETATM 1139 O  O   . HOH D 4 .   ? 15.025  -0.599  12.523  1.00 45.23 ? 10  HOH A O   1 
HETATM 1140 O  O   . HOH D 4 .   ? 12.149  5.850   11.964  1.00 39.96 ? 11  HOH A O   1 
HETATM 1141 O  O   . HOH D 4 .   ? 7.736   4.621   13.544  1.00 53.93 ? 12  HOH A O   1 
HETATM 1142 O  O   . HOH D 4 .   ? 9.960   6.070   13.391  1.00 39.48 ? 13  HOH A O   1 
HETATM 1143 O  O   . HOH D 4 .   ? 10.909  -7.971  -0.070  1.00 17.17 ? 14  HOH A O   1 
HETATM 1144 O  O   . HOH D 4 .   ? 5.121   -10.320 1.036   1.00 16.47 ? 15  HOH A O   1 
HETATM 1145 O  O   . HOH D 4 .   ? 0.180   13.113  -2.891  1.00 17.42 ? 16  HOH A O   1 
HETATM 1146 O  O   . HOH D 4 .   ? -14.686 0.311   -8.527  1.00 16.66 ? 17  HOH A O   1 
HETATM 1147 O  O   . HOH D 4 .   ? 10.405  -2.230  -2.219  1.00 15.54 ? 18  HOH A O   1 
HETATM 1148 O  O   . HOH D 4 .   ? -7.120  5.432   10.112  1.00 16.16 ? 19  HOH A O   1 
HETATM 1149 O  O   . HOH D 4 .   ? -0.730  5.237   -9.885  1.00 16.55 ? 20  HOH A O   1 
HETATM 1150 O  O   . HOH D 4 .   ? 3.467   -11.006 -0.910  1.00 19.89 ? 21  HOH A O   1 
HETATM 1151 O  O   . HOH D 4 .   ? 15.791  -4.018  3.516   1.00 23.05 ? 22  HOH A O   1 
HETATM 1152 O  O   . HOH D 4 .   ? -11.495 8.788   3.851   1.00 20.01 ? 23  HOH A O   1 
HETATM 1153 O  O   . HOH D 4 .   ? 1.905   -0.903  -10.754 1.00 22.65 ? 24  HOH A O   1 
HETATM 1154 O  O   . HOH D 4 .   ? 5.275   8.735   -8.981  1.00 25.39 ? 25  HOH A O   1 
HETATM 1155 O  O   . HOH D 4 .   ? 1.188   17.047  11.452  1.00 22.51 ? 26  HOH A O   1 
HETATM 1156 O  O   . HOH D 4 .   ? -2.774  -15.818 10.802  1.00 25.24 ? 27  HOH A O   1 
HETATM 1157 O  O   . HOH D 4 .   ? -4.018  17.198  8.316   1.00 24.19 ? 28  HOH A O   1 
HETATM 1158 O  O   . HOH D 4 .   ? 12.435  -1.120  -6.813  1.00 23.43 ? 29  HOH A O   1 
HETATM 1159 O  O   . HOH D 4 .   ? 6.376   15.347  0.134   1.00 24.02 ? 30  HOH A O   1 
HETATM 1160 O  O   . HOH D 4 .   ? -4.483  -6.134  -13.581 1.00 28.40 ? 31  HOH A O   1 
HETATM 1161 O  O   . HOH D 4 .   ? 14.198  -2.182  -2.208  1.00 27.95 ? 32  HOH A O   1 
HETATM 1162 O  O   . HOH D 4 .   ? 11.996  6.412   1.233   1.00 23.86 ? 33  HOH A O   1 
HETATM 1163 O  O   . HOH D 4 .   ? 15.062  -0.476  -0.256  1.00 26.66 ? 34  HOH A O   1 
HETATM 1164 O  O   . HOH D 4 .   ? 11.993  -6.040  -2.824  1.00 20.40 ? 35  HOH A O   1 
HETATM 1165 O  O   . HOH D 4 .   ? 8.683   -20.511 -7.288  1.00 27.14 ? 36  HOH A O   1 
HETATM 1166 O  O   . HOH D 4 .   ? 14.673  -2.284  9.013   1.00 26.31 ? 37  HOH A O   1 
HETATM 1167 O  O   . HOH D 4 .   ? -6.942  -6.790  -11.399 1.00 28.71 ? 38  HOH A O   1 
HETATM 1168 O  O   . HOH D 4 .   ? -13.688 -0.439  7.226   1.00 29.92 ? 39  HOH A O   1 
HETATM 1169 O  O   . HOH D 4 .   ? 9.294   -5.989  15.018  1.00 27.24 ? 40  HOH A O   1 
HETATM 1170 O  O   . HOH D 4 .   ? 7.867   14.309  2.196   1.00 29.67 ? 41  HOH A O   1 
HETATM 1171 O  O   . HOH D 4 .   ? 4.216   -0.169  -11.791 1.00 28.31 ? 42  HOH A O   1 
HETATM 1172 O  O   . HOH D 4 .   ? 5.859   3.915   -15.299 1.00 25.89 ? 43  HOH A O   1 
HETATM 1173 O  O   . HOH D 4 .   ? 0.383   13.020  -5.601  1.00 28.13 ? 44  HOH A O   1 
HETATM 1174 O  O   . HOH D 4 .   ? 12.119  13.355  -8.708  1.00 27.26 ? 45  HOH A O   1 
HETATM 1175 O  O   . HOH D 4 .   ? 4.219   -12.600 -13.376 1.00 25.56 ? 46  HOH A O   1 
HETATM 1176 O  O   . HOH D 4 .   ? 3.793   10.560  -12.336 1.00 34.52 ? 47  HOH A O   1 
HETATM 1177 O  O   . HOH D 4 .   ? 9.914   -9.849  6.615   1.00 23.95 ? 48  HOH A O   1 
HETATM 1178 O  O   . HOH D 4 .   ? 4.544   17.200  1.574   1.00 28.89 ? 49  HOH A O   1 
HETATM 1179 O  O   . HOH D 4 .   ? -8.546  -5.046  -9.930  1.00 31.44 ? 50  HOH A O   1 
HETATM 1180 O  O   . HOH D 4 .   ? -8.864  3.701   -7.302  1.00 23.48 ? 51  HOH A O   1 
HETATM 1181 O  O   . HOH D 4 .   ? 16.209  0.607   2.218   1.00 24.43 ? 52  HOH A O   1 
HETATM 1182 O  O   . HOH D 4 .   ? 14.292  2.318   -5.725  1.00 39.54 ? 53  HOH A O   1 
HETATM 1183 O  O   . HOH D 4 .   ? 1.003   -18.198 -5.042  1.00 30.16 ? 54  HOH A O   1 
HETATM 1184 O  O   . HOH D 4 .   ? 3.303   12.828  -8.216  1.00 33.01 ? 55  HOH A O   1 
HETATM 1185 O  O   . HOH D 4 .   ? 2.144   20.668  0.609   1.00 39.52 ? 56  HOH A O   1 
HETATM 1186 O  O   . HOH D 4 .   ? -13.479 -3.491  -5.118  1.00 31.56 ? 57  HOH A O   1 
HETATM 1187 O  O   . HOH D 4 .   ? 12.150  7.249   -11.301 1.00 28.56 ? 58  HOH A O   1 
HETATM 1188 O  O   . HOH D 4 .   ? 9.828   6.050   -14.749 1.00 35.74 ? 59  HOH A O   1 
HETATM 1189 O  O   . HOH D 4 .   ? -0.631  -14.736 14.537  1.00 36.85 ? 60  HOH A O   1 
HETATM 1190 O  O   . HOH D 4 .   ? 10.069  -13.698 -3.664  1.00 36.36 ? 61  HOH A O   1 
HETATM 1191 O  O   . HOH D 4 .   ? 11.216  -13.542 0.272   1.00 28.41 ? 62  HOH A O   1 
HETATM 1192 O  O   . HOH D 4 .   ? 8.543   -10.194 8.947   1.00 29.98 ? 63  HOH A O   1 
HETATM 1193 O  O   . HOH D 4 .   ? -2.863  -8.606  9.746   1.00 36.66 ? 64  HOH A O   1 
HETATM 1194 O  O   . HOH D 4 .   ? -13.387 2.854   10.059  1.00 27.91 ? 65  HOH A O   1 
HETATM 1195 O  O   . HOH D 4 .   ? 15.251  6.492   -0.203  1.00 34.33 ? 66  HOH A O   1 
HETATM 1196 O  O   . HOH D 4 .   ? -4.348  17.948  -5.641  1.00 34.85 ? 67  HOH A O   1 
HETATM 1197 O  O   . HOH D 4 .   ? 1.588   -12.752 15.285  1.00 40.98 ? 68  HOH A O   1 
HETATM 1198 O  O   . HOH D 4 .   ? 7.415   11.357  -9.362  1.00 28.82 ? 69  HOH A O   1 
HETATM 1199 O  O   . HOH D 4 .   ? 2.747   -17.186 2.464   1.00 33.04 ? 70  HOH A O   1 
HETATM 1200 O  O   . HOH D 4 .   ? 0.308   -8.358  11.533  1.00 36.67 ? 71  HOH A O   1 
HETATM 1201 O  O   . HOH D 4 .   ? -13.051 16.011  -7.978  1.00 37.56 ? 72  HOH A O   1 
HETATM 1202 O  O   . HOH D 4 .   ? -1.446  14.328  11.272  1.00 34.10 ? 73  HOH A O   1 
HETATM 1203 O  O   . HOH D 4 .   ? 13.052  -4.484  -4.849  1.00 37.89 ? 74  HOH A O   1 
HETATM 1204 O  O   . HOH D 4 .   ? 8.222   12.110  -11.935 1.00 32.83 ? 75  HOH A O   1 
HETATM 1205 O  O   . HOH D 4 .   ? -14.047 9.031   6.407   1.00 31.44 ? 76  HOH A O   1 
HETATM 1206 O  O   . HOH D 4 .   ? 14.429  7.501   5.269   1.00 35.24 ? 77  HOH A O   1 
HETATM 1207 O  O   . HOH D 4 .   ? -6.685  11.013  -6.766  1.00 30.59 ? 78  HOH A O   1 
HETATM 1208 O  O   . HOH D 4 .   ? 8.907   12.696  -7.582  1.00 31.97 ? 79  HOH A O   1 
HETATM 1209 O  O   . HOH D 4 .   ? 4.493   20.394  4.636   1.00 44.65 ? 80  HOH A O   1 
HETATM 1210 O  O   . HOH D 4 .   ? 4.181   -6.799  -14.895 1.00 46.67 ? 81  HOH A O   1 
HETATM 1211 O  O   . HOH D 4 .   ? -5.510  -16.186 -5.961  1.00 43.88 ? 82  HOH A O   1 
HETATM 1212 O  O   . HOH D 4 .   ? 11.584  -1.233  -9.918  1.00 37.15 ? 83  HOH A O   1 
HETATM 1213 O  O   . HOH D 4 .   ? -7.647  -9.656  -11.432 1.00 37.04 ? 84  HOH A O   1 
HETATM 1214 O  O   . HOH D 4 .   ? 8.504   -13.881 12.221  1.00 39.60 ? 85  HOH A O   1 
HETATM 1215 O  O   . HOH D 4 .   ? -11.056 9.325   -6.518  1.00 37.96 ? 86  HOH A O   1 
HETATM 1216 O  O   . HOH D 4 .   ? -18.114 10.059  2.703   1.00 39.78 ? 87  HOH A O   1 
HETATM 1217 O  O   . HOH D 4 .   ? 16.287  -0.464  5.963   1.00 44.08 ? 88  HOH A O   1 
HETATM 1218 O  O   . HOH D 4 .   ? 4.264   -16.824 -7.400  1.00 35.94 ? 89  HOH A O   1 
HETATM 1219 O  O   . HOH D 4 .   ? -3.434  14.659  9.389   1.00 24.33 ? 90  HOH A O   1 
HETATM 1220 O  O   . HOH D 4 .   ? -6.381  -9.900  -13.541 1.00 32.17 ? 91  HOH A O   1 
HETATM 1221 O  O   . HOH D 4 .   ? -7.008  4.836   -8.843  1.00 33.51 ? 92  HOH A O   1 
HETATM 1222 O  O   . HOH D 4 .   ? 5.672   6.305   -16.712 1.00 37.42 ? 93  HOH A O   1 
HETATM 1223 O  O   . HOH D 4 .   ? 1.661   -9.246  13.742  1.00 44.38 ? 94  HOH A O   1 
HETATM 1224 O  O   . HOH D 4 .   ? 4.792   11.233  -9.619  1.00 37.43 ? 95  HOH A O   1 
HETATM 1225 O  O   . HOH D 4 .   ? -0.373  -0.796  -12.647 1.00 40.39 ? 96  HOH A O   1 
HETATM 1226 O  O   . HOH D 4 .   ? -4.476  -1.061  9.373   1.00 29.22 ? 97  HOH A O   1 
HETATM 1227 O  O   . HOH D 4 .   ? 5.668   -17.737 1.939   1.00 34.12 ? 98  HOH A O   1 
HETATM 1228 O  O   . HOH D 4 .   ? 10.762  12.814  -11.177 1.00 43.25 ? 99  HOH A O   1 
HETATM 1229 O  O   . HOH D 4 .   ? -5.473  3.282   11.268  1.00 36.73 ? 100 HOH A O   1 
HETATM 1230 O  O   . HOH D 4 .   ? -2.455  -8.130  13.787  1.00 34.12 ? 101 HOH A O   1 
HETATM 1231 O  O   . HOH D 4 .   ? 2.235   21.776  4.983   1.00 44.14 ? 102 HOH A O   1 
HETATM 1232 O  O   . HOH D 4 .   ? -8.813  11.749  -4.910  1.00 42.20 ? 103 HOH A O   1 
HETATM 1233 O  O   . HOH D 4 .   ? 0.376   -5.007  13.736  1.00 42.46 ? 104 HOH A O   1 
HETATM 1234 O  O   . HOH D 4 .   ? 11.357  -16.147 0.334   1.00 36.51 ? 105 HOH A O   1 
HETATM 1235 O  O   . HOH D 4 .   ? -2.233  8.732   11.797  1.00 42.80 ? 106 HOH A O   1 
HETATM 1236 O  O   . HOH D 4 .   ? 0.722   5.591   -16.807 1.00 36.49 ? 107 HOH A O   1 
HETATM 1237 O  O   . HOH D 4 .   ? 8.377   15.590  -2.284  1.00 40.68 ? 108 HOH A O   1 
HETATM 1238 O  O   . HOH D 4 .   ? -3.034  -14.528 -14.088 1.00 37.92 ? 109 HOH A O   1 
HETATM 1239 O  O   . HOH D 4 .   ? 4.224   14.665  -6.711  1.00 39.35 ? 110 HOH A O   1 
HETATM 1240 O  O   . HOH D 4 .   ? 3.376   1.375   -14.167 1.00 46.81 ? 111 HOH A O   1 
HETATM 1241 O  O   . HOH D 4 .   ? -0.579  -16.573 6.206   1.00 39.14 ? 112 HOH A O   1 
HETATM 1242 O  O   . HOH D 4 .   ? 7.578   -22.825 -7.134  1.00 50.04 ? 113 HOH A O   1 
HETATM 1243 O  O   . HOH D 4 .   ? 3.971   18.598  -5.966  1.00 42.76 ? 114 HOH A O   1 
HETATM 1244 O  O   . HOH D 4 .   ? 7.304   17.925  8.404   1.00 47.43 ? 115 HOH A O   1 
HETATM 1245 O  O   . HOH D 4 .   ? -2.042  -2.216  -11.367 1.00 38.76 ? 116 HOH A O   1 
HETATM 1246 O  O   . HOH D 4 .   ? -8.777  -11.640 -6.135  1.00 38.81 ? 117 HOH A O   1 
HETATM 1247 O  O   . HOH D 4 .   ? -8.504  -6.036  10.524  1.00 31.32 ? 118 HOH A O   1 
HETATM 1248 O  O   . HOH D 4 .   ? -0.349  -17.438 -7.226  1.00 43.72 ? 119 HOH A O   1 
HETATM 1249 O  O   . HOH D 4 .   ? 12.469  1.663   -7.902  1.00 38.33 ? 120 HOH A O   1 
HETATM 1250 O  O   . HOH D 4 .   ? -1.759  -17.341 8.772   1.00 37.06 ? 121 HOH A O   1 
HETATM 1251 O  O   . HOH D 4 .   ? -7.365  -11.837 -14.917 1.00 38.68 ? 122 HOH A O   1 
HETATM 1252 O  O   . HOH D 4 .   ? 7.663   -11.554 -11.240 1.00 35.18 ? 123 HOH A O   1 
HETATM 1253 O  O   . HOH D 4 .   ? 12.448  7.053   -15.626 1.00 45.08 ? 124 HOH A O   1 
HETATM 1254 O  O   . HOH D 4 .   ? 4.429   19.960  1.876   1.00 38.21 ? 125 HOH A O   1 
HETATM 1255 O  O   . HOH D 4 .   ? 3.313   2.649   -16.547 1.00 44.42 ? 126 HOH A O   1 
HETATM 1256 O  O   . HOH D 4 .   ? -5.147  -18.325 -7.809  1.00 41.85 ? 127 HOH A O   1 
HETATM 1257 O  O   . HOH D 4 .   ? -0.741  20.324  -1.995  1.00 39.71 ? 128 HOH A O   1 
HETATM 1258 O  O   . HOH D 4 .   ? 8.072   15.280  -6.593  1.00 48.55 ? 129 HOH A O   1 
HETATM 1259 O  O   . HOH D 4 .   ? 11.597  9.904   12.802  1.00 45.46 ? 130 HOH A O   1 
HETATM 1260 O  O   . HOH D 4 .   ? 7.759   15.955  4.254   1.00 36.96 ? 131 HOH A O   1 
HETATM 1261 O  O   . HOH D 4 .   ? -7.100  -12.982 6.038   1.00 41.56 ? 132 HOH A O   1 
HETATM 1262 O  O   . HOH D 4 .   ? -9.133  -4.616  12.799  1.00 43.72 ? 133 HOH A O   1 
HETATM 1263 O  O   . HOH D 4 .   ? -9.025  10.276  7.438   1.00 41.66 ? 134 HOH A O   1 
HETATM 1264 O  O   . HOH D 4 .   ? -10.520 -15.400 -0.154  1.00 35.94 ? 135 HOH A O   1 
HETATM 1265 O  O   . HOH D 4 .   ? -5.742  0.779   10.552  1.00 47.86 ? 136 HOH A O   1 
HETATM 1266 O  O   . HOH D 4 .   ? 15.546  10.605  -10.227 1.00 38.91 ? 137 HOH A O   1 
HETATM 1267 O  O   . HOH D 4 .   ? -7.514  8.835   9.464   1.00 43.38 ? 138 HOH A O   1 
HETATM 1268 O  O   . HOH D 4 .   ? -0.559  11.703  -12.977 1.00 42.31 ? 139 HOH A O   1 
HETATM 1269 O  O   . HOH D 4 .   ? -2.284  6.016   11.326  1.00 46.86 ? 140 HOH A O   1 
HETATM 1270 O  O   . HOH D 4 .   ? -2.548  -4.229  11.415  1.00 37.96 ? 141 HOH A O   1 
HETATM 1271 O  O   . HOH D 4 .   ? -3.487  -6.248  10.225  1.00 49.09 ? 142 HOH A O   1 
HETATM 1272 O  O   . HOH D 4 .   ? 6.316   -5.640  16.303  1.00 47.90 ? 143 HOH A O   1 
# 
loop_
_pdbx_poly_seq_scheme.asym_id 
_pdbx_poly_seq_scheme.entity_id 
_pdbx_poly_seq_scheme.seq_id 
_pdbx_poly_seq_scheme.mon_id 
_pdbx_poly_seq_scheme.ndb_seq_num 
_pdbx_poly_seq_scheme.pdb_seq_num 
_pdbx_poly_seq_scheme.auth_seq_num 
_pdbx_poly_seq_scheme.pdb_mon_id 
_pdbx_poly_seq_scheme.auth_mon_id 
_pdbx_poly_seq_scheme.pdb_strand_id 
_pdbx_poly_seq_scheme.pdb_ins_code 
_pdbx_poly_seq_scheme.hetero 
A 1 1   TYR 1   186 ?   ?   ?   A . n 
A 1 2   PRO 2   187 ?   ?   ?   A . n 
A 1 3   HIS 3   188 188 HIS HIS A . n 
A 1 4   PRO 4   189 189 PRO PRO A . n 
A 1 5   ALA 5   190 190 ALA ALA A . n 
A 1 6   TYR 6   191 191 TYR TYR A . n 
A 1 7   PRO 7   192 192 PRO PRO A . n 
A 1 8   MET 8   193 193 MET MET A . n 
A 1 9   PRO 9   194 194 PRO PRO A . n 
A 1 10  PHE 10  195 195 PHE PHE A . n 
A 1 11  ILE 11  196 196 ILE ILE A . n 
A 1 12  THR 12  197 197 THR THR A . n 
A 1 13  THR 13  198 198 THR THR A . n 
A 1 14  ILE 14  199 199 ILE ILE A . n 
A 1 15  LEU 15  200 200 LEU LEU A . n 
A 1 16  GLY 16  201 201 GLY GLY A . n 
A 1 17  GLY 17  202 202 GLY GLY A . n 
A 1 18  LEU 18  203 203 LEU LEU A . n 
A 1 19  TYR 19  204 204 TYR TYR A . n 
A 1 20  PRO 20  205 205 PRO PRO A . n 
A 1 21  SER 21  206 206 SER SER A . n 
A 1 22  LYS 22  207 207 LYS LYS A . n 
A 1 23  SER 23  208 208 SER SER A . n 
A 1 24  ILE 24  209 209 ILE ILE A . n 
A 1 25  LEU 25  210 210 LEU LEU A . n 
A 1 26  LEU 26  211 211 LEU LEU A . n 
A 1 27  SER 27  212 212 SER SER A . n 
A 1 28  GLY 28  213 213 GLY GLY A . n 
A 1 29  THR 29  214 214 THR THR A . n 
A 1 30  VAL 30  215 215 VAL VAL A . n 
A 1 31  LEU 31  216 216 LEU LEU A . n 
A 1 32  PRO 32  217 217 PRO PRO A . n 
A 1 33  SER 33  218 218 SER SER A . n 
A 1 34  ALA 34  219 219 ALA ALA A . n 
A 1 35  GLN 35  220 220 GLN GLN A . n 
A 1 36  ARG 36  221 221 ARG ARG A . n 
A 1 37  PHE 37  222 222 PHE PHE A . n 
A 1 38  HIS 38  223 223 HIS HIS A . n 
A 1 39  ILE 39  224 224 ILE ILE A . n 
A 1 40  ASN 40  225 225 ASN ASN A . n 
A 1 41  LEU 41  226 226 LEU LEU A . n 
A 1 42  CYS 42  227 227 CYS CYS A . n 
A 1 43  SER 43  228 228 SER SER A . n 
A 1 44  GLY 44  229 229 GLY GLY A . n 
A 1 45  ASN 45  230 230 ASN ASN A . n 
A 1 46  HIS 46  231 231 HIS HIS A . n 
A 1 47  ILE 47  232 232 ILE ILE A . n 
A 1 48  ALA 48  233 233 ALA ALA A . n 
A 1 49  PHE 49  234 234 PHE PHE A . n 
A 1 50  HIS 50  235 235 HIS HIS A . n 
A 1 51  LEU 51  236 236 LEU LEU A . n 
A 1 52  ASN 52  237 237 ASN ASN A . n 
A 1 53  PRO 53  238 238 PRO PRO A . n 
A 1 54  ARG 54  239 239 ARG ARG A . n 
A 1 55  PHE 55  240 240 PHE PHE A . n 
A 1 56  ASP 56  241 241 ASP ASP A . n 
A 1 57  GLU 57  242 242 GLU GLU A . n 
A 1 58  ASN 58  243 243 ASN ASN A . n 
A 1 59  ALA 59  244 244 ALA ALA A . n 
A 1 60  VAL 60  245 245 VAL VAL A . n 
A 1 61  VAL 61  246 246 VAL VAL A . n 
A 1 62  ARG 62  247 247 ARG ARG A . n 
A 1 63  ASN 63  248 248 ASN ASN A . n 
A 1 64  THR 64  249 249 THR THR A . n 
A 1 65  GLN 65  250 250 GLN GLN A . n 
A 1 66  ILE 66  251 251 ILE ILE A . n 
A 1 67  ASP 67  252 252 ASP ASP A . n 
A 1 68  ASN 68  253 253 ASN ASN A . n 
A 1 69  SER 69  254 254 SER SER A . n 
A 1 70  TRP 70  255 255 TRP TRP A . n 
A 1 71  GLY 71  256 256 GLY GLY A . n 
A 1 72  SER 72  257 257 SER SER A . n 
A 1 73  GLU 73  258 258 GLU GLU A . n 
A 1 74  GLU 74  259 259 GLU GLU A . n 
A 1 75  ARG 75  260 260 ARG ARG A . n 
A 1 76  SER 76  261 261 SER SER A . n 
A 1 77  LEU 77  262 262 LEU LEU A . n 
A 1 78  PRO 78  263 263 PRO PRO A . n 
A 1 79  ARG 79  264 264 ARG ARG A . n 
A 1 80  LYS 80  265 265 LYS LYS A . n 
A 1 81  MET 81  266 266 MET MET A . n 
A 1 82  PRO 82  267 267 PRO PRO A . n 
A 1 83  PHE 83  268 268 PHE PHE A . n 
A 1 84  VAL 84  269 269 VAL VAL A . n 
A 1 85  ARG 85  270 270 ARG ARG A . n 
A 1 86  GLY 86  271 271 GLY GLY A . n 
A 1 87  GLN 87  272 272 GLN GLN A . n 
A 1 88  SER 88  273 273 SER SER A . n 
A 1 89  PHE 89  274 274 PHE PHE A . n 
A 1 90  SER 90  275 275 SER SER A . n 
A 1 91  VAL 91  276 276 VAL VAL A . n 
A 1 92  TRP 92  277 277 TRP TRP A . n 
A 1 93  ILE 93  278 278 ILE ILE A . n 
A 1 94  LEU 94  279 279 LEU LEU A . n 
A 1 95  CYS 95  280 280 CYS CYS A . n 
A 1 96  GLU 96  281 281 GLU GLU A . n 
A 1 97  ALA 97  282 282 ALA ALA A . n 
A 1 98  HIS 98  283 283 HIS HIS A . n 
A 1 99  CYS 99  284 284 CYS CYS A . n 
A 1 100 LEU 100 285 285 LEU LEU A . n 
A 1 101 LYS 101 286 286 LYS LYS A . n 
A 1 102 VAL 102 287 287 VAL VAL A . n 
A 1 103 ALA 103 288 288 ALA ALA A . n 
A 1 104 VAL 104 289 289 VAL VAL A . n 
A 1 105 ASP 105 290 290 ASP ASP A . n 
A 1 106 GLY 106 291 291 GLY GLY A . n 
A 1 107 GLN 107 292 292 GLN GLN A . n 
A 1 108 HIS 108 293 293 HIS HIS A . n 
A 1 109 LEU 109 294 294 LEU LEU A . n 
A 1 110 PHE 110 295 295 PHE PHE A . n 
A 1 111 GLU 111 296 296 GLU GLU A . n 
A 1 112 TYR 112 297 297 TYR TYR A . n 
A 1 113 TYR 113 298 298 TYR TYR A . n 
A 1 114 HIS 114 299 299 HIS HIS A . n 
A 1 115 ARG 115 300 300 ARG ARG A . n 
A 1 116 LEU 116 301 301 LEU LEU A . n 
A 1 117 ARG 117 302 302 ARG ARG A . n 
A 1 118 ASN 118 303 303 ASN ASN A . n 
A 1 119 LEU 119 304 304 LEU LEU A . n 
A 1 120 PRO 120 305 305 PRO PRO A . n 
A 1 121 THR 121 306 306 THR THR A . n 
A 1 122 ILE 122 307 307 ILE ILE A . n 
A 1 123 ASN 123 308 308 ASN ASN A . n 
A 1 124 ARG 124 309 309 ARG ARG A . n 
A 1 125 LEU 125 310 310 LEU LEU A . n 
A 1 126 GLU 126 311 311 GLU GLU A . n 
A 1 127 VAL 127 312 312 VAL VAL A . n 
A 1 128 GLY 128 313 313 GLY GLY A . n 
A 1 129 GLY 129 314 314 GLY GLY A . n 
A 1 130 ASP 130 315 315 ASP ASP A . n 
A 1 131 ILE 131 316 316 ILE ILE A . n 
A 1 132 GLN 132 317 317 GLN GLN A . n 
A 1 133 LEU 133 318 318 LEU LEU A . n 
A 1 134 THR 134 319 319 THR THR A . n 
A 1 135 HIS 135 320 320 HIS HIS A . n 
A 1 136 VAL 136 321 321 VAL VAL A . n 
A 1 137 GLN 137 322 322 GLN GLN A . n 
A 1 138 THR 138 323 323 THR THR A . n 
# 
loop_
_pdbx_nonpoly_scheme.asym_id 
_pdbx_nonpoly_scheme.entity_id 
_pdbx_nonpoly_scheme.mon_id 
_pdbx_nonpoly_scheme.ndb_seq_num 
_pdbx_nonpoly_scheme.pdb_seq_num 
_pdbx_nonpoly_scheme.auth_seq_num 
_pdbx_nonpoly_scheme.pdb_mon_id 
_pdbx_nonpoly_scheme.auth_mon_id 
_pdbx_nonpoly_scheme.pdb_strand_id 
_pdbx_nonpoly_scheme.pdb_ins_code 
C 3 NI  1   401 401 NI  NI2 A . 
D 4 HOH 1   1   1   HOH HOH A . 
D 4 HOH 2   2   2   HOH HOH A . 
D 4 HOH 3   3   3   HOH HOH A . 
D 4 HOH 4   4   4   HOH HOH A . 
D 4 HOH 5   5   5   HOH HOH A . 
D 4 HOH 6   6   6   HOH HOH A . 
D 4 HOH 7   7   7   HOH HOH A . 
D 4 HOH 8   8   8   HOH HOH A . 
D 4 HOH 9   9   9   HOH HOH A . 
D 4 HOH 10  10  10  HOH HOH A . 
D 4 HOH 11  11  11  HOH HOH A . 
D 4 HOH 12  12  12  HOH HOH A . 
D 4 HOH 13  13  13  HOH HOH A . 
D 4 HOH 14  14  14  HOH HOH A . 
D 4 HOH 15  15  15  HOH HOH A . 
D 4 HOH 16  16  16  HOH HOH A . 
D 4 HOH 17  17  17  HOH HOH A . 
D 4 HOH 18  18  18  HOH HOH A . 
D 4 HOH 19  19  19  HOH HOH A . 
D 4 HOH 20  20  20  HOH HOH A . 
D 4 HOH 21  21  21  HOH HOH A . 
D 4 HOH 22  22  22  HOH HOH A . 
D 4 HOH 23  23  23  HOH HOH A . 
D 4 HOH 24  24  24  HOH HOH A . 
D 4 HOH 25  25  25  HOH HOH A . 
D 4 HOH 26  26  26  HOH HOH A . 
D 4 HOH 27  27  27  HOH HOH A . 
D 4 HOH 28  28  28  HOH HOH A . 
D 4 HOH 29  29  29  HOH HOH A . 
D 4 HOH 30  30  30  HOH HOH A . 
D 4 HOH 31  31  31  HOH HOH A . 
D 4 HOH 32  32  32  HOH HOH A . 
D 4 HOH 33  33  33  HOH HOH A . 
D 4 HOH 34  34  34  HOH HOH A . 
D 4 HOH 35  35  35  HOH HOH A . 
D 4 HOH 36  36  36  HOH HOH A . 
D 4 HOH 37  37  37  HOH HOH A . 
D 4 HOH 38  38  38  HOH HOH A . 
D 4 HOH 39  39  39  HOH HOH A . 
D 4 HOH 40  40  40  HOH HOH A . 
D 4 HOH 41  41  41  HOH HOH A . 
D 4 HOH 42  42  42  HOH HOH A . 
D 4 HOH 43  43  43  HOH HOH A . 
D 4 HOH 44  44  44  HOH HOH A . 
D 4 HOH 45  45  45  HOH HOH A . 
D 4 HOH 46  46  46  HOH HOH A . 
D 4 HOH 47  47  47  HOH HOH A . 
D 4 HOH 48  48  48  HOH HOH A . 
D 4 HOH 49  49  49  HOH HOH A . 
D 4 HOH 50  50  50  HOH HOH A . 
D 4 HOH 51  51  51  HOH HOH A . 
D 4 HOH 52  52  52  HOH HOH A . 
D 4 HOH 53  53  53  HOH HOH A . 
D 4 HOH 54  54  54  HOH HOH A . 
D 4 HOH 55  55  55  HOH HOH A . 
D 4 HOH 56  56  56  HOH HOH A . 
D 4 HOH 57  57  57  HOH HOH A . 
D 4 HOH 58  58  58  HOH HOH A . 
D 4 HOH 59  59  59  HOH HOH A . 
D 4 HOH 60  60  60  HOH HOH A . 
D 4 HOH 61  61  61  HOH HOH A . 
D 4 HOH 62  62  62  HOH HOH A . 
D 4 HOH 63  63  63  HOH HOH A . 
D 4 HOH 64  64  64  HOH HOH A . 
D 4 HOH 65  65  65  HOH HOH A . 
D 4 HOH 66  66  66  HOH HOH A . 
D 4 HOH 67  67  67  HOH HOH A . 
D 4 HOH 68  68  68  HOH HOH A . 
D 4 HOH 69  69  69  HOH HOH A . 
D 4 HOH 70  70  70  HOH HOH A . 
D 4 HOH 71  71  71  HOH HOH A . 
D 4 HOH 72  72  72  HOH HOH A . 
D 4 HOH 73  73  73  HOH HOH A . 
D 4 HOH 74  74  74  HOH HOH A . 
D 4 HOH 75  75  75  HOH HOH A . 
D 4 HOH 76  76  76  HOH HOH A . 
D 4 HOH 77  77  77  HOH HOH A . 
D 4 HOH 78  78  78  HOH HOH A . 
D 4 HOH 79  79  79  HOH HOH A . 
D 4 HOH 80  80  80  HOH HOH A . 
D 4 HOH 81  81  81  HOH HOH A . 
D 4 HOH 82  82  82  HOH HOH A . 
D 4 HOH 83  83  83  HOH HOH A . 
D 4 HOH 84  84  84  HOH HOH A . 
D 4 HOH 85  85  85  HOH HOH A . 
D 4 HOH 86  86  86  HOH HOH A . 
D 4 HOH 87  87  87  HOH HOH A . 
D 4 HOH 88  88  88  HOH HOH A . 
D 4 HOH 89  89  89  HOH HOH A . 
D 4 HOH 90  90  90  HOH HOH A . 
D 4 HOH 91  91  91  HOH HOH A . 
D 4 HOH 92  92  92  HOH HOH A . 
D 4 HOH 93  93  93  HOH HOH A . 
D 4 HOH 94  94  94  HOH HOH A . 
D 4 HOH 95  95  95  HOH HOH A . 
D 4 HOH 96  96  96  HOH HOH A . 
D 4 HOH 97  97  97  HOH HOH A . 
D 4 HOH 98  98  98  HOH HOH A . 
D 4 HOH 99  99  99  HOH HOH A . 
D 4 HOH 100 100 100 HOH HOH A . 
D 4 HOH 101 101 101 HOH HOH A . 
D 4 HOH 102 102 102 HOH HOH A . 
D 4 HOH 103 103 103 HOH HOH A . 
D 4 HOH 104 104 104 HOH HOH A . 
D 4 HOH 105 105 105 HOH HOH A . 
D 4 HOH 106 106 106 HOH HOH A . 
D 4 HOH 107 107 107 HOH HOH A . 
D 4 HOH 108 108 108 HOH HOH A . 
D 4 HOH 109 109 109 HOH HOH A . 
D 4 HOH 110 110 110 HOH HOH A . 
D 4 HOH 111 111 111 HOH HOH A . 
D 4 HOH 112 112 112 HOH HOH A . 
D 4 HOH 113 113 113 HOH HOH A . 
D 4 HOH 114 114 114 HOH HOH A . 
D 4 HOH 115 115 115 HOH HOH A . 
D 4 HOH 116 116 116 HOH HOH A . 
D 4 HOH 117 117 117 HOH HOH A . 
D 4 HOH 118 118 118 HOH HOH A . 
D 4 HOH 119 119 119 HOH HOH A . 
D 4 HOH 120 120 120 HOH HOH A . 
D 4 HOH 121 121 121 HOH HOH A . 
D 4 HOH 122 122 122 HOH HOH A . 
D 4 HOH 123 123 123 HOH HOH A . 
D 4 HOH 124 124 124 HOH HOH A . 
D 4 HOH 125 125 125 HOH HOH A . 
D 4 HOH 126 126 126 HOH HOH A . 
D 4 HOH 127 127 127 HOH HOH A . 
D 4 HOH 128 128 128 HOH HOH A . 
D 4 HOH 129 129 129 HOH HOH A . 
D 4 HOH 130 130 130 HOH HOH A . 
D 4 HOH 131 131 131 HOH HOH A . 
D 4 HOH 132 132 132 HOH HOH A . 
D 4 HOH 133 133 133 HOH HOH A . 
D 4 HOH 134 134 134 HOH HOH A . 
D 4 HOH 135 135 135 HOH HOH A . 
D 4 HOH 136 136 136 HOH HOH A . 
D 4 HOH 137 137 137 HOH HOH A . 
D 4 HOH 138 138 138 HOH HOH A . 
D 4 HOH 139 139 139 HOH HOH A . 
D 4 HOH 140 140 140 HOH HOH A . 
D 4 HOH 141 141 141 HOH HOH A . 
D 4 HOH 142 142 142 HOH HOH A . 
D 4 HOH 143 143 143 HOH HOH A . 
# 
_pdbx_struct_assembly.id                   1 
_pdbx_struct_assembly.details              software_defined_assembly 
_pdbx_struct_assembly.method_details       PISA 
_pdbx_struct_assembly.oligomeric_details   monomeric 
_pdbx_struct_assembly.oligomeric_count     1 
# 
_pdbx_struct_assembly_gen.assembly_id       1 
_pdbx_struct_assembly_gen.oper_expression   1 
_pdbx_struct_assembly_gen.asym_id_list      A,B,C,D 
# 
_pdbx_struct_oper_list.id                   1 
_pdbx_struct_oper_list.type                 'identity operation' 
_pdbx_struct_oper_list.name                 1_555 
_pdbx_struct_oper_list.symmetry_operation   x,y,z 
_pdbx_struct_oper_list.matrix[1][1]         1.0000000000 
_pdbx_struct_oper_list.matrix[1][2]         0.0000000000 
_pdbx_struct_oper_list.matrix[1][3]         0.0000000000 
_pdbx_struct_oper_list.vector[1]            0.0000000000 
_pdbx_struct_oper_list.matrix[2][1]         0.0000000000 
_pdbx_struct_oper_list.matrix[2][2]         1.0000000000 
_pdbx_struct_oper_list.matrix[2][3]         0.0000000000 
_pdbx_struct_oper_list.vector[2]            0.0000000000 
_pdbx_struct_oper_list.matrix[3][1]         0.0000000000 
_pdbx_struct_oper_list.matrix[3][2]         0.0000000000 
_pdbx_struct_oper_list.matrix[3][3]         1.0000000000 
_pdbx_struct_oper_list.vector[3]            0.0000000000 
# 
_pdbx_struct_special_symmetry.id              1 
_pdbx_struct_special_symmetry.PDB_model_num   1 
_pdbx_struct_special_symmetry.auth_asym_id    A 
_pdbx_struct_special_symmetry.auth_comp_id    NI 
_pdbx_struct_special_symmetry.auth_seq_id     401 
_pdbx_struct_special_symmetry.PDB_ins_code    ? 
_pdbx_struct_special_symmetry.label_asym_id   C 
_pdbx_struct_special_symmetry.label_comp_id   NI 
_pdbx_struct_special_symmetry.label_seq_id    . 
# 
_pdbx_struct_conn_angle.id                    1 
_pdbx_struct_conn_angle.ptnr1_label_atom_id   O 
_pdbx_struct_conn_angle.ptnr1_label_alt_id    ? 
_pdbx_struct_conn_angle.ptnr1_label_asym_id   D 
_pdbx_struct_conn_angle.ptnr1_label_comp_id   HOH 
_pdbx_struct_conn_angle.ptnr1_label_seq_id    . 
_pdbx_struct_conn_angle.ptnr1_auth_atom_id    ? 
_pdbx_struct_conn_angle.ptnr1_auth_asym_id    A 
_pdbx_struct_conn_angle.ptnr1_auth_comp_id    HOH 
_pdbx_struct_conn_angle.ptnr1_auth_seq_id     17 
_pdbx_struct_conn_angle.ptnr1_PDB_ins_code    ? 
_pdbx_struct_conn_angle.ptnr1_symmetry        1_555 
_pdbx_struct_conn_angle.ptnr2_label_atom_id   NI 
_pdbx_struct_conn_angle.ptnr2_label_alt_id    ? 
_pdbx_struct_conn_angle.ptnr2_label_asym_id   C 
_pdbx_struct_conn_angle.ptnr2_label_comp_id   NI 
_pdbx_struct_conn_angle.ptnr2_label_seq_id    . 
_pdbx_struct_conn_angle.ptnr2_auth_atom_id    ? 
_pdbx_struct_conn_angle.ptnr2_auth_asym_id    A 
_pdbx_struct_conn_angle.ptnr2_auth_comp_id    NI 
_pdbx_struct_conn_angle.ptnr2_auth_seq_id     401 
_pdbx_struct_conn_angle.ptnr2_PDB_ins_code    ? 
_pdbx_struct_conn_angle.ptnr2_symmetry        1_555 
_pdbx_struct_conn_angle.ptnr3_label_atom_id   NE2 
_pdbx_struct_conn_angle.ptnr3_label_alt_id    ? 
_pdbx_struct_conn_angle.ptnr3_label_asym_id   A 
_pdbx_struct_conn_angle.ptnr3_label_comp_id   HIS 
_pdbx_struct_conn_angle.ptnr3_label_seq_id    135 
_pdbx_struct_conn_angle.ptnr3_auth_atom_id    ? 
_pdbx_struct_conn_angle.ptnr3_auth_asym_id    A 
_pdbx_struct_conn_angle.ptnr3_auth_comp_id    HIS 
_pdbx_struct_conn_angle.ptnr3_auth_seq_id     320 
_pdbx_struct_conn_angle.ptnr3_PDB_ins_code    ? 
_pdbx_struct_conn_angle.ptnr3_symmetry        1_555 
_pdbx_struct_conn_angle.value                 91.7 
_pdbx_struct_conn_angle.value_esd             ? 
# 
loop_
_pdbx_audit_revision_history.ordinal 
_pdbx_audit_revision_history.data_content_type 
_pdbx_audit_revision_history.major_revision 
_pdbx_audit_revision_history.minor_revision 
_pdbx_audit_revision_history.revision_date 
1 'Structure model' 1 0 2010-09-22 
2 'Structure model' 1 1 2011-07-13 
3 'Structure model' 2 0 2020-07-29 
4 'Structure model' 2 1 2023-11-01 
# 
loop_
_pdbx_audit_revision_details.ordinal 
_pdbx_audit_revision_details.revision_ordinal 
_pdbx_audit_revision_details.data_content_type 
_pdbx_audit_revision_details.provider 
_pdbx_audit_revision_details.type 
_pdbx_audit_revision_details.description 
_pdbx_audit_revision_details.details 
1 1 'Structure model' repository 'Initial release' ?                          ? 
2 3 'Structure model' repository Remediation       'Carbohydrate remediation' ? 
# 
loop_
_pdbx_audit_revision_group.ordinal 
_pdbx_audit_revision_group.revision_ordinal 
_pdbx_audit_revision_group.data_content_type 
_pdbx_audit_revision_group.group 
1 2 'Structure model' 'Version format compliance' 
2 3 'Structure model' 'Atomic model'              
3 3 'Structure model' 'Data collection'           
4 3 'Structure model' 'Derived calculations'      
5 3 'Structure model' 'Structure summary'         
6 4 'Structure model' 'Data collection'           
7 4 'Structure model' 'Database references'       
8 4 'Structure model' 'Refinement description'    
9 4 'Structure model' 'Structure summary'         
# 
loop_
_pdbx_audit_revision_category.ordinal 
_pdbx_audit_revision_category.revision_ordinal 
_pdbx_audit_revision_category.data_content_type 
_pdbx_audit_revision_category.category 
1  3 'Structure model' atom_site                     
2  3 'Structure model' chem_comp                     
3  3 'Structure model' entity                        
4  3 'Structure model' pdbx_branch_scheme            
5  3 'Structure model' pdbx_chem_comp_identifier     
6  3 'Structure model' pdbx_entity_branch            
7  3 'Structure model' pdbx_entity_branch_descriptor 
8  3 'Structure model' pdbx_entity_branch_link       
9  3 'Structure model' pdbx_entity_branch_list       
10 3 'Structure model' pdbx_entity_nonpoly           
11 3 'Structure model' pdbx_nonpoly_scheme           
12 3 'Structure model' pdbx_struct_assembly_gen      
13 3 'Structure model' pdbx_struct_conn_angle        
14 3 'Structure model' pdbx_struct_special_symmetry  
15 3 'Structure model' struct_asym                   
16 3 'Structure model' struct_conn                   
17 3 'Structure model' struct_site                   
18 3 'Structure model' struct_site_gen               
19 4 'Structure model' chem_comp                     
20 4 'Structure model' chem_comp_atom                
21 4 'Structure model' chem_comp_bond                
22 4 'Structure model' database_2                    
23 4 'Structure model' pdbx_initial_refinement_model 
# 
loop_
_pdbx_audit_revision_item.ordinal 
_pdbx_audit_revision_item.revision_ordinal 
_pdbx_audit_revision_item.data_content_type 
_pdbx_audit_revision_item.item 
1  3 'Structure model' '_atom_site.B_iso_or_equiv'                   
2  3 'Structure model' '_atom_site.Cartn_x'                          
3  3 'Structure model' '_atom_site.Cartn_y'                          
4  3 'Structure model' '_atom_site.Cartn_z'                          
5  3 'Structure model' '_atom_site.auth_asym_id'                     
6  3 'Structure model' '_atom_site.auth_atom_id'                     
7  3 'Structure model' '_atom_site.auth_comp_id'                     
8  3 'Structure model' '_atom_site.auth_seq_id'                      
9  3 'Structure model' '_atom_site.label_asym_id'                    
10 3 'Structure model' '_atom_site.label_atom_id'                    
11 3 'Structure model' '_atom_site.label_comp_id'                    
12 3 'Structure model' '_atom_site.label_entity_id'                  
13 3 'Structure model' '_atom_site.occupancy'                        
14 3 'Structure model' '_atom_site.type_symbol'                      
15 3 'Structure model' '_chem_comp.name'                             
16 3 'Structure model' '_chem_comp.type'                             
17 3 'Structure model' '_pdbx_struct_assembly_gen.asym_id_list'      
18 3 'Structure model' '_pdbx_struct_conn_angle.ptnr1_auth_comp_id'  
19 3 'Structure model' '_pdbx_struct_conn_angle.ptnr1_auth_seq_id'   
20 3 'Structure model' '_pdbx_struct_conn_angle.ptnr1_label_asym_id' 
21 3 'Structure model' '_pdbx_struct_conn_angle.ptnr1_label_atom_id' 
22 3 'Structure model' '_pdbx_struct_conn_angle.ptnr1_label_comp_id' 
23 3 'Structure model' '_pdbx_struct_conn_angle.ptnr1_label_seq_id'  
24 3 'Structure model' '_pdbx_struct_conn_angle.ptnr2_label_asym_id' 
25 3 'Structure model' '_pdbx_struct_conn_angle.ptnr3_auth_comp_id'  
26 3 'Structure model' '_pdbx_struct_conn_angle.ptnr3_auth_seq_id'   
27 3 'Structure model' '_pdbx_struct_conn_angle.ptnr3_label_asym_id' 
28 3 'Structure model' '_pdbx_struct_conn_angle.ptnr3_label_atom_id' 
29 3 'Structure model' '_pdbx_struct_conn_angle.ptnr3_label_comp_id' 
30 3 'Structure model' '_pdbx_struct_conn_angle.ptnr3_label_seq_id'  
31 3 'Structure model' '_pdbx_struct_special_symmetry.label_asym_id' 
32 3 'Structure model' '_struct_conn.pdbx_dist_value'                
33 3 'Structure model' '_struct_conn.pdbx_leaving_atom_flag'         
34 3 'Structure model' '_struct_conn.ptnr1_auth_asym_id'             
35 3 'Structure model' '_struct_conn.ptnr1_auth_comp_id'             
36 3 'Structure model' '_struct_conn.ptnr1_auth_seq_id'              
37 3 'Structure model' '_struct_conn.ptnr1_label_asym_id'            
38 3 'Structure model' '_struct_conn.ptnr1_label_atom_id'            
39 3 'Structure model' '_struct_conn.ptnr1_label_comp_id'            
40 3 'Structure model' '_struct_conn.ptnr1_label_seq_id'             
41 3 'Structure model' '_struct_conn.ptnr2_auth_asym_id'             
42 3 'Structure model' '_struct_conn.ptnr2_auth_comp_id'             
43 3 'Structure model' '_struct_conn.ptnr2_auth_seq_id'              
44 3 'Structure model' '_struct_conn.ptnr2_label_asym_id'            
45 3 'Structure model' '_struct_conn.ptnr2_label_atom_id'            
46 3 'Structure model' '_struct_conn.ptnr2_label_comp_id'            
47 4 'Structure model' '_chem_comp.pdbx_synonyms'                    
48 4 'Structure model' '_database_2.pdbx_DOI'                        
49 4 'Structure model' '_database_2.pdbx_database_accession'         
# 
loop_
_software.name 
_software.classification 
_software.version 
_software.citation_id 
_software.pdbx_ordinal 
ADSC     'data collection' Quantum ? 1 
MOLREP   phasing           .       ? 2 
CNS      refinement        1.1     ? 3 
HKL-2000 'data reduction'  .       ? 4 
HKL-2000 'data scaling'    .       ? 5 
# 
_pdbx_entry_details.entry_id                 3NV3 
_pdbx_entry_details.nonpolymer_details       'THE LIGANDS GAL, NAG AND MAN FORM BIANTENNARY OLIGOSACCHARIDE.' 
_pdbx_entry_details.sequence_details         ? 
_pdbx_entry_details.compound_details         ? 
_pdbx_entry_details.source_details           ? 
_pdbx_entry_details.has_ligand_of_interest   ? 
# 
loop_
_pdbx_validate_torsion.id 
_pdbx_validate_torsion.PDB_model_num 
_pdbx_validate_torsion.auth_comp_id 
_pdbx_validate_torsion.auth_asym_id 
_pdbx_validate_torsion.auth_seq_id 
_pdbx_validate_torsion.PDB_ins_code 
_pdbx_validate_torsion.label_alt_id 
_pdbx_validate_torsion.phi 
_pdbx_validate_torsion.psi 
1 1 PRO A 189 ? ? -64.87 -164.87 
2 1 SER A 206 ? ? 88.12  -3.94   
# 
loop_
_pdbx_unobs_or_zero_occ_residues.id 
_pdbx_unobs_or_zero_occ_residues.PDB_model_num 
_pdbx_unobs_or_zero_occ_residues.polymer_flag 
_pdbx_unobs_or_zero_occ_residues.occupancy_flag 
_pdbx_unobs_or_zero_occ_residues.auth_asym_id 
_pdbx_unobs_or_zero_occ_residues.auth_comp_id 
_pdbx_unobs_or_zero_occ_residues.auth_seq_id 
_pdbx_unobs_or_zero_occ_residues.PDB_ins_code 
_pdbx_unobs_or_zero_occ_residues.label_asym_id 
_pdbx_unobs_or_zero_occ_residues.label_comp_id 
_pdbx_unobs_or_zero_occ_residues.label_seq_id 
1 1 Y 1 A TYR 186 ? A TYR 1 
2 1 Y 1 A PRO 187 ? A PRO 2 
# 
loop_
_chem_comp_atom.comp_id 
_chem_comp_atom.atom_id 
_chem_comp_atom.type_symbol 
_chem_comp_atom.pdbx_aromatic_flag 
_chem_comp_atom.pdbx_stereo_config 
_chem_comp_atom.pdbx_ordinal 
ALA N    N  N N 1   
ALA CA   C  N S 2   
ALA C    C  N N 3   
ALA O    O  N N 4   
ALA CB   C  N N 5   
ALA OXT  O  N N 6   
ALA H    H  N N 7   
ALA H2   H  N N 8   
ALA HA   H  N N 9   
ALA HB1  H  N N 10  
ALA HB2  H  N N 11  
ALA HB3  H  N N 12  
ALA HXT  H  N N 13  
ARG N    N  N N 14  
ARG CA   C  N S 15  
ARG C    C  N N 16  
ARG O    O  N N 17  
ARG CB   C  N N 18  
ARG CG   C  N N 19  
ARG CD   C  N N 20  
ARG NE   N  N N 21  
ARG CZ   C  N N 22  
ARG NH1  N  N N 23  
ARG NH2  N  N N 24  
ARG OXT  O  N N 25  
ARG H    H  N N 26  
ARG H2   H  N N 27  
ARG HA   H  N N 28  
ARG HB2  H  N N 29  
ARG HB3  H  N N 30  
ARG HG2  H  N N 31  
ARG HG3  H  N N 32  
ARG HD2  H  N N 33  
ARG HD3  H  N N 34  
ARG HE   H  N N 35  
ARG HH11 H  N N 36  
ARG HH12 H  N N 37  
ARG HH21 H  N N 38  
ARG HH22 H  N N 39  
ARG HXT  H  N N 40  
ASN N    N  N N 41  
ASN CA   C  N S 42  
ASN C    C  N N 43  
ASN O    O  N N 44  
ASN CB   C  N N 45  
ASN CG   C  N N 46  
ASN OD1  O  N N 47  
ASN ND2  N  N N 48  
ASN OXT  O  N N 49  
ASN H    H  N N 50  
ASN H2   H  N N 51  
ASN HA   H  N N 52  
ASN HB2  H  N N 53  
ASN HB3  H  N N 54  
ASN HD21 H  N N 55  
ASN HD22 H  N N 56  
ASN HXT  H  N N 57  
ASP N    N  N N 58  
ASP CA   C  N S 59  
ASP C    C  N N 60  
ASP O    O  N N 61  
ASP CB   C  N N 62  
ASP CG   C  N N 63  
ASP OD1  O  N N 64  
ASP OD2  O  N N 65  
ASP OXT  O  N N 66  
ASP H    H  N N 67  
ASP H2   H  N N 68  
ASP HA   H  N N 69  
ASP HB2  H  N N 70  
ASP HB3  H  N N 71  
ASP HD2  H  N N 72  
ASP HXT  H  N N 73  
CYS N    N  N N 74  
CYS CA   C  N R 75  
CYS C    C  N N 76  
CYS O    O  N N 77  
CYS CB   C  N N 78  
CYS SG   S  N N 79  
CYS OXT  O  N N 80  
CYS H    H  N N 81  
CYS H2   H  N N 82  
CYS HA   H  N N 83  
CYS HB2  H  N N 84  
CYS HB3  H  N N 85  
CYS HG   H  N N 86  
CYS HXT  H  N N 87  
GAL C1   C  N R 88  
GAL C2   C  N R 89  
GAL C3   C  N S 90  
GAL C4   C  N R 91  
GAL C5   C  N R 92  
GAL C6   C  N N 93  
GAL O1   O  N N 94  
GAL O2   O  N N 95  
GAL O3   O  N N 96  
GAL O4   O  N N 97  
GAL O5   O  N N 98  
GAL O6   O  N N 99  
GAL H1   H  N N 100 
GAL H2   H  N N 101 
GAL H3   H  N N 102 
GAL H4   H  N N 103 
GAL H5   H  N N 104 
GAL H61  H  N N 105 
GAL H62  H  N N 106 
GAL HO1  H  N N 107 
GAL HO2  H  N N 108 
GAL HO3  H  N N 109 
GAL HO4  H  N N 110 
GAL HO6  H  N N 111 
GLN N    N  N N 112 
GLN CA   C  N S 113 
GLN C    C  N N 114 
GLN O    O  N N 115 
GLN CB   C  N N 116 
GLN CG   C  N N 117 
GLN CD   C  N N 118 
GLN OE1  O  N N 119 
GLN NE2  N  N N 120 
GLN OXT  O  N N 121 
GLN H    H  N N 122 
GLN H2   H  N N 123 
GLN HA   H  N N 124 
GLN HB2  H  N N 125 
GLN HB3  H  N N 126 
GLN HG2  H  N N 127 
GLN HG3  H  N N 128 
GLN HE21 H  N N 129 
GLN HE22 H  N N 130 
GLN HXT  H  N N 131 
GLU N    N  N N 132 
GLU CA   C  N S 133 
GLU C    C  N N 134 
GLU O    O  N N 135 
GLU CB   C  N N 136 
GLU CG   C  N N 137 
GLU CD   C  N N 138 
GLU OE1  O  N N 139 
GLU OE2  O  N N 140 
GLU OXT  O  N N 141 
GLU H    H  N N 142 
GLU H2   H  N N 143 
GLU HA   H  N N 144 
GLU HB2  H  N N 145 
GLU HB3  H  N N 146 
GLU HG2  H  N N 147 
GLU HG3  H  N N 148 
GLU HE2  H  N N 149 
GLU HXT  H  N N 150 
GLY N    N  N N 151 
GLY CA   C  N N 152 
GLY C    C  N N 153 
GLY O    O  N N 154 
GLY OXT  O  N N 155 
GLY H    H  N N 156 
GLY H2   H  N N 157 
GLY HA2  H  N N 158 
GLY HA3  H  N N 159 
GLY HXT  H  N N 160 
HIS N    N  N N 161 
HIS CA   C  N S 162 
HIS C    C  N N 163 
HIS O    O  N N 164 
HIS CB   C  N N 165 
HIS CG   C  Y N 166 
HIS ND1  N  Y N 167 
HIS CD2  C  Y N 168 
HIS CE1  C  Y N 169 
HIS NE2  N  Y N 170 
HIS OXT  O  N N 171 
HIS H    H  N N 172 
HIS H2   H  N N 173 
HIS HA   H  N N 174 
HIS HB2  H  N N 175 
HIS HB3  H  N N 176 
HIS HD1  H  N N 177 
HIS HD2  H  N N 178 
HIS HE1  H  N N 179 
HIS HE2  H  N N 180 
HIS HXT  H  N N 181 
HOH O    O  N N 182 
HOH H1   H  N N 183 
HOH H2   H  N N 184 
ILE N    N  N N 185 
ILE CA   C  N S 186 
ILE C    C  N N 187 
ILE O    O  N N 188 
ILE CB   C  N S 189 
ILE CG1  C  N N 190 
ILE CG2  C  N N 191 
ILE CD1  C  N N 192 
ILE OXT  O  N N 193 
ILE H    H  N N 194 
ILE H2   H  N N 195 
ILE HA   H  N N 196 
ILE HB   H  N N 197 
ILE HG12 H  N N 198 
ILE HG13 H  N N 199 
ILE HG21 H  N N 200 
ILE HG22 H  N N 201 
ILE HG23 H  N N 202 
ILE HD11 H  N N 203 
ILE HD12 H  N N 204 
ILE HD13 H  N N 205 
ILE HXT  H  N N 206 
LEU N    N  N N 207 
LEU CA   C  N S 208 
LEU C    C  N N 209 
LEU O    O  N N 210 
LEU CB   C  N N 211 
LEU CG   C  N N 212 
LEU CD1  C  N N 213 
LEU CD2  C  N N 214 
LEU OXT  O  N N 215 
LEU H    H  N N 216 
LEU H2   H  N N 217 
LEU HA   H  N N 218 
LEU HB2  H  N N 219 
LEU HB3  H  N N 220 
LEU HG   H  N N 221 
LEU HD11 H  N N 222 
LEU HD12 H  N N 223 
LEU HD13 H  N N 224 
LEU HD21 H  N N 225 
LEU HD22 H  N N 226 
LEU HD23 H  N N 227 
LEU HXT  H  N N 228 
LYS N    N  N N 229 
LYS CA   C  N S 230 
LYS C    C  N N 231 
LYS O    O  N N 232 
LYS CB   C  N N 233 
LYS CG   C  N N 234 
LYS CD   C  N N 235 
LYS CE   C  N N 236 
LYS NZ   N  N N 237 
LYS OXT  O  N N 238 
LYS H    H  N N 239 
LYS H2   H  N N 240 
LYS HA   H  N N 241 
LYS HB2  H  N N 242 
LYS HB3  H  N N 243 
LYS HG2  H  N N 244 
LYS HG3  H  N N 245 
LYS HD2  H  N N 246 
LYS HD3  H  N N 247 
LYS HE2  H  N N 248 
LYS HE3  H  N N 249 
LYS HZ1  H  N N 250 
LYS HZ2  H  N N 251 
LYS HZ3  H  N N 252 
LYS HXT  H  N N 253 
MAN C1   C  N S 254 
MAN C2   C  N S 255 
MAN C3   C  N S 256 
MAN C4   C  N S 257 
MAN C5   C  N R 258 
MAN C6   C  N N 259 
MAN O1   O  N N 260 
MAN O2   O  N N 261 
MAN O3   O  N N 262 
MAN O4   O  N N 263 
MAN O5   O  N N 264 
MAN O6   O  N N 265 
MAN H1   H  N N 266 
MAN H2   H  N N 267 
MAN H3   H  N N 268 
MAN H4   H  N N 269 
MAN H5   H  N N 270 
MAN H61  H  N N 271 
MAN H62  H  N N 272 
MAN HO1  H  N N 273 
MAN HO2  H  N N 274 
MAN HO3  H  N N 275 
MAN HO4  H  N N 276 
MAN HO6  H  N N 277 
MET N    N  N N 278 
MET CA   C  N S 279 
MET C    C  N N 280 
MET O    O  N N 281 
MET CB   C  N N 282 
MET CG   C  N N 283 
MET SD   S  N N 284 
MET CE   C  N N 285 
MET OXT  O  N N 286 
MET H    H  N N 287 
MET H2   H  N N 288 
MET HA   H  N N 289 
MET HB2  H  N N 290 
MET HB3  H  N N 291 
MET HG2  H  N N 292 
MET HG3  H  N N 293 
MET HE1  H  N N 294 
MET HE2  H  N N 295 
MET HE3  H  N N 296 
MET HXT  H  N N 297 
NAG C1   C  N R 298 
NAG C2   C  N R 299 
NAG C3   C  N R 300 
NAG C4   C  N S 301 
NAG C5   C  N R 302 
NAG C6   C  N N 303 
NAG C7   C  N N 304 
NAG C8   C  N N 305 
NAG N2   N  N N 306 
NAG O1   O  N N 307 
NAG O3   O  N N 308 
NAG O4   O  N N 309 
NAG O5   O  N N 310 
NAG O6   O  N N 311 
NAG O7   O  N N 312 
NAG H1   H  N N 313 
NAG H2   H  N N 314 
NAG H3   H  N N 315 
NAG H4   H  N N 316 
NAG H5   H  N N 317 
NAG H61  H  N N 318 
NAG H62  H  N N 319 
NAG H81  H  N N 320 
NAG H82  H  N N 321 
NAG H83  H  N N 322 
NAG HN2  H  N N 323 
NAG HO1  H  N N 324 
NAG HO3  H  N N 325 
NAG HO4  H  N N 326 
NAG HO6  H  N N 327 
NI  NI   NI N N 328 
PHE N    N  N N 329 
PHE CA   C  N S 330 
PHE C    C  N N 331 
PHE O    O  N N 332 
PHE CB   C  N N 333 
PHE CG   C  Y N 334 
PHE CD1  C  Y N 335 
PHE CD2  C  Y N 336 
PHE CE1  C  Y N 337 
PHE CE2  C  Y N 338 
PHE CZ   C  Y N 339 
PHE OXT  O  N N 340 
PHE H    H  N N 341 
PHE H2   H  N N 342 
PHE HA   H  N N 343 
PHE HB2  H  N N 344 
PHE HB3  H  N N 345 
PHE HD1  H  N N 346 
PHE HD2  H  N N 347 
PHE HE1  H  N N 348 
PHE HE2  H  N N 349 
PHE HZ   H  N N 350 
PHE HXT  H  N N 351 
PRO N    N  N N 352 
PRO CA   C  N S 353 
PRO C    C  N N 354 
PRO O    O  N N 355 
PRO CB   C  N N 356 
PRO CG   C  N N 357 
PRO CD   C  N N 358 
PRO OXT  O  N N 359 
PRO H    H  N N 360 
PRO HA   H  N N 361 
PRO HB2  H  N N 362 
PRO HB3  H  N N 363 
PRO HG2  H  N N 364 
PRO HG3  H  N N 365 
PRO HD2  H  N N 366 
PRO HD3  H  N N 367 
PRO HXT  H  N N 368 
SER N    N  N N 369 
SER CA   C  N S 370 
SER C    C  N N 371 
SER O    O  N N 372 
SER CB   C  N N 373 
SER OG   O  N N 374 
SER OXT  O  N N 375 
SER H    H  N N 376 
SER H2   H  N N 377 
SER HA   H  N N 378 
SER HB2  H  N N 379 
SER HB3  H  N N 380 
SER HG   H  N N 381 
SER HXT  H  N N 382 
THR N    N  N N 383 
THR CA   C  N S 384 
THR C    C  N N 385 
THR O    O  N N 386 
THR CB   C  N R 387 
THR OG1  O  N N 388 
THR CG2  C  N N 389 
THR OXT  O  N N 390 
THR H    H  N N 391 
THR H2   H  N N 392 
THR HA   H  N N 393 
THR HB   H  N N 394 
THR HG1  H  N N 395 
THR HG21 H  N N 396 
THR HG22 H  N N 397 
THR HG23 H  N N 398 
THR HXT  H  N N 399 
TRP N    N  N N 400 
TRP CA   C  N S 401 
TRP C    C  N N 402 
TRP O    O  N N 403 
TRP CB   C  N N 404 
TRP CG   C  Y N 405 
TRP CD1  C  Y N 406 
TRP CD2  C  Y N 407 
TRP NE1  N  Y N 408 
TRP CE2  C  Y N 409 
TRP CE3  C  Y N 410 
TRP CZ2  C  Y N 411 
TRP CZ3  C  Y N 412 
TRP CH2  C  Y N 413 
TRP OXT  O  N N 414 
TRP H    H  N N 415 
TRP H2   H  N N 416 
TRP HA   H  N N 417 
TRP HB2  H  N N 418 
TRP HB3  H  N N 419 
TRP HD1  H  N N 420 
TRP HE1  H  N N 421 
TRP HE3  H  N N 422 
TRP HZ2  H  N N 423 
TRP HZ3  H  N N 424 
TRP HH2  H  N N 425 
TRP HXT  H  N N 426 
TYR N    N  N N 427 
TYR CA   C  N S 428 
TYR C    C  N N 429 
TYR O    O  N N 430 
TYR CB   C  N N 431 
TYR CG   C  Y N 432 
TYR CD1  C  Y N 433 
TYR CD2  C  Y N 434 
TYR CE1  C  Y N 435 
TYR CE2  C  Y N 436 
TYR CZ   C  Y N 437 
TYR OH   O  N N 438 
TYR OXT  O  N N 439 
TYR H    H  N N 440 
TYR H2   H  N N 441 
TYR HA   H  N N 442 
TYR HB2  H  N N 443 
TYR HB3  H  N N 444 
TYR HD1  H  N N 445 
TYR HD2  H  N N 446 
TYR HE1  H  N N 447 
TYR HE2  H  N N 448 
TYR HH   H  N N 449 
TYR HXT  H  N N 450 
VAL N    N  N N 451 
VAL CA   C  N S 452 
VAL C    C  N N 453 
VAL O    O  N N 454 
VAL CB   C  N N 455 
VAL CG1  C  N N 456 
VAL CG2  C  N N 457 
VAL OXT  O  N N 458 
VAL H    H  N N 459 
VAL H2   H  N N 460 
VAL HA   H  N N 461 
VAL HB   H  N N 462 
VAL HG11 H  N N 463 
VAL HG12 H  N N 464 
VAL HG13 H  N N 465 
VAL HG21 H  N N 466 
VAL HG22 H  N N 467 
VAL HG23 H  N N 468 
VAL HXT  H  N N 469 
# 
loop_
_chem_comp_bond.comp_id 
_chem_comp_bond.atom_id_1 
_chem_comp_bond.atom_id_2 
_chem_comp_bond.value_order 
_chem_comp_bond.pdbx_aromatic_flag 
_chem_comp_bond.pdbx_stereo_config 
_chem_comp_bond.pdbx_ordinal 
ALA N   CA   sing N N 1   
ALA N   H    sing N N 2   
ALA N   H2   sing N N 3   
ALA CA  C    sing N N 4   
ALA CA  CB   sing N N 5   
ALA CA  HA   sing N N 6   
ALA C   O    doub N N 7   
ALA C   OXT  sing N N 8   
ALA CB  HB1  sing N N 9   
ALA CB  HB2  sing N N 10  
ALA CB  HB3  sing N N 11  
ALA OXT HXT  sing N N 12  
ARG N   CA   sing N N 13  
ARG N   H    sing N N 14  
ARG N   H2   sing N N 15  
ARG CA  C    sing N N 16  
ARG CA  CB   sing N N 17  
ARG CA  HA   sing N N 18  
ARG C   O    doub N N 19  
ARG C   OXT  sing N N 20  
ARG CB  CG   sing N N 21  
ARG CB  HB2  sing N N 22  
ARG CB  HB3  sing N N 23  
ARG CG  CD   sing N N 24  
ARG CG  HG2  sing N N 25  
ARG CG  HG3  sing N N 26  
ARG CD  NE   sing N N 27  
ARG CD  HD2  sing N N 28  
ARG CD  HD3  sing N N 29  
ARG NE  CZ   sing N N 30  
ARG NE  HE   sing N N 31  
ARG CZ  NH1  sing N N 32  
ARG CZ  NH2  doub N N 33  
ARG NH1 HH11 sing N N 34  
ARG NH1 HH12 sing N N 35  
ARG NH2 HH21 sing N N 36  
ARG NH2 HH22 sing N N 37  
ARG OXT HXT  sing N N 38  
ASN N   CA   sing N N 39  
ASN N   H    sing N N 40  
ASN N   H2   sing N N 41  
ASN CA  C    sing N N 42  
ASN CA  CB   sing N N 43  
ASN CA  HA   sing N N 44  
ASN C   O    doub N N 45  
ASN C   OXT  sing N N 46  
ASN CB  CG   sing N N 47  
ASN CB  HB2  sing N N 48  
ASN CB  HB3  sing N N 49  
ASN CG  OD1  doub N N 50  
ASN CG  ND2  sing N N 51  
ASN ND2 HD21 sing N N 52  
ASN ND2 HD22 sing N N 53  
ASN OXT HXT  sing N N 54  
ASP N   CA   sing N N 55  
ASP N   H    sing N N 56  
ASP N   H2   sing N N 57  
ASP CA  C    sing N N 58  
ASP CA  CB   sing N N 59  
ASP CA  HA   sing N N 60  
ASP C   O    doub N N 61  
ASP C   OXT  sing N N 62  
ASP CB  CG   sing N N 63  
ASP CB  HB2  sing N N 64  
ASP CB  HB3  sing N N 65  
ASP CG  OD1  doub N N 66  
ASP CG  OD2  sing N N 67  
ASP OD2 HD2  sing N N 68  
ASP OXT HXT  sing N N 69  
CYS N   CA   sing N N 70  
CYS N   H    sing N N 71  
CYS N   H2   sing N N 72  
CYS CA  C    sing N N 73  
CYS CA  CB   sing N N 74  
CYS CA  HA   sing N N 75  
CYS C   O    doub N N 76  
CYS C   OXT  sing N N 77  
CYS CB  SG   sing N N 78  
CYS CB  HB2  sing N N 79  
CYS CB  HB3  sing N N 80  
CYS SG  HG   sing N N 81  
CYS OXT HXT  sing N N 82  
GAL C1  C2   sing N N 83  
GAL C1  O1   sing N N 84  
GAL C1  O5   sing N N 85  
GAL C1  H1   sing N N 86  
GAL C2  C3   sing N N 87  
GAL C2  O2   sing N N 88  
GAL C2  H2   sing N N 89  
GAL C3  C4   sing N N 90  
GAL C3  O3   sing N N 91  
GAL C3  H3   sing N N 92  
GAL C4  C5   sing N N 93  
GAL C4  O4   sing N N 94  
GAL C4  H4   sing N N 95  
GAL C5  C6   sing N N 96  
GAL C5  O5   sing N N 97  
GAL C5  H5   sing N N 98  
GAL C6  O6   sing N N 99  
GAL C6  H61  sing N N 100 
GAL C6  H62  sing N N 101 
GAL O1  HO1  sing N N 102 
GAL O2  HO2  sing N N 103 
GAL O3  HO3  sing N N 104 
GAL O4  HO4  sing N N 105 
GAL O6  HO6  sing N N 106 
GLN N   CA   sing N N 107 
GLN N   H    sing N N 108 
GLN N   H2   sing N N 109 
GLN CA  C    sing N N 110 
GLN CA  CB   sing N N 111 
GLN CA  HA   sing N N 112 
GLN C   O    doub N N 113 
GLN C   OXT  sing N N 114 
GLN CB  CG   sing N N 115 
GLN CB  HB2  sing N N 116 
GLN CB  HB3  sing N N 117 
GLN CG  CD   sing N N 118 
GLN CG  HG2  sing N N 119 
GLN CG  HG3  sing N N 120 
GLN CD  OE1  doub N N 121 
GLN CD  NE2  sing N N 122 
GLN NE2 HE21 sing N N 123 
GLN NE2 HE22 sing N N 124 
GLN OXT HXT  sing N N 125 
GLU N   CA   sing N N 126 
GLU N   H    sing N N 127 
GLU N   H2   sing N N 128 
GLU CA  C    sing N N 129 
GLU CA  CB   sing N N 130 
GLU CA  HA   sing N N 131 
GLU C   O    doub N N 132 
GLU C   OXT  sing N N 133 
GLU CB  CG   sing N N 134 
GLU CB  HB2  sing N N 135 
GLU CB  HB3  sing N N 136 
GLU CG  CD   sing N N 137 
GLU CG  HG2  sing N N 138 
GLU CG  HG3  sing N N 139 
GLU CD  OE1  doub N N 140 
GLU CD  OE2  sing N N 141 
GLU OE2 HE2  sing N N 142 
GLU OXT HXT  sing N N 143 
GLY N   CA   sing N N 144 
GLY N   H    sing N N 145 
GLY N   H2   sing N N 146 
GLY CA  C    sing N N 147 
GLY CA  HA2  sing N N 148 
GLY CA  HA3  sing N N 149 
GLY C   O    doub N N 150 
GLY C   OXT  sing N N 151 
GLY OXT HXT  sing N N 152 
HIS N   CA   sing N N 153 
HIS N   H    sing N N 154 
HIS N   H2   sing N N 155 
HIS CA  C    sing N N 156 
HIS CA  CB   sing N N 157 
HIS CA  HA   sing N N 158 
HIS C   O    doub N N 159 
HIS C   OXT  sing N N 160 
HIS CB  CG   sing N N 161 
HIS CB  HB2  sing N N 162 
HIS CB  HB3  sing N N 163 
HIS CG  ND1  sing Y N 164 
HIS CG  CD2  doub Y N 165 
HIS ND1 CE1  doub Y N 166 
HIS ND1 HD1  sing N N 167 
HIS CD2 NE2  sing Y N 168 
HIS CD2 HD2  sing N N 169 
HIS CE1 NE2  sing Y N 170 
HIS CE1 HE1  sing N N 171 
HIS NE2 HE2  sing N N 172 
HIS OXT HXT  sing N N 173 
HOH O   H1   sing N N 174 
HOH O   H2   sing N N 175 
ILE N   CA   sing N N 176 
ILE N   H    sing N N 177 
ILE N   H2   sing N N 178 
ILE CA  C    sing N N 179 
ILE CA  CB   sing N N 180 
ILE CA  HA   sing N N 181 
ILE C   O    doub N N 182 
ILE C   OXT  sing N N 183 
ILE CB  CG1  sing N N 184 
ILE CB  CG2  sing N N 185 
ILE CB  HB   sing N N 186 
ILE CG1 CD1  sing N N 187 
ILE CG1 HG12 sing N N 188 
ILE CG1 HG13 sing N N 189 
ILE CG2 HG21 sing N N 190 
ILE CG2 HG22 sing N N 191 
ILE CG2 HG23 sing N N 192 
ILE CD1 HD11 sing N N 193 
ILE CD1 HD12 sing N N 194 
ILE CD1 HD13 sing N N 195 
ILE OXT HXT  sing N N 196 
LEU N   CA   sing N N 197 
LEU N   H    sing N N 198 
LEU N   H2   sing N N 199 
LEU CA  C    sing N N 200 
LEU CA  CB   sing N N 201 
LEU CA  HA   sing N N 202 
LEU C   O    doub N N 203 
LEU C   OXT  sing N N 204 
LEU CB  CG   sing N N 205 
LEU CB  HB2  sing N N 206 
LEU CB  HB3  sing N N 207 
LEU CG  CD1  sing N N 208 
LEU CG  CD2  sing N N 209 
LEU CG  HG   sing N N 210 
LEU CD1 HD11 sing N N 211 
LEU CD1 HD12 sing N N 212 
LEU CD1 HD13 sing N N 213 
LEU CD2 HD21 sing N N 214 
LEU CD2 HD22 sing N N 215 
LEU CD2 HD23 sing N N 216 
LEU OXT HXT  sing N N 217 
LYS N   CA   sing N N 218 
LYS N   H    sing N N 219 
LYS N   H2   sing N N 220 
LYS CA  C    sing N N 221 
LYS CA  CB   sing N N 222 
LYS CA  HA   sing N N 223 
LYS C   O    doub N N 224 
LYS C   OXT  sing N N 225 
LYS CB  CG   sing N N 226 
LYS CB  HB2  sing N N 227 
LYS CB  HB3  sing N N 228 
LYS CG  CD   sing N N 229 
LYS CG  HG2  sing N N 230 
LYS CG  HG3  sing N N 231 
LYS CD  CE   sing N N 232 
LYS CD  HD2  sing N N 233 
LYS CD  HD3  sing N N 234 
LYS CE  NZ   sing N N 235 
LYS CE  HE2  sing N N 236 
LYS CE  HE3  sing N N 237 
LYS NZ  HZ1  sing N N 238 
LYS NZ  HZ2  sing N N 239 
LYS NZ  HZ3  sing N N 240 
LYS OXT HXT  sing N N 241 
MAN C1  C2   sing N N 242 
MAN C1  O1   sing N N 243 
MAN C1  O5   sing N N 244 
MAN C1  H1   sing N N 245 
MAN C2  C3   sing N N 246 
MAN C2  O2   sing N N 247 
MAN C2  H2   sing N N 248 
MAN C3  C4   sing N N 249 
MAN C3  O3   sing N N 250 
MAN C3  H3   sing N N 251 
MAN C4  C5   sing N N 252 
MAN C4  O4   sing N N 253 
MAN C4  H4   sing N N 254 
MAN C5  C6   sing N N 255 
MAN C5  O5   sing N N 256 
MAN C5  H5   sing N N 257 
MAN C6  O6   sing N N 258 
MAN C6  H61  sing N N 259 
MAN C6  H62  sing N N 260 
MAN O1  HO1  sing N N 261 
MAN O2  HO2  sing N N 262 
MAN O3  HO3  sing N N 263 
MAN O4  HO4  sing N N 264 
MAN O6  HO6  sing N N 265 
MET N   CA   sing N N 266 
MET N   H    sing N N 267 
MET N   H2   sing N N 268 
MET CA  C    sing N N 269 
MET CA  CB   sing N N 270 
MET CA  HA   sing N N 271 
MET C   O    doub N N 272 
MET C   OXT  sing N N 273 
MET CB  CG   sing N N 274 
MET CB  HB2  sing N N 275 
MET CB  HB3  sing N N 276 
MET CG  SD   sing N N 277 
MET CG  HG2  sing N N 278 
MET CG  HG3  sing N N 279 
MET SD  CE   sing N N 280 
MET CE  HE1  sing N N 281 
MET CE  HE2  sing N N 282 
MET CE  HE3  sing N N 283 
MET OXT HXT  sing N N 284 
NAG C1  C2   sing N N 285 
NAG C1  O1   sing N N 286 
NAG C1  O5   sing N N 287 
NAG C1  H1   sing N N 288 
NAG C2  C3   sing N N 289 
NAG C2  N2   sing N N 290 
NAG C2  H2   sing N N 291 
NAG C3  C4   sing N N 292 
NAG C3  O3   sing N N 293 
NAG C3  H3   sing N N 294 
NAG C4  C5   sing N N 295 
NAG C4  O4   sing N N 296 
NAG C4  H4   sing N N 297 
NAG C5  C6   sing N N 298 
NAG C5  O5   sing N N 299 
NAG C5  H5   sing N N 300 
NAG C6  O6   sing N N 301 
NAG C6  H61  sing N N 302 
NAG C6  H62  sing N N 303 
NAG C7  C8   sing N N 304 
NAG C7  N2   sing N N 305 
NAG C7  O7   doub N N 306 
NAG C8  H81  sing N N 307 
NAG C8  H82  sing N N 308 
NAG C8  H83  sing N N 309 
NAG N2  HN2  sing N N 310 
NAG O1  HO1  sing N N 311 
NAG O3  HO3  sing N N 312 
NAG O4  HO4  sing N N 313 
NAG O6  HO6  sing N N 314 
PHE N   CA   sing N N 315 
PHE N   H    sing N N 316 
PHE N   H2   sing N N 317 
PHE CA  C    sing N N 318 
PHE CA  CB   sing N N 319 
PHE CA  HA   sing N N 320 
PHE C   O    doub N N 321 
PHE C   OXT  sing N N 322 
PHE CB  CG   sing N N 323 
PHE CB  HB2  sing N N 324 
PHE CB  HB3  sing N N 325 
PHE CG  CD1  doub Y N 326 
PHE CG  CD2  sing Y N 327 
PHE CD1 CE1  sing Y N 328 
PHE CD1 HD1  sing N N 329 
PHE CD2 CE2  doub Y N 330 
PHE CD2 HD2  sing N N 331 
PHE CE1 CZ   doub Y N 332 
PHE CE1 HE1  sing N N 333 
PHE CE2 CZ   sing Y N 334 
PHE CE2 HE2  sing N N 335 
PHE CZ  HZ   sing N N 336 
PHE OXT HXT  sing N N 337 
PRO N   CA   sing N N 338 
PRO N   CD   sing N N 339 
PRO N   H    sing N N 340 
PRO CA  C    sing N N 341 
PRO CA  CB   sing N N 342 
PRO CA  HA   sing N N 343 
PRO C   O    doub N N 344 
PRO C   OXT  sing N N 345 
PRO CB  CG   sing N N 346 
PRO CB  HB2  sing N N 347 
PRO CB  HB3  sing N N 348 
PRO CG  CD   sing N N 349 
PRO CG  HG2  sing N N 350 
PRO CG  HG3  sing N N 351 
PRO CD  HD2  sing N N 352 
PRO CD  HD3  sing N N 353 
PRO OXT HXT  sing N N 354 
SER N   CA   sing N N 355 
SER N   H    sing N N 356 
SER N   H2   sing N N 357 
SER CA  C    sing N N 358 
SER CA  CB   sing N N 359 
SER CA  HA   sing N N 360 
SER C   O    doub N N 361 
SER C   OXT  sing N N 362 
SER CB  OG   sing N N 363 
SER CB  HB2  sing N N 364 
SER CB  HB3  sing N N 365 
SER OG  HG   sing N N 366 
SER OXT HXT  sing N N 367 
THR N   CA   sing N N 368 
THR N   H    sing N N 369 
THR N   H2   sing N N 370 
THR CA  C    sing N N 371 
THR CA  CB   sing N N 372 
THR CA  HA   sing N N 373 
THR C   O    doub N N 374 
THR C   OXT  sing N N 375 
THR CB  OG1  sing N N 376 
THR CB  CG2  sing N N 377 
THR CB  HB   sing N N 378 
THR OG1 HG1  sing N N 379 
THR CG2 HG21 sing N N 380 
THR CG2 HG22 sing N N 381 
THR CG2 HG23 sing N N 382 
THR OXT HXT  sing N N 383 
TRP N   CA   sing N N 384 
TRP N   H    sing N N 385 
TRP N   H2   sing N N 386 
TRP CA  C    sing N N 387 
TRP CA  CB   sing N N 388 
TRP CA  HA   sing N N 389 
TRP C   O    doub N N 390 
TRP C   OXT  sing N N 391 
TRP CB  CG   sing N N 392 
TRP CB  HB2  sing N N 393 
TRP CB  HB3  sing N N 394 
TRP CG  CD1  doub Y N 395 
TRP CG  CD2  sing Y N 396 
TRP CD1 NE1  sing Y N 397 
TRP CD1 HD1  sing N N 398 
TRP CD2 CE2  doub Y N 399 
TRP CD2 CE3  sing Y N 400 
TRP NE1 CE2  sing Y N 401 
TRP NE1 HE1  sing N N 402 
TRP CE2 CZ2  sing Y N 403 
TRP CE3 CZ3  doub Y N 404 
TRP CE3 HE3  sing N N 405 
TRP CZ2 CH2  doub Y N 406 
TRP CZ2 HZ2  sing N N 407 
TRP CZ3 CH2  sing Y N 408 
TRP CZ3 HZ3  sing N N 409 
TRP CH2 HH2  sing N N 410 
TRP OXT HXT  sing N N 411 
TYR N   CA   sing N N 412 
TYR N   H    sing N N 413 
TYR N   H2   sing N N 414 
TYR CA  C    sing N N 415 
TYR CA  CB   sing N N 416 
TYR CA  HA   sing N N 417 
TYR C   O    doub N N 418 
TYR C   OXT  sing N N 419 
TYR CB  CG   sing N N 420 
TYR CB  HB2  sing N N 421 
TYR CB  HB3  sing N N 422 
TYR CG  CD1  doub Y N 423 
TYR CG  CD2  sing Y N 424 
TYR CD1 CE1  sing Y N 425 
TYR CD1 HD1  sing N N 426 
TYR CD2 CE2  doub Y N 427 
TYR CD2 HD2  sing N N 428 
TYR CE1 CZ   doub Y N 429 
TYR CE1 HE1  sing N N 430 
TYR CE2 CZ   sing Y N 431 
TYR CE2 HE2  sing N N 432 
TYR CZ  OH   sing N N 433 
TYR OH  HH   sing N N 434 
TYR OXT HXT  sing N N 435 
VAL N   CA   sing N N 436 
VAL N   H    sing N N 437 
VAL N   H2   sing N N 438 
VAL CA  C    sing N N 439 
VAL CA  CB   sing N N 440 
VAL CA  HA   sing N N 441 
VAL C   O    doub N N 442 
VAL C   OXT  sing N N 443 
VAL CB  CG1  sing N N 444 
VAL CB  CG2  sing N N 445 
VAL CB  HB   sing N N 446 
VAL CG1 HG11 sing N N 447 
VAL CG1 HG12 sing N N 448 
VAL CG1 HG13 sing N N 449 
VAL CG2 HG21 sing N N 450 
VAL CG2 HG22 sing N N 451 
VAL CG2 HG23 sing N N 452 
VAL OXT HXT  sing N N 453 
# 
loop_
_pdbx_branch_scheme.asym_id 
_pdbx_branch_scheme.entity_id 
_pdbx_branch_scheme.mon_id 
_pdbx_branch_scheme.num 
_pdbx_branch_scheme.pdb_asym_id 
_pdbx_branch_scheme.pdb_mon_id 
_pdbx_branch_scheme.pdb_seq_num 
_pdbx_branch_scheme.auth_asym_id 
_pdbx_branch_scheme.auth_mon_id 
_pdbx_branch_scheme.auth_seq_num 
_pdbx_branch_scheme.hetero 
B 2 MAN 1 B MAN 1 L MAN 503 n 
B 2 NAG 2 B NAG 2 L NAG 502 n 
B 2 GAL 3 B GAL 3 L GAL 501 n 
# 
loop_
_pdbx_chem_comp_identifier.comp_id 
_pdbx_chem_comp_identifier.type 
_pdbx_chem_comp_identifier.program 
_pdbx_chem_comp_identifier.program_version 
_pdbx_chem_comp_identifier.identifier 
GAL 'CONDENSED IUPAC CARBOHYDRATE SYMBOL' GMML     1.0 DGalpb                         
GAL 'COMMON NAME'                         GMML     1.0 b-D-galactopyranose            
GAL 'IUPAC CARBOHYDRATE SYMBOL'           PDB-CARE 1.0 b-D-Galp                       
GAL 'SNFG CARBOHYDRATE SYMBOL'            GMML     1.0 Gal                            
MAN 'CONDENSED IUPAC CARBOHYDRATE SYMBOL' GMML     1.0 DManpa                         
MAN 'COMMON NAME'                         GMML     1.0 a-D-mannopyranose              
MAN 'IUPAC CARBOHYDRATE SYMBOL'           PDB-CARE 1.0 a-D-Manp                       
MAN 'SNFG CARBOHYDRATE SYMBOL'            GMML     1.0 Man                            
NAG 'CONDENSED IUPAC CARBOHYDRATE SYMBOL' GMML     1.0 DGlcpNAcb                      
NAG 'COMMON NAME'                         GMML     1.0 N-acetyl-b-D-glucopyranosamine 
NAG 'IUPAC CARBOHYDRATE SYMBOL'           PDB-CARE 1.0 b-D-GlcpNAc                    
NAG 'SNFG CARBOHYDRATE SYMBOL'            GMML     1.0 GlcNAc                         
# 
_pdbx_entity_branch.entity_id   2 
_pdbx_entity_branch.type        oligosaccharide 
# 
loop_
_pdbx_entity_branch_descriptor.ordinal 
_pdbx_entity_branch_descriptor.entity_id 
_pdbx_entity_branch_descriptor.descriptor 
_pdbx_entity_branch_descriptor.type 
_pdbx_entity_branch_descriptor.program 
_pdbx_entity_branch_descriptor.program_version 
1 2 DGalpb1-4DGlcpNAcb1-2DManpa1-ROH                                                            'Glycam Condensed Sequence' GMML 
1.0   
2 2 'WURCS=2.0/3,3,2/[a1122h-1a_1-5][a2122h-1b_1-5_2*NCC/3=O][a2112h-1b_1-5]/1-2-3/a2-b1_b4-c1' WURCS                       
PDB2Glycan 1.1.0 
3 2 '[][a-D-Manp]{[(2+1)][b-D-GlcpNAc]{[(4+1)][b-D-Galp]{}}}'                                   LINUCS                      
PDB-CARE   ?     
# 
loop_
_pdbx_entity_branch_link.link_id 
_pdbx_entity_branch_link.entity_id 
_pdbx_entity_branch_link.entity_branch_list_num_1 
_pdbx_entity_branch_link.comp_id_1 
_pdbx_entity_branch_link.atom_id_1 
_pdbx_entity_branch_link.leaving_atom_id_1 
_pdbx_entity_branch_link.entity_branch_list_num_2 
_pdbx_entity_branch_link.comp_id_2 
_pdbx_entity_branch_link.atom_id_2 
_pdbx_entity_branch_link.leaving_atom_id_2 
_pdbx_entity_branch_link.value_order 
_pdbx_entity_branch_link.details 
1 2 2 NAG C1 O1 1 MAN O2 HO2 sing ? 
2 2 3 GAL C1 O1 2 NAG O4 HO4 sing ? 
# 
loop_
_pdbx_entity_branch_list.entity_id 
_pdbx_entity_branch_list.comp_id 
_pdbx_entity_branch_list.num 
_pdbx_entity_branch_list.hetero 
2 MAN 1 n 
2 NAG 2 n 
2 GAL 3 n 
# 
loop_
_pdbx_entity_nonpoly.entity_id 
_pdbx_entity_nonpoly.name 
_pdbx_entity_nonpoly.comp_id 
3 'NICKEL (II) ION' NI  
4 water             HOH 
# 
_pdbx_initial_refinement_model.id               1 
_pdbx_initial_refinement_model.entity_id_list   ? 
_pdbx_initial_refinement_model.type             'experimental model' 
_pdbx_initial_refinement_model.source_name      PDB 
_pdbx_initial_refinement_model.accession_code   3KOE 
_pdbx_initial_refinement_model.details          'PDB entry 3KOE' 
# 
